data_6JC9
#
_entry.id   6JC9
#
_cell.length_a   84.039
_cell.length_b   83.879
_cell.length_c   88.410
_cell.angle_alpha   106.480
_cell.angle_beta   109.170
_cell.angle_gamma   94.980
#
_symmetry.space_group_name_H-M   'P 1'
#
loop_
_entity.id
_entity.type
_entity.pdbx_description
1 polymer CrmG
2 non-polymer "PYRIDOXAL-5'-PHOSPHATE"
3 non-polymer 'ACETIC ACID'
4 non-polymer GLYCEROL
5 non-polymer GLUTAMINE
6 water water
#
_entity_poly.entity_id   1
_entity_poly.type   'polypeptide(L)'
_entity_poly.pdbx_seq_one_letter_code
;MTHPSGEPVYADAVLNGWLTSMGLGVEYVRAEGNTVYYLDDEGREVPVLDHACGFGSLIFGHNHPEIIAHAKAALDAGTV
VHAQLSRQPRANQISRILNDIMRRETGRDDRYNAIFANSGAEANEICMKHAELERQERITALFAEIDAELDTAREALTTG
TATLDTASLPLVGGGAGDVDGVIADIHRHNDERRAERPLFLTLDGSFHGKLVGSIQLTQNEPWRTPFTALSSPARFLPAD
EPELIGKIVEDERRSVLTLSLDKDTVRVVERDFPVVAAIFVEPVRGGSGMKTVTPELAEELHRLRDTLGCPLVVDEVQTG
IGRTGAFFGSALLGIRGDYYTLAKAIGGGIVKNSVALIRQDRFLPAMEVIHSSTFAKDGLSASIALKVLEMVEADGGRVY
QRVRERGQRLEAMLESVRADHSDVVSAVWGTGLMLALELRDQSNATSQAIREKAAHGFLGYVLAGFLLREHHIRVLPAGP
RSGFLRFSPSLYITDEEIDRTETALRSLFTALRDQDGDRLVLS
;
_entity_poly.pdbx_strand_id   A,B,C,D
#
loop_
_chem_comp.id
_chem_comp.type
_chem_comp.name
_chem_comp.formula
ACY non-polymer 'ACETIC ACID' 'C2 H4 O2'
GOL non-polymer GLYCEROL 'C3 H8 O3'
PLP non-polymer PYRIDOXAL-5'-PHOSPHATE 'C8 H10 N O6 P'
#
# COMPACT_ATOMS: atom_id res chain seq x y z
N GLY A 6 -15.50 25.18 -55.40
CA GLY A 6 -14.55 26.14 -54.76
C GLY A 6 -15.24 27.18 -53.89
N GLU A 7 -16.42 26.87 -53.33
CA GLU A 7 -17.17 27.78 -52.41
C GLU A 7 -16.48 27.83 -51.05
N PRO A 8 -16.64 28.95 -50.30
CA PRO A 8 -16.10 29.07 -48.95
C PRO A 8 -16.52 27.90 -48.02
N VAL A 9 -15.55 27.36 -47.30
CA VAL A 9 -15.78 26.30 -46.28
C VAL A 9 -15.10 26.70 -44.96
N TYR A 10 -15.77 26.45 -43.83
CA TYR A 10 -15.44 27.00 -42.51
C TYR A 10 -15.11 25.90 -41.48
N ALA A 11 -15.42 24.64 -41.79
CA ALA A 11 -15.08 23.45 -40.97
C ALA A 11 -15.23 22.20 -41.83
N ASP A 12 -14.43 21.17 -41.56
CA ASP A 12 -14.75 19.76 -41.88
C ASP A 12 -14.59 19.45 -43.39
N ALA A 13 -13.93 20.30 -44.19
CA ALA A 13 -13.85 20.07 -45.64
C ALA A 13 -13.09 18.76 -45.91
N VAL A 14 -11.94 18.57 -45.27
CA VAL A 14 -11.09 17.36 -45.47
C VAL A 14 -11.79 16.16 -44.80
N LEU A 15 -12.33 16.31 -43.58
CA LEU A 15 -13.06 15.24 -42.90
C LEU A 15 -14.21 14.75 -43.79
N ASN A 16 -15.04 15.65 -44.31
CA ASN A 16 -16.24 15.31 -45.13
C ASN A 16 -15.78 14.68 -46.45
N GLY A 17 -14.77 15.27 -47.12
CA GLY A 17 -14.19 14.71 -48.34
C GLY A 17 -13.81 13.26 -48.14
N TRP A 18 -13.04 12.99 -47.09
CA TRP A 18 -12.58 11.63 -46.77
C TRP A 18 -13.77 10.72 -46.41
N LEU A 19 -14.72 11.15 -45.57
CA LEU A 19 -15.91 10.32 -45.25
C LEU A 19 -16.67 9.95 -46.53
N THR A 20 -16.82 10.91 -47.47
CA THR A 20 -17.60 10.69 -48.72
C THR A 20 -16.92 9.58 -49.53
N SER A 21 -15.60 9.59 -49.64
CA SER A 21 -14.83 8.63 -50.46
C SER A 21 -14.83 7.23 -49.82
N MET A 22 -15.05 7.11 -48.52
CA MET A 22 -15.18 5.82 -47.79
C MET A 22 -16.61 5.26 -47.91
N GLY A 23 -17.56 6.05 -48.40
CA GLY A 23 -19.00 5.70 -48.45
C GLY A 23 -19.71 5.96 -47.14
N LEU A 24 -19.18 6.89 -46.31
CA LEU A 24 -19.72 7.23 -44.96
C LEU A 24 -20.23 8.68 -44.93
N GLY A 25 -20.35 9.31 -46.09
CA GLY A 25 -20.80 10.72 -46.20
C GLY A 25 -22.31 10.80 -46.10
N VAL A 26 -22.84 10.71 -44.89
CA VAL A 26 -24.30 10.80 -44.61
C VAL A 26 -24.50 11.77 -43.43
N GLU A 27 -25.63 12.47 -43.40
CA GLU A 27 -26.04 13.32 -42.25
C GLU A 27 -27.17 12.62 -41.51
N TYR A 28 -26.97 12.27 -40.24
CA TYR A 28 -28.04 11.68 -39.41
C TYR A 28 -28.89 12.82 -38.85
N VAL A 29 -30.22 12.80 -39.06
CA VAL A 29 -31.07 13.98 -38.74
C VAL A 29 -31.86 13.71 -37.45
N ARG A 30 -31.97 12.45 -37.03
CA ARG A 30 -32.77 12.06 -35.85
C ARG A 30 -32.27 10.71 -35.36
N ALA A 31 -32.42 10.42 -34.09
CA ALA A 31 -31.93 9.15 -33.48
C ALA A 31 -32.85 8.78 -32.34
N GLU A 32 -33.18 7.50 -32.23
CA GLU A 32 -33.91 6.96 -31.07
C GLU A 32 -33.50 5.50 -30.89
N GLY A 33 -33.28 5.08 -29.65
CA GLY A 33 -32.84 3.73 -29.32
C GLY A 33 -31.60 3.37 -30.11
N ASN A 34 -31.68 2.30 -30.89
CA ASN A 34 -30.53 1.72 -31.62
C ASN A 34 -30.57 2.20 -33.06
N THR A 35 -31.40 3.19 -33.39
CA THR A 35 -31.62 3.67 -34.79
C THR A 35 -31.23 5.13 -34.95
N VAL A 36 -30.44 5.43 -35.98
CA VAL A 36 -30.20 6.80 -36.50
C VAL A 36 -30.87 6.86 -37.87
N TYR A 37 -31.38 8.02 -38.27
CA TYR A 37 -32.13 8.22 -39.54
C TYR A 37 -31.39 9.25 -40.39
N TYR A 38 -31.19 8.97 -41.67
CA TYR A 38 -30.73 9.96 -42.68
C TYR A 38 -31.85 10.17 -43.71
N LEU A 39 -31.76 11.23 -44.50
CA LEU A 39 -32.75 11.53 -45.58
C LEU A 39 -32.20 11.02 -46.92
N ASP A 40 -32.96 10.19 -47.66
CA ASP A 40 -32.66 9.79 -49.07
C ASP A 40 -32.86 10.99 -50.01
N ASP A 41 -32.63 10.82 -51.31
CA ASP A 41 -32.66 11.94 -52.31
C ASP A 41 -34.05 12.57 -52.35
N GLU A 42 -35.11 11.83 -52.01
CA GLU A 42 -36.52 12.28 -52.06
C GLU A 42 -36.95 12.88 -50.70
N GLY A 43 -36.09 12.84 -49.67
CA GLY A 43 -36.38 13.42 -48.33
C GLY A 43 -37.11 12.48 -47.37
N ARG A 44 -37.17 11.18 -47.67
CA ARG A 44 -37.72 10.15 -46.74
C ARG A 44 -36.64 9.73 -45.71
N GLU A 45 -37.05 9.51 -44.47
CA GLU A 45 -36.19 8.96 -43.39
C GLU A 45 -35.85 7.51 -43.71
N VAL A 46 -34.55 7.19 -43.70
CA VAL A 46 -34.03 5.80 -43.81
C VAL A 46 -33.51 5.37 -42.44
N PRO A 47 -34.07 4.31 -41.83
CA PRO A 47 -33.60 3.83 -40.54
C PRO A 47 -32.26 3.07 -40.71
N VAL A 48 -31.30 3.33 -39.83
CA VAL A 48 -29.96 2.67 -39.84
C VAL A 48 -29.68 2.14 -38.43
N LEU A 49 -29.30 0.87 -38.32
CA LEU A 49 -28.91 0.25 -37.03
C LEU A 49 -27.52 0.77 -36.63
N ASP A 50 -27.43 1.41 -35.46
CA ASP A 50 -26.17 2.00 -34.94
C ASP A 50 -25.44 0.97 -34.05
N HIS A 51 -24.31 0.43 -34.54
CA HIS A 51 -23.41 -0.45 -33.76
C HIS A 51 -22.27 0.37 -33.13
N ALA A 52 -22.14 1.65 -33.48
CA ALA A 52 -21.05 2.52 -32.99
C ALA A 52 -21.49 3.16 -31.66
N CYS A 53 -22.66 3.81 -31.65
CA CYS A 53 -23.34 4.31 -30.43
C CYS A 53 -22.35 5.18 -29.63
N GLY A 54 -21.83 6.22 -30.25
CA GLY A 54 -20.92 7.18 -29.60
C GLY A 54 -19.69 6.48 -29.02
N PHE A 55 -19.17 5.48 -29.74
CA PHE A 55 -18.04 4.63 -29.32
C PHE A 55 -18.32 4.03 -27.93
N GLY A 56 -19.56 3.60 -27.67
CA GLY A 56 -19.91 2.93 -26.39
C GLY A 56 -20.58 3.86 -25.38
N SER A 57 -20.81 5.13 -25.74
CA SER A 57 -21.53 6.11 -24.88
C SER A 57 -23.00 5.70 -24.66
N LEU A 58 -23.62 4.94 -25.54
CA LEU A 58 -25.11 4.80 -25.53
C LEU A 58 -25.50 3.41 -25.04
N ILE A 59 -25.17 3.09 -23.80
CA ILE A 59 -25.56 1.78 -23.22
C ILE A 59 -27.10 1.68 -23.21
N PHE A 60 -27.81 2.81 -23.10
CA PHE A 60 -29.30 2.88 -23.07
C PHE A 60 -29.83 3.41 -24.40
N GLY A 61 -28.96 3.52 -25.41
CA GLY A 61 -29.35 3.99 -26.76
C GLY A 61 -29.42 5.50 -26.86
N HIS A 62 -29.74 5.99 -28.04
CA HIS A 62 -29.89 7.43 -28.35
C HIS A 62 -31.15 7.94 -27.65
N ASN A 63 -31.06 9.09 -26.96
CA ASN A 63 -32.27 9.86 -26.59
C ASN A 63 -33.27 8.95 -25.84
N HIS A 64 -32.80 8.25 -24.83
CA HIS A 64 -33.67 7.35 -24.02
C HIS A 64 -34.75 8.20 -23.37
N PRO A 65 -36.04 7.81 -23.49
CA PRO A 65 -37.15 8.64 -22.99
C PRO A 65 -37.01 9.02 -21.51
N GLU A 66 -36.53 8.08 -20.66
CA GLU A 66 -36.31 8.35 -19.21
C GLU A 66 -35.26 9.46 -19.06
N ILE A 67 -34.17 9.41 -19.82
CA ILE A 67 -33.04 10.36 -19.70
C ILE A 67 -33.55 11.70 -20.21
N ILE A 68 -34.29 11.71 -21.31
CA ILE A 68 -34.83 12.98 -21.92
C ILE A 68 -35.81 13.63 -20.91
N ALA A 69 -36.71 12.85 -20.33
CA ALA A 69 -37.73 13.35 -19.38
C ALA A 69 -37.02 13.96 -18.17
N HIS A 70 -36.05 13.24 -17.59
CA HIS A 70 -35.24 13.70 -16.44
C HIS A 70 -34.53 15.01 -16.78
N ALA A 71 -33.90 15.11 -17.95
CA ALA A 71 -33.17 16.33 -18.37
C ALA A 71 -34.18 17.49 -18.50
N LYS A 72 -35.35 17.27 -19.09
CA LYS A 72 -36.37 18.35 -19.22
C LYS A 72 -36.88 18.79 -17.84
N ALA A 73 -37.07 17.87 -16.89
CA ALA A 73 -37.52 18.23 -15.53
C ALA A 73 -36.44 19.05 -14.83
N ALA A 74 -35.17 18.67 -14.97
CA ALA A 74 -34.04 19.39 -14.35
C ALA A 74 -33.99 20.83 -14.90
N LEU A 75 -34.21 21.01 -16.18
CA LEU A 75 -34.17 22.36 -16.82
C LEU A 75 -35.38 23.19 -16.35
N ASP A 76 -36.56 22.58 -16.25
CA ASP A 76 -37.81 23.27 -15.82
C ASP A 76 -37.75 23.64 -14.32
N ALA A 77 -37.00 22.91 -13.50
CA ALA A 77 -36.86 23.19 -12.06
C ALA A 77 -35.83 24.31 -11.82
N GLY A 78 -35.17 24.84 -12.86
CA GLY A 78 -34.13 25.87 -12.67
C GLY A 78 -32.95 25.31 -11.92
N THR A 79 -32.52 24.10 -12.25
CA THR A 79 -31.30 23.49 -11.68
C THR A 79 -30.15 24.51 -11.79
N VAL A 80 -29.36 24.62 -10.73
CA VAL A 80 -28.14 25.49 -10.75
C VAL A 80 -27.07 24.69 -11.47
N VAL A 81 -26.78 25.11 -12.70
CA VAL A 81 -25.73 24.51 -13.55
C VAL A 81 -24.39 25.07 -13.09
N HIS A 82 -24.34 26.40 -12.91
CA HIS A 82 -23.13 27.18 -12.52
C HIS A 82 -23.23 27.66 -11.07
N ALA A 83 -22.62 26.90 -10.18
CA ALA A 83 -22.64 27.12 -8.72
C ALA A 83 -21.20 26.97 -8.20
N GLN A 84 -20.22 27.48 -8.95
CA GLN A 84 -18.78 27.22 -8.65
C GLN A 84 -18.48 27.79 -7.27
N LEU A 85 -17.63 27.12 -6.50
CA LEU A 85 -17.21 27.52 -5.13
C LEU A 85 -18.44 27.75 -4.25
N SER A 86 -19.34 26.77 -4.24
CA SER A 86 -20.52 26.67 -3.34
C SER A 86 -20.71 25.18 -3.05
N ARG A 87 -21.52 24.82 -2.06
CA ARG A 87 -21.77 23.42 -1.67
C ARG A 87 -22.60 22.72 -2.77
N GLN A 88 -22.07 21.63 -3.33
CA GLN A 88 -22.75 20.81 -4.36
C GLN A 88 -22.84 19.37 -3.87
N PRO A 89 -23.82 19.03 -2.99
CA PRO A 89 -23.91 17.68 -2.42
C PRO A 89 -24.03 16.53 -3.42
N ARG A 90 -24.52 16.78 -4.63
CA ARG A 90 -24.76 15.70 -5.62
C ARG A 90 -23.42 15.04 -5.99
N ALA A 91 -22.32 15.78 -5.98
CA ALA A 91 -20.99 15.23 -6.32
C ALA A 91 -20.66 14.15 -5.29
N ASN A 92 -20.83 14.46 -4.00
CA ASN A 92 -20.62 13.49 -2.89
C ASN A 92 -21.57 12.29 -3.07
N GLN A 93 -22.81 12.54 -3.46
CA GLN A 93 -23.86 11.50 -3.60
C GLN A 93 -23.48 10.52 -4.71
N ILE A 94 -23.08 11.03 -5.87
CA ILE A 94 -22.55 10.24 -7.03
C ILE A 94 -21.32 9.44 -6.59
N SER A 95 -20.36 10.04 -5.88
CA SER A 95 -19.12 9.34 -5.47
C SER A 95 -19.48 8.19 -4.53
N ARG A 96 -20.41 8.44 -3.61
CA ARG A 96 -20.90 7.39 -2.67
C ARG A 96 -21.48 6.20 -3.46
N ILE A 97 -22.30 6.43 -4.46
CA ILE A 97 -22.94 5.34 -5.26
C ILE A 97 -21.83 4.53 -5.94
N LEU A 98 -20.87 5.19 -6.59
CA LEU A 98 -19.79 4.51 -7.33
C LEU A 98 -18.94 3.70 -6.34
N ASN A 99 -18.65 4.28 -5.18
CA ASN A 99 -17.93 3.65 -4.04
C ASN A 99 -18.65 2.36 -3.60
N ASP A 100 -19.96 2.41 -3.39
CA ASP A 100 -20.78 1.22 -2.99
C ASP A 100 -20.71 0.18 -4.10
N ILE A 101 -20.90 0.62 -5.36
CA ILE A 101 -20.88 -0.33 -6.51
C ILE A 101 -19.51 -1.00 -6.56
N MET A 102 -18.40 -0.29 -6.33
CA MET A 102 -17.09 -0.97 -6.49
C MET A 102 -16.85 -1.97 -5.35
N ARG A 103 -17.32 -1.67 -4.14
CA ARG A 103 -17.20 -2.58 -2.98
C ARG A 103 -17.94 -3.87 -3.31
N ARG A 104 -19.18 -3.73 -3.79
CA ARG A 104 -20.04 -4.88 -4.15
C ARG A 104 -19.33 -5.75 -5.19
N GLU A 105 -18.70 -5.15 -6.21
CA GLU A 105 -18.20 -5.92 -7.37
C GLU A 105 -16.80 -6.45 -7.07
N THR A 106 -16.01 -5.84 -6.19
CA THR A 106 -14.61 -6.29 -5.91
C THR A 106 -14.53 -6.99 -4.56
N GLY A 107 -15.56 -6.87 -3.72
CA GLY A 107 -15.55 -7.33 -2.32
C GLY A 107 -14.54 -6.60 -1.46
N ARG A 108 -13.82 -5.60 -1.98
CA ARG A 108 -12.86 -4.76 -1.22
C ARG A 108 -13.58 -3.57 -0.58
N ASP A 109 -13.22 -3.27 0.66
CA ASP A 109 -13.86 -2.20 1.47
C ASP A 109 -13.00 -0.94 1.36
N ASP A 110 -12.69 -0.54 0.13
CA ASP A 110 -11.83 0.62 -0.23
C ASP A 110 -12.71 1.85 -0.45
N ARG A 111 -12.17 3.03 -0.16
CA ARG A 111 -12.93 4.29 -0.32
C ARG A 111 -12.18 5.19 -1.31
N TYR A 112 -12.93 5.91 -2.14
CA TYR A 112 -12.40 6.74 -3.24
C TYR A 112 -13.00 8.15 -3.16
N ASN A 113 -12.13 9.15 -3.27
CA ASN A 113 -12.50 10.56 -3.56
C ASN A 113 -12.78 10.70 -5.05
N ALA A 114 -13.77 11.54 -5.39
CA ALA A 114 -14.20 11.88 -6.76
C ALA A 114 -13.78 13.33 -7.09
N ILE A 115 -13.11 13.48 -8.22
CA ILE A 115 -12.95 14.78 -8.91
C ILE A 115 -13.67 14.66 -10.25
N PHE A 116 -14.60 15.56 -10.55
CA PHE A 116 -15.37 15.55 -11.82
C PHE A 116 -14.67 16.35 -12.91
N ALA A 117 -14.95 16.03 -14.17
CA ALA A 117 -14.43 16.78 -15.34
C ALA A 117 -15.43 16.70 -16.49
N ASN A 118 -14.98 16.99 -17.71
CA ASN A 118 -15.87 17.28 -18.87
C ASN A 118 -15.64 16.26 -20.00
N SER A 119 -14.60 15.46 -19.90
CA SER A 119 -14.27 14.44 -20.92
C SER A 119 -13.41 13.35 -20.27
N GLY A 120 -13.31 12.19 -20.94
CA GLY A 120 -12.42 11.08 -20.55
C GLY A 120 -10.98 11.55 -20.48
N ALA A 121 -10.52 12.31 -21.47
CA ALA A 121 -9.16 12.87 -21.47
C ALA A 121 -8.96 13.70 -20.21
N GLU A 122 -9.90 14.59 -19.87
CA GLU A 122 -9.74 15.46 -18.67
C GLU A 122 -9.62 14.61 -17.40
N ALA A 123 -10.39 13.52 -17.30
CA ALA A 123 -10.40 12.63 -16.12
C ALA A 123 -9.04 11.90 -16.04
N ASN A 124 -8.56 11.38 -17.16
CA ASN A 124 -7.20 10.77 -17.25
C ASN A 124 -6.15 11.81 -16.88
N GLU A 125 -6.34 13.10 -17.18
CA GLU A 125 -5.29 14.12 -16.88
C GLU A 125 -5.34 14.53 -15.40
N ILE A 126 -6.50 14.48 -14.78
CA ILE A 126 -6.61 14.62 -13.30
C ILE A 126 -5.76 13.52 -12.64
N CYS A 127 -5.85 12.28 -13.12
CA CYS A 127 -5.05 11.13 -12.60
C CYS A 127 -3.55 11.37 -12.84
N MET A 128 -3.15 11.82 -14.03
CA MET A 128 -1.72 12.10 -14.37
C MET A 128 -1.20 13.15 -13.38
N LYS A 129 -1.98 14.19 -13.13
CA LYS A 129 -1.64 15.31 -12.22
C LYS A 129 -1.52 14.79 -10.78
N HIS A 130 -2.52 14.04 -10.31
CA HIS A 130 -2.50 13.56 -8.91
C HIS A 130 -1.34 12.56 -8.77
N ALA A 131 -1.08 11.75 -9.79
CA ALA A 131 0.06 10.80 -9.79
C ALA A 131 1.36 11.59 -9.66
N GLU A 132 1.45 12.75 -10.32
CA GLU A 132 2.66 13.60 -10.25
C GLU A 132 2.75 14.25 -8.88
N LEU A 133 1.64 14.59 -8.20
CA LEU A 133 1.70 15.07 -6.77
C LEU A 133 2.34 13.97 -5.89
N GLU A 134 1.92 12.71 -6.06
CA GLU A 134 2.47 11.57 -5.27
C GLU A 134 3.98 11.46 -5.51
N ARG A 135 4.42 11.55 -6.77
CA ARG A 135 5.84 11.42 -7.15
C ARG A 135 6.65 12.56 -6.49
N GLN A 136 6.11 13.79 -6.50
CA GLN A 136 6.78 14.96 -5.87
C GLN A 136 6.90 14.77 -4.34
N GLU A 137 5.88 14.18 -3.70
CA GLU A 137 5.96 13.79 -2.25
C GLU A 137 7.14 12.80 -2.07
N ARG A 138 7.23 11.77 -2.90
CA ARG A 138 8.30 10.73 -2.79
C ARG A 138 9.65 11.41 -3.00
N ILE A 139 9.75 12.30 -3.97
CA ILE A 139 11.00 13.05 -4.27
C ILE A 139 11.44 13.88 -3.05
N THR A 140 10.52 14.62 -2.41
CA THR A 140 10.84 15.47 -1.23
C THR A 140 11.45 14.62 -0.11
N ALA A 141 10.76 13.51 0.23
CA ALA A 141 11.18 12.53 1.26
C ALA A 141 12.60 12.02 0.97
N LEU A 142 12.82 11.57 -0.28
CA LEU A 142 14.12 11.03 -0.76
C LEU A 142 15.22 12.08 -0.61
N PHE A 143 15.00 13.30 -1.11
CA PHE A 143 16.00 14.40 -1.11
C PHE A 143 16.29 14.85 0.34
N ALA A 144 15.27 14.83 1.22
CA ALA A 144 15.43 15.13 2.67
C ALA A 144 16.37 14.10 3.32
N GLU A 145 16.22 12.83 2.99
CA GLU A 145 17.11 11.75 3.51
C GLU A 145 18.54 11.96 3.02
N ILE A 146 18.71 12.32 1.75
CA ILE A 146 20.03 12.48 1.08
C ILE A 146 20.79 13.63 1.75
N ASP A 147 20.10 14.75 2.04
CA ASP A 147 20.68 15.89 2.83
C ASP A 147 21.25 15.35 4.13
N ALA A 148 20.42 14.67 4.94
CA ALA A 148 20.80 14.03 6.22
C ALA A 148 22.00 13.09 6.03
N GLU A 149 22.00 12.26 4.97
CA GLU A 149 23.13 11.33 4.65
C GLU A 149 24.38 12.13 4.27
N LEU A 150 24.22 13.29 3.62
CA LEU A 150 25.36 14.14 3.21
C LEU A 150 25.96 14.82 4.45
N ASP A 151 25.12 15.37 5.33
CA ASP A 151 25.49 16.00 6.63
C ASP A 151 26.31 15.03 7.48
N THR A 152 25.78 13.82 7.72
CA THR A 152 26.41 12.73 8.49
C THR A 152 27.79 12.41 7.88
N ALA A 153 27.85 12.16 6.59
CA ALA A 153 29.12 11.83 5.88
C ALA A 153 30.12 13.00 6.05
N ARG A 154 29.65 14.24 5.85
CA ARG A 154 30.48 15.48 5.98
C ARG A 154 31.04 15.56 7.41
N GLU A 155 30.19 15.36 8.41
CA GLU A 155 30.56 15.29 9.84
C GLU A 155 31.75 14.33 9.99
N ALA A 156 31.62 13.11 9.48
CA ALA A 156 32.58 12.00 9.68
C ALA A 156 33.90 12.30 8.94
N LEU A 157 33.83 12.96 7.79
CA LEU A 157 35.01 13.23 6.93
C LEU A 157 35.81 14.41 7.50
N THR A 158 35.13 15.47 7.97
CA THR A 158 35.78 16.70 8.51
C THR A 158 36.29 16.41 9.94
N THR A 159 35.44 15.98 10.88
CA THR A 159 35.83 15.62 12.28
C THR A 159 37.06 14.69 12.24
N GLY A 160 37.11 13.75 11.29
CA GLY A 160 38.25 12.84 11.10
C GLY A 160 37.87 11.38 11.25
N THR A 161 36.74 11.08 11.89
CA THR A 161 36.33 9.70 12.30
C THR A 161 36.37 8.73 11.11
N ALA A 162 36.23 9.22 9.86
CA ALA A 162 36.12 8.37 8.64
C ALA A 162 36.90 8.96 7.46
N THR A 163 37.29 8.09 6.52
CA THR A 163 38.03 8.42 5.26
C THR A 163 37.11 8.19 4.05
N LEU A 164 37.24 9.05 3.03
CA LEU A 164 36.44 9.00 1.77
C LEU A 164 37.10 8.02 0.81
N ASP A 165 36.39 6.96 0.39
CA ASP A 165 36.90 5.97 -0.61
C ASP A 165 36.82 6.62 -2.00
N THR A 166 37.89 6.49 -2.79
CA THR A 166 38.12 7.23 -4.07
C THR A 166 37.88 6.31 -5.28
N ALA A 167 37.69 4.99 -5.05
CA ALA A 167 37.20 4.02 -6.06
C ALA A 167 35.74 4.33 -6.46
N SER A 168 35.03 5.14 -5.66
CA SER A 168 33.61 5.54 -5.83
C SER A 168 33.47 6.83 -6.64
N LEU A 169 34.55 7.62 -6.77
CA LEU A 169 34.57 8.98 -7.40
C LEU A 169 34.22 8.93 -8.90
N PRO A 170 34.49 7.85 -9.67
CA PRO A 170 33.93 7.73 -11.04
C PRO A 170 32.47 8.18 -11.18
N LEU A 171 31.63 8.00 -10.15
CA LEU A 171 30.20 8.41 -10.12
C LEU A 171 30.08 9.95 -10.10
N VAL A 172 31.16 10.67 -9.80
CA VAL A 172 31.27 12.15 -10.04
C VAL A 172 32.59 12.41 -10.80
N ASP A 178 38.35 15.99 -0.92
CA ASP A 178 37.64 16.66 -2.04
C ASP A 178 36.23 17.07 -1.56
N VAL A 179 36.00 17.01 -0.25
CA VAL A 179 34.67 16.92 0.43
C VAL A 179 33.66 17.85 -0.26
N ASP A 180 33.76 19.17 0.01
CA ASP A 180 32.76 20.19 -0.40
C ASP A 180 32.46 20.08 -1.91
N GLY A 181 33.49 19.85 -2.73
CA GLY A 181 33.37 19.72 -4.19
C GLY A 181 32.50 18.53 -4.58
N VAL A 182 32.76 17.37 -3.97
CA VAL A 182 32.02 16.09 -4.21
C VAL A 182 30.53 16.30 -3.86
N ILE A 183 30.23 17.03 -2.78
CA ILE A 183 28.83 17.30 -2.33
C ILE A 183 28.14 18.23 -3.36
N ALA A 184 28.76 19.35 -3.73
CA ALA A 184 28.23 20.29 -4.75
C ALA A 184 27.97 19.54 -6.05
N ASP A 185 28.85 18.59 -6.43
CA ASP A 185 28.77 17.80 -7.69
C ASP A 185 27.58 16.83 -7.62
N ILE A 186 27.27 16.34 -6.42
CA ILE A 186 26.10 15.45 -6.14
C ILE A 186 24.81 16.28 -6.18
N HIS A 187 24.82 17.48 -5.58
CA HIS A 187 23.66 18.42 -5.57
C HIS A 187 23.30 18.85 -7.01
N ARG A 188 24.30 19.00 -7.88
CA ARG A 188 24.11 19.37 -9.32
C ARG A 188 23.44 18.19 -10.04
N HIS A 189 24.07 17.01 -9.98
CA HIS A 189 23.55 15.72 -10.52
C HIS A 189 22.09 15.50 -10.13
N ASN A 190 21.79 15.62 -8.84
CA ASN A 190 20.47 15.32 -8.26
C ASN A 190 19.45 16.34 -8.76
N ASP A 191 19.84 17.62 -8.91
CA ASP A 191 18.93 18.72 -9.35
C ASP A 191 18.55 18.51 -10.82
N GLU A 192 19.52 18.13 -11.65
CA GLU A 192 19.26 17.83 -13.07
C GLU A 192 18.22 16.72 -13.14
N ARG A 193 18.47 15.62 -12.43
CA ARG A 193 17.54 14.46 -12.33
C ARG A 193 16.14 14.92 -11.87
N ARG A 194 16.07 15.74 -10.84
CA ARG A 194 14.78 16.15 -10.24
C ARG A 194 13.95 16.94 -11.26
N ALA A 195 14.58 17.66 -12.19
CA ALA A 195 13.90 18.55 -13.16
C ALA A 195 13.48 17.75 -14.41
N GLU A 196 14.01 16.55 -14.62
CA GLU A 196 13.69 15.69 -15.79
C GLU A 196 12.20 15.35 -15.78
N ARG A 197 11.62 15.15 -16.97
CA ARG A 197 10.19 14.81 -17.13
C ARG A 197 9.99 13.39 -16.61
N PRO A 198 8.86 13.07 -15.96
CA PRO A 198 8.54 11.69 -15.62
C PRO A 198 8.21 10.85 -16.87
N LEU A 199 7.97 9.58 -16.63
CA LEU A 199 7.53 8.59 -17.61
C LEU A 199 6.15 8.08 -17.17
N PHE A 200 5.31 7.70 -18.12
CA PHE A 200 4.06 6.97 -17.86
C PHE A 200 4.22 5.60 -18.51
N LEU A 201 3.68 4.54 -17.91
CA LEU A 201 3.65 3.23 -18.57
C LEU A 201 2.23 3.01 -19.07
N THR A 202 2.11 2.53 -20.30
CA THR A 202 0.83 2.11 -20.94
C THR A 202 1.07 0.77 -21.61
N LEU A 203 0.01 0.18 -22.16
CA LEU A 203 0.11 -1.03 -23.01
C LEU A 203 0.20 -0.60 -24.48
N ASP A 204 0.80 -1.43 -25.32
CA ASP A 204 0.78 -1.26 -26.80
C ASP A 204 -0.71 -1.21 -27.23
N GLY A 205 -1.05 -0.27 -28.13
CA GLY A 205 -2.42 -0.06 -28.62
C GLY A 205 -3.27 0.80 -27.69
N SER A 206 -2.71 1.24 -26.57
CA SER A 206 -3.42 2.04 -25.52
C SER A 206 -4.11 3.24 -26.18
N PHE A 207 -5.32 3.56 -25.74
CA PHE A 207 -5.99 4.84 -26.07
C PHE A 207 -6.47 5.49 -24.77
N HIS A 208 -5.91 6.66 -24.40
CA HIS A 208 -6.20 7.37 -23.12
C HIS A 208 -6.62 8.84 -23.38
N GLY A 209 -6.85 9.21 -24.65
CA GLY A 209 -7.27 10.58 -25.03
C GLY A 209 -6.25 11.28 -25.90
N LYS A 210 -6.56 12.52 -26.30
CA LYS A 210 -5.82 13.20 -27.40
C LYS A 210 -5.50 14.65 -27.04
N LEU A 211 -5.51 15.01 -25.77
CA LEU A 211 -5.04 16.36 -25.32
C LEU A 211 -3.51 16.33 -25.19
N VAL A 212 -2.88 17.44 -24.81
CA VAL A 212 -1.39 17.61 -24.87
C VAL A 212 -0.71 16.53 -24.01
N GLY A 213 -1.24 16.29 -22.80
CA GLY A 213 -0.74 15.26 -21.86
C GLY A 213 -1.14 13.85 -22.28
N SER A 214 -2.45 13.62 -22.46
CA SER A 214 -3.01 12.27 -22.70
C SER A 214 -2.57 11.72 -24.07
N ILE A 215 -2.35 12.57 -25.08
CA ILE A 215 -1.98 12.07 -26.45
C ILE A 215 -0.68 11.25 -26.35
N GLN A 216 0.26 11.65 -25.48
CA GLN A 216 1.53 10.89 -25.32
C GLN A 216 1.22 9.45 -24.85
N LEU A 217 0.06 9.23 -24.22
CA LEU A 217 -0.37 7.92 -23.63
C LEU A 217 -1.18 7.09 -24.65
N THR A 218 -1.38 7.63 -25.86
CA THR A 218 -2.15 6.99 -26.96
C THR A 218 -1.18 6.51 -28.04
N GLN A 219 -1.17 5.22 -28.35
CA GLN A 219 -0.10 4.66 -29.22
C GLN A 219 -0.28 5.13 -30.68
N ASN A 220 -1.50 5.09 -31.25
CA ASN A 220 -1.77 5.35 -32.70
C ASN A 220 -0.79 6.42 -33.22
N GLU A 221 0.20 6.06 -34.04
CA GLU A 221 1.41 6.87 -34.35
C GLU A 221 1.07 8.17 -35.09
N PRO A 222 0.18 8.19 -36.11
CA PRO A 222 -0.21 9.44 -36.78
C PRO A 222 -0.86 10.46 -35.83
N TRP A 223 -1.60 10.00 -34.81
CA TRP A 223 -2.28 10.87 -33.81
C TRP A 223 -1.27 11.49 -32.82
N ARG A 224 -0.19 10.78 -32.51
CA ARG A 224 0.72 11.11 -31.36
C ARG A 224 2.04 11.75 -31.83
N THR A 225 2.76 11.12 -32.76
CA THR A 225 4.20 11.40 -33.03
C THR A 225 4.42 12.88 -33.38
N PRO A 226 3.48 13.60 -34.04
CA PRO A 226 3.67 15.03 -34.30
C PRO A 226 3.84 15.88 -33.02
N PHE A 227 3.38 15.37 -31.86
CA PHE A 227 3.22 16.12 -30.58
C PHE A 227 4.21 15.66 -29.50
N THR A 228 5.14 14.75 -29.85
CA THR A 228 6.13 14.11 -28.95
C THR A 228 6.83 15.12 -28.03
N ALA A 229 7.28 16.25 -28.58
CA ALA A 229 8.13 17.24 -27.87
C ALA A 229 7.36 17.98 -26.76
N LEU A 230 6.03 17.95 -26.77
CA LEU A 230 5.20 18.86 -25.90
C LEU A 230 5.24 18.38 -24.44
N SER A 231 5.16 17.07 -24.21
CA SER A 231 4.72 16.50 -22.92
C SER A 231 5.46 15.17 -22.63
N SER A 232 5.43 14.75 -21.37
CA SER A 232 6.07 13.52 -20.86
C SER A 232 5.67 12.34 -21.73
N PRO A 233 6.62 11.46 -22.11
CA PRO A 233 6.29 10.29 -22.92
C PRO A 233 5.75 9.14 -22.06
N ALA A 234 5.14 8.18 -22.74
CA ALA A 234 4.80 6.82 -22.26
C ALA A 234 5.76 5.80 -22.89
N ARG A 235 6.05 4.74 -22.17
CA ARG A 235 6.63 3.50 -22.75
C ARG A 235 5.47 2.53 -22.89
N PHE A 236 5.23 2.10 -24.12
CA PHE A 236 4.15 1.17 -24.52
C PHE A 236 4.66 -0.25 -24.29
N LEU A 237 4.11 -0.89 -23.26
CA LEU A 237 4.56 -2.24 -22.85
C LEU A 237 3.87 -3.25 -23.74
N PRO A 238 4.60 -4.29 -24.21
CA PRO A 238 4.01 -5.25 -25.13
C PRO A 238 3.12 -6.20 -24.33
N ALA A 239 1.79 -6.02 -24.43
CA ALA A 239 0.75 -6.82 -23.74
C ALA A 239 0.95 -8.30 -24.04
N ASP A 240 1.36 -8.61 -25.28
CA ASP A 240 1.49 -9.99 -25.82
C ASP A 240 2.74 -10.65 -25.20
N GLU A 241 3.90 -9.99 -25.29
CA GLU A 241 5.22 -10.55 -24.85
C GLU A 241 5.59 -10.00 -23.46
N PRO A 242 4.91 -10.40 -22.37
CA PRO A 242 5.05 -9.71 -21.07
C PRO A 242 6.29 -10.07 -20.26
N GLU A 243 7.12 -11.00 -20.73
CA GLU A 243 8.42 -11.33 -20.11
C GLU A 243 9.43 -10.25 -20.51
N LEU A 244 9.08 -9.42 -21.50
CA LEU A 244 9.90 -8.30 -22.03
C LEU A 244 9.64 -7.00 -21.24
N ILE A 245 8.50 -6.90 -20.54
CA ILE A 245 8.07 -5.70 -19.77
C ILE A 245 9.08 -5.42 -18.65
N GLY A 246 9.42 -6.46 -17.86
CA GLY A 246 10.44 -6.43 -16.80
C GLY A 246 11.69 -5.69 -17.24
N LYS A 247 12.23 -6.03 -18.39
CA LYS A 247 13.52 -5.50 -18.90
C LYS A 247 13.32 -4.06 -19.41
N ILE A 248 12.21 -3.77 -20.09
CA ILE A 248 11.91 -2.39 -20.59
C ILE A 248 11.84 -1.43 -19.41
N VAL A 249 11.19 -1.81 -18.30
CA VAL A 249 10.99 -0.93 -17.11
C VAL A 249 12.35 -0.79 -16.42
N GLU A 250 13.11 -1.89 -16.33
CA GLU A 250 14.47 -1.92 -15.74
C GLU A 250 15.40 -0.96 -16.50
N ASP A 251 15.35 -0.87 -17.83
CA ASP A 251 16.16 0.11 -18.61
C ASP A 251 15.79 1.54 -18.24
N GLU A 252 14.60 1.79 -17.70
CA GLU A 252 14.15 3.17 -17.34
C GLU A 252 14.55 3.55 -15.92
N ARG A 253 15.19 2.66 -15.15
CA ARG A 253 15.78 2.99 -13.82
C ARG A 253 16.68 4.22 -13.95
N ARG A 254 16.56 5.19 -13.04
CA ARG A 254 17.48 6.34 -12.95
C ARG A 254 17.91 6.49 -11.50
N SER A 255 19.13 6.96 -11.28
CA SER A 255 19.76 7.12 -9.95
C SER A 255 19.89 8.59 -9.61
N VAL A 256 19.75 8.88 -8.33
CA VAL A 256 20.39 10.04 -7.66
C VAL A 256 21.59 9.52 -6.86
N LEU A 257 22.45 10.42 -6.42
CA LEU A 257 23.71 10.11 -5.71
C LEU A 257 23.58 10.57 -4.26
N THR A 258 24.28 9.89 -3.37
CA THR A 258 24.43 10.28 -1.94
C THR A 258 25.79 9.77 -1.43
N LEU A 259 26.13 10.11 -0.20
CA LEU A 259 27.31 9.58 0.53
C LEU A 259 26.83 8.60 1.59
N SER A 260 27.30 7.35 1.49
CA SER A 260 27.05 6.25 2.46
C SER A 260 28.22 6.14 3.44
N LEU A 261 27.98 6.41 4.73
CA LEU A 261 28.94 6.20 5.85
C LEU A 261 28.77 4.78 6.39
N ASP A 262 29.79 3.93 6.26
CA ASP A 262 29.91 2.61 6.96
C ASP A 262 30.97 2.73 8.05
N LYS A 263 30.66 3.58 9.04
CA LYS A 263 31.51 4.02 10.19
C LYS A 263 32.97 3.68 9.89
N ASP A 264 33.69 4.69 9.38
CA ASP A 264 35.17 4.79 9.15
C ASP A 264 35.42 4.97 7.66
N THR A 265 34.56 4.43 6.79
CA THR A 265 34.61 4.59 5.30
C THR A 265 33.34 5.32 4.81
N VAL A 266 33.52 6.27 3.89
CA VAL A 266 32.43 7.01 3.18
C VAL A 266 32.58 6.75 1.68
N ARG A 267 31.49 6.32 1.03
CA ARG A 267 31.45 5.99 -0.42
C ARG A 267 30.33 6.81 -1.09
N VAL A 268 30.59 7.29 -2.31
CA VAL A 268 29.53 7.80 -3.23
C VAL A 268 28.79 6.56 -3.74
N VAL A 269 27.46 6.57 -3.65
CA VAL A 269 26.61 5.44 -4.12
C VAL A 269 25.37 6.01 -4.81
N GLU A 270 24.80 5.19 -5.69
CA GLU A 270 23.50 5.44 -6.35
C GLU A 270 22.37 4.95 -5.43
N ARG A 271 21.26 5.69 -5.43
CA ARG A 271 19.93 5.28 -4.89
C ARG A 271 18.88 5.48 -5.99
N ASP A 272 17.78 4.73 -5.94
CA ASP A 272 16.71 4.78 -6.95
C ASP A 272 16.03 6.17 -6.95
N PHE A 273 15.77 6.71 -8.13
CA PHE A 273 14.95 7.94 -8.31
C PHE A 273 13.60 7.52 -8.87
N PRO A 274 12.47 8.01 -8.30
CA PRO A 274 11.15 7.73 -8.84
C PRO A 274 10.92 8.45 -10.18
N VAL A 275 11.04 7.69 -11.27
CA VAL A 275 10.92 8.18 -12.68
C VAL A 275 9.45 8.02 -13.13
N VAL A 276 8.84 6.87 -12.86
CA VAL A 276 7.49 6.54 -13.39
C VAL A 276 6.40 7.17 -12.54
N ALA A 277 5.59 8.08 -13.10
CA ALA A 277 4.50 8.79 -12.40
C ALA A 277 3.28 7.87 -12.20
N ALA A 278 2.98 7.02 -13.18
CA ALA A 278 1.76 6.18 -13.16
C ALA A 278 1.86 5.11 -14.24
N ILE A 279 1.13 4.02 -14.03
CA ILE A 279 0.81 2.98 -15.04
C ILE A 279 -0.66 3.16 -15.41
N PHE A 280 -0.98 3.20 -16.69
CA PHE A 280 -2.39 3.27 -17.18
C PHE A 280 -2.75 1.95 -17.85
N VAL A 281 -4.01 1.53 -17.72
CA VAL A 281 -4.52 0.31 -18.38
C VAL A 281 -6.01 0.46 -18.65
N GLU A 282 -6.44 -0.02 -19.82
CA GLU A 282 -7.87 -0.22 -20.18
C GLU A 282 -8.24 -1.68 -19.93
N PRO A 283 -9.29 -1.98 -19.15
CA PRO A 283 -9.73 -3.36 -19.00
C PRO A 283 -9.96 -4.06 -20.35
N VAL A 284 -10.54 -3.32 -21.31
CA VAL A 284 -10.78 -3.79 -22.71
C VAL A 284 -10.16 -2.74 -23.61
N ARG A 285 -9.21 -3.13 -24.45
CA ARG A 285 -8.26 -2.21 -25.12
C ARG A 285 -8.83 -1.75 -26.48
N GLY A 286 -9.54 -0.61 -26.51
CA GLY A 286 -10.15 0.02 -27.69
C GLY A 286 -9.22 0.12 -28.89
N GLY A 287 -8.04 0.74 -28.72
CA GLY A 287 -7.06 0.91 -29.80
C GLY A 287 -6.33 -0.38 -30.19
N SER A 288 -6.57 -1.50 -29.48
CA SER A 288 -6.00 -2.84 -29.80
C SER A 288 -7.06 -3.75 -30.46
N GLY A 289 -8.29 -3.25 -30.67
CA GLY A 289 -9.40 -4.02 -31.26
C GLY A 289 -10.24 -4.75 -30.23
N MET A 290 -10.49 -4.14 -29.06
CA MET A 290 -11.36 -4.67 -27.96
C MET A 290 -10.74 -5.92 -27.30
N LYS A 291 -9.41 -6.06 -27.26
CA LYS A 291 -8.72 -7.16 -26.53
C LYS A 291 -8.83 -6.95 -25.02
N THR A 292 -9.38 -7.94 -24.30
CA THR A 292 -9.48 -7.90 -22.81
C THR A 292 -8.09 -8.15 -22.21
N VAL A 293 -7.73 -7.47 -21.12
CA VAL A 293 -6.52 -7.75 -20.31
C VAL A 293 -6.63 -9.20 -19.78
N THR A 294 -5.60 -10.01 -20.05
CA THR A 294 -5.49 -11.42 -19.57
C THR A 294 -5.09 -11.42 -18.10
N PRO A 295 -5.39 -12.47 -17.30
CA PRO A 295 -4.90 -12.55 -15.92
C PRO A 295 -3.38 -12.37 -15.78
N GLU A 296 -2.60 -12.95 -16.70
CA GLU A 296 -1.11 -12.86 -16.73
C GLU A 296 -0.70 -11.39 -16.87
N LEU A 297 -1.36 -10.63 -17.72
CA LEU A 297 -0.99 -9.20 -17.90
C LEU A 297 -1.41 -8.39 -16.67
N ALA A 298 -2.59 -8.65 -16.11
CA ALA A 298 -3.08 -8.04 -14.85
C ALA A 298 -2.04 -8.25 -13.74
N GLU A 299 -1.56 -9.47 -13.57
CA GLU A 299 -0.59 -9.79 -12.49
C GLU A 299 0.73 -9.04 -12.74
N GLU A 300 1.13 -8.86 -14.00
CA GLU A 300 2.39 -8.11 -14.31
C GLU A 300 2.21 -6.62 -13.96
N LEU A 301 1.03 -6.05 -14.23
CA LEU A 301 0.71 -4.62 -13.92
C LEU A 301 0.71 -4.42 -12.39
N HIS A 302 0.08 -5.35 -11.66
CA HIS A 302 0.11 -5.41 -10.17
C HIS A 302 1.56 -5.43 -9.67
N ARG A 303 2.43 -6.27 -10.25
CA ARG A 303 3.87 -6.37 -9.85
C ARG A 303 4.55 -5.01 -10.05
N LEU A 304 4.32 -4.34 -11.19
CA LEU A 304 5.00 -3.07 -11.51
C LEU A 304 4.53 -1.98 -10.53
N ARG A 305 3.24 -1.95 -10.21
CA ARG A 305 2.63 -1.00 -9.24
C ARG A 305 3.28 -1.21 -7.85
N ASP A 306 3.28 -2.44 -7.36
CA ASP A 306 3.91 -2.83 -6.06
C ASP A 306 5.41 -2.48 -6.09
N THR A 307 6.10 -2.68 -7.21
CA THR A 307 7.57 -2.50 -7.31
C THR A 307 7.96 -1.04 -7.40
N LEU A 308 7.29 -0.23 -8.21
CA LEU A 308 7.68 1.18 -8.48
C LEU A 308 7.04 2.10 -7.42
N GLY A 309 5.92 1.67 -6.84
CA GLY A 309 5.19 2.46 -5.83
C GLY A 309 4.37 3.60 -6.43
N CYS A 310 4.24 3.67 -7.75
CA CYS A 310 3.36 4.65 -8.44
C CYS A 310 1.97 4.03 -8.56
N PRO A 311 0.89 4.84 -8.69
CA PRO A 311 -0.44 4.28 -8.83
C PRO A 311 -0.62 3.57 -10.19
N LEU A 312 -1.48 2.56 -10.16
CA LEU A 312 -2.09 1.92 -11.35
C LEU A 312 -3.44 2.60 -11.62
N VAL A 313 -3.55 3.30 -12.76
CA VAL A 313 -4.76 4.08 -13.17
C VAL A 313 -5.54 3.19 -14.14
N VAL A 314 -6.77 2.83 -13.78
CA VAL A 314 -7.65 1.99 -14.63
C VAL A 314 -8.58 2.93 -15.41
N ASP A 315 -8.41 2.97 -16.73
CA ASP A 315 -9.20 3.83 -17.66
C ASP A 315 -10.45 3.04 -18.05
N GLU A 316 -11.59 3.38 -17.45
CA GLU A 316 -12.90 2.72 -17.73
C GLU A 316 -13.80 3.72 -18.46
N VAL A 317 -13.19 4.72 -19.10
CA VAL A 317 -13.94 5.71 -19.91
C VAL A 317 -14.89 4.98 -20.89
N GLN A 318 -14.47 3.86 -21.47
CA GLN A 318 -15.26 3.09 -22.48
C GLN A 318 -15.88 1.84 -21.85
N THR A 319 -15.13 1.12 -20.99
CA THR A 319 -15.55 -0.18 -20.37
C THR A 319 -16.52 -0.03 -19.18
N GLY A 320 -16.70 1.16 -18.63
CA GLY A 320 -17.56 1.37 -17.44
C GLY A 320 -19.06 1.57 -17.74
N ILE A 321 -19.82 1.65 -16.65
CA ILE A 321 -21.30 1.84 -16.63
C ILE A 321 -21.91 0.65 -17.40
N GLY A 322 -21.37 -0.55 -17.18
CA GLY A 322 -22.11 -1.82 -17.37
C GLY A 322 -21.80 -2.48 -18.70
N ARG A 323 -21.01 -1.83 -19.55
CA ARG A 323 -20.70 -2.28 -20.94
C ARG A 323 -20.20 -3.74 -20.94
N THR A 324 -19.40 -4.15 -19.96
CA THR A 324 -18.74 -5.49 -19.95
C THR A 324 -19.63 -6.53 -19.27
N GLY A 325 -20.73 -6.13 -18.66
CA GLY A 325 -21.63 -7.05 -17.92
C GLY A 325 -21.43 -6.91 -16.43
N ALA A 326 -20.50 -6.03 -16.03
CA ALA A 326 -20.39 -5.47 -14.66
C ALA A 326 -20.32 -3.95 -14.79
N PHE A 327 -20.58 -3.20 -13.72
CA PHE A 327 -20.39 -1.73 -13.77
C PHE A 327 -18.93 -1.46 -14.15
N PHE A 328 -18.00 -2.03 -13.39
CA PHE A 328 -16.54 -1.87 -13.60
C PHE A 328 -15.98 -3.10 -14.34
N GLY A 329 -15.43 -2.88 -15.53
CA GLY A 329 -14.65 -3.87 -16.27
C GLY A 329 -13.47 -4.41 -15.45
N SER A 330 -12.77 -3.55 -14.72
CA SER A 330 -11.65 -3.90 -13.82
C SER A 330 -12.06 -4.95 -12.77
N ALA A 331 -13.28 -4.86 -12.25
CA ALA A 331 -13.84 -5.78 -11.22
C ALA A 331 -14.05 -7.15 -11.85
N LEU A 332 -14.58 -7.17 -13.07
CA LEU A 332 -14.84 -8.40 -13.85
C LEU A 332 -13.53 -9.11 -14.18
N LEU A 333 -12.48 -8.39 -14.54
CA LEU A 333 -11.18 -8.98 -14.98
C LEU A 333 -10.15 -9.03 -13.85
N GLY A 334 -10.48 -8.62 -12.63
CA GLY A 334 -9.54 -8.66 -11.49
C GLY A 334 -8.37 -7.70 -11.67
N ILE A 335 -8.58 -6.51 -12.23
CA ILE A 335 -7.51 -5.44 -12.23
C ILE A 335 -7.71 -4.56 -10.99
N ARG A 336 -6.72 -4.54 -10.11
CA ARG A 336 -6.80 -3.89 -8.76
C ARG A 336 -6.08 -2.54 -8.87
N GLY A 337 -6.84 -1.53 -9.29
CA GLY A 337 -6.29 -0.20 -9.57
C GLY A 337 -6.25 0.63 -8.32
N ASP A 338 -5.45 1.68 -8.34
CA ASP A 338 -5.38 2.77 -7.31
C ASP A 338 -6.37 3.88 -7.68
N TYR A 339 -6.46 4.24 -8.96
CA TYR A 339 -7.35 5.30 -9.51
C TYR A 339 -8.16 4.71 -10.65
N TYR A 340 -9.36 5.24 -10.87
CA TYR A 340 -10.29 4.76 -11.91
C TYR A 340 -10.90 5.98 -12.59
N THR A 341 -11.17 5.90 -13.88
CA THR A 341 -11.79 7.02 -14.63
C THR A 341 -13.00 6.47 -15.36
N LEU A 342 -14.04 7.29 -15.38
CA LEU A 342 -15.31 7.01 -16.08
C LEU A 342 -15.67 8.25 -16.91
N ALA A 343 -16.35 8.06 -18.03
CA ALA A 343 -16.94 9.14 -18.84
C ALA A 343 -18.11 8.63 -19.68
N LYS A 344 -17.85 8.06 -20.85
CA LYS A 344 -18.79 7.96 -22.00
C LYS A 344 -20.27 7.86 -21.50
N ALA A 345 -20.72 6.74 -20.94
CA ALA A 345 -22.18 6.50 -20.73
C ALA A 345 -22.78 7.36 -19.61
N ILE A 346 -21.96 8.02 -18.79
CA ILE A 346 -22.43 8.69 -17.54
C ILE A 346 -23.19 9.98 -17.86
N GLY A 347 -23.02 10.53 -19.06
CA GLY A 347 -23.79 11.67 -19.58
C GLY A 347 -25.13 11.27 -20.18
N GLY A 348 -25.50 10.00 -20.15
CA GLY A 348 -26.83 9.51 -20.59
C GLY A 348 -27.04 9.68 -22.08
N GLY A 349 -25.94 9.90 -22.82
CA GLY A 349 -25.94 10.14 -24.27
C GLY A 349 -26.41 11.53 -24.65
N ILE A 350 -26.54 12.45 -23.69
CA ILE A 350 -27.03 13.83 -23.98
C ILE A 350 -26.07 14.91 -23.43
N VAL A 351 -25.43 14.70 -22.28
CA VAL A 351 -24.53 15.74 -21.71
C VAL A 351 -23.13 15.14 -21.51
N LYS A 352 -22.20 15.99 -21.04
CA LYS A 352 -20.75 15.70 -21.01
C LYS A 352 -20.29 15.74 -19.56
N ASN A 353 -19.70 14.65 -19.09
CA ASN A 353 -19.36 14.45 -17.65
C ASN A 353 -18.31 13.35 -17.55
N SER A 354 -17.44 13.43 -16.55
CA SER A 354 -16.40 12.40 -16.30
C SER A 354 -15.97 12.50 -14.84
N VAL A 355 -15.27 11.48 -14.35
CA VAL A 355 -14.87 11.40 -12.93
C VAL A 355 -13.58 10.58 -12.81
N ALA A 356 -12.68 11.07 -11.97
CA ALA A 356 -11.48 10.37 -11.47
C ALA A 356 -11.82 9.93 -10.04
N LEU A 357 -11.74 8.62 -9.77
CA LEU A 357 -11.85 8.04 -8.42
C LEU A 357 -10.44 7.73 -7.93
N ILE A 358 -9.99 8.39 -6.86
CA ILE A 358 -8.59 8.25 -6.33
C ILE A 358 -8.70 7.70 -4.90
N ARG A 359 -8.02 6.58 -4.62
CA ARG A 359 -8.16 5.84 -3.32
C ARG A 359 -7.83 6.83 -2.21
N GLN A 360 -8.66 6.89 -1.17
CA GLN A 360 -8.54 7.93 -0.11
C GLN A 360 -7.23 7.82 0.66
N ASP A 361 -6.65 6.62 0.79
CA ASP A 361 -5.38 6.49 1.54
C ASP A 361 -4.21 7.07 0.72
N ARG A 362 -4.37 7.32 -0.58
CA ARG A 362 -3.32 7.99 -1.41
C ARG A 362 -3.69 9.44 -1.76
N PHE A 363 -4.93 9.86 -1.52
CA PHE A 363 -5.48 11.14 -2.05
C PHE A 363 -4.89 12.33 -1.31
N LEU A 364 -4.25 13.27 -2.02
CA LEU A 364 -3.61 14.47 -1.42
C LEU A 364 -4.62 15.62 -1.47
N PRO A 365 -5.08 16.10 -0.30
CA PRO A 365 -6.23 16.99 -0.25
C PRO A 365 -6.02 18.31 -1.01
N ALA A 366 -4.77 18.70 -1.25
CA ALA A 366 -4.39 19.89 -2.06
C ALA A 366 -5.10 19.82 -3.42
N MET A 367 -5.27 18.61 -3.96
CA MET A 367 -5.91 18.37 -5.29
C MET A 367 -7.32 18.96 -5.33
N GLU A 368 -8.06 18.96 -4.21
CA GLU A 368 -9.48 19.39 -4.12
C GLU A 368 -9.61 20.89 -4.33
N VAL A 369 -8.53 21.64 -4.09
CA VAL A 369 -8.54 23.14 -4.13
C VAL A 369 -7.56 23.65 -5.19
N ILE A 370 -6.56 22.89 -5.66
CA ILE A 370 -5.63 23.43 -6.70
C ILE A 370 -6.08 23.00 -8.10
N HIS A 371 -6.88 21.94 -8.23
CA HIS A 371 -7.49 21.55 -9.52
C HIS A 371 -8.93 22.08 -9.56
N SER A 372 -9.35 22.65 -10.69
CA SER A 372 -10.74 23.07 -10.97
C SER A 372 -10.94 23.21 -12.49
N SER A 373 -12.17 23.53 -12.89
CA SER A 373 -12.63 23.65 -14.29
C SER A 373 -13.98 24.37 -14.23
N THR A 374 -14.25 25.31 -15.14
CA THR A 374 -15.51 26.11 -15.12
C THR A 374 -16.71 25.17 -15.15
N PHE A 375 -16.73 24.22 -16.10
CA PHE A 375 -17.90 23.39 -16.42
C PHE A 375 -17.97 22.14 -15.50
N ALA A 376 -16.89 21.77 -14.83
CA ALA A 376 -16.82 20.51 -14.05
C ALA A 376 -17.84 20.56 -12.91
N LYS A 377 -18.53 19.44 -12.66
CA LYS A 377 -19.40 19.34 -11.47
C LYS A 377 -20.63 20.26 -11.64
N ASP A 378 -20.97 20.64 -12.87
CA ASP A 378 -22.18 21.39 -13.21
C ASP A 378 -23.41 20.61 -12.73
N GLY A 379 -24.47 21.33 -12.36
CA GLY A 379 -25.69 20.76 -11.77
C GLY A 379 -26.47 19.90 -12.74
N LEU A 380 -26.42 20.18 -14.05
CA LEU A 380 -27.24 19.47 -15.05
C LEU A 380 -26.66 18.08 -15.29
N SER A 381 -25.37 17.97 -15.60
CA SER A 381 -24.71 16.64 -15.77
C SER A 381 -24.73 15.86 -14.45
N ALA A 382 -24.66 16.54 -13.29
CA ALA A 382 -24.76 15.89 -11.96
C ALA A 382 -26.11 15.16 -11.84
N SER A 383 -27.22 15.84 -12.13
CA SER A 383 -28.60 15.32 -12.02
C SER A 383 -28.75 14.10 -12.93
N ILE A 384 -28.23 14.21 -14.16
CA ILE A 384 -28.33 13.16 -15.19
C ILE A 384 -27.43 11.97 -14.82
N ALA A 385 -26.22 12.20 -14.29
CA ALA A 385 -25.35 11.12 -13.72
C ALA A 385 -26.16 10.31 -12.69
N LEU A 386 -26.87 10.96 -11.77
CA LEU A 386 -27.67 10.26 -10.71
C LEU A 386 -28.80 9.45 -11.35
N LYS A 387 -29.40 9.96 -12.42
CA LYS A 387 -30.47 9.23 -13.14
C LYS A 387 -29.87 7.99 -13.80
N VAL A 388 -28.77 8.14 -14.54
CA VAL A 388 -28.06 7.01 -15.22
C VAL A 388 -27.67 5.94 -14.18
N LEU A 389 -27.14 6.31 -13.02
CA LEU A 389 -26.74 5.35 -11.96
C LEU A 389 -28.00 4.65 -11.44
N GLU A 390 -29.12 5.38 -11.31
CA GLU A 390 -30.38 4.78 -10.84
C GLU A 390 -30.80 3.73 -11.87
N MET A 391 -30.70 4.03 -13.16
CA MET A 391 -31.19 3.11 -14.22
C MET A 391 -30.30 1.86 -14.27
N VAL A 392 -28.98 2.00 -14.21
CA VAL A 392 -28.06 0.84 -14.41
C VAL A 392 -28.11 -0.07 -13.18
N GLU A 393 -28.48 0.46 -12.00
CA GLU A 393 -28.58 -0.29 -10.72
C GLU A 393 -29.98 -0.87 -10.49
N ALA A 394 -31.00 -0.47 -11.27
CA ALA A 394 -32.43 -0.79 -11.03
C ALA A 394 -32.66 -2.31 -11.03
N ASP A 395 -33.70 -2.75 -10.31
CA ASP A 395 -34.33 -4.10 -10.43
C ASP A 395 -33.27 -5.15 -10.07
N GLY A 396 -32.53 -4.92 -8.99
CA GLY A 396 -31.67 -5.93 -8.34
C GLY A 396 -30.50 -6.37 -9.21
N GLY A 397 -30.05 -5.54 -10.14
CA GLY A 397 -28.88 -5.81 -11.01
C GLY A 397 -29.28 -6.48 -12.32
N ARG A 398 -30.54 -6.39 -12.75
CA ARG A 398 -31.04 -7.06 -13.98
C ARG A 398 -30.44 -6.40 -15.22
N VAL A 399 -30.03 -5.14 -15.15
CA VAL A 399 -29.48 -4.45 -16.36
C VAL A 399 -28.13 -5.08 -16.71
N TYR A 400 -27.30 -5.42 -15.72
CA TYR A 400 -25.99 -6.11 -15.91
C TYR A 400 -26.25 -7.49 -16.52
N GLN A 401 -27.24 -8.21 -16.00
CA GLN A 401 -27.69 -9.54 -16.51
C GLN A 401 -28.13 -9.41 -17.98
N ARG A 402 -28.89 -8.37 -18.31
CA ARG A 402 -29.33 -8.11 -19.71
C ARG A 402 -28.14 -7.80 -20.62
N VAL A 403 -27.17 -6.98 -20.20
CA VAL A 403 -25.93 -6.73 -20.99
C VAL A 403 -25.22 -8.07 -21.26
N ARG A 404 -25.08 -8.90 -20.22
CA ARG A 404 -24.39 -10.21 -20.33
C ARG A 404 -25.11 -11.10 -21.36
N GLU A 405 -26.44 -11.18 -21.31
CA GLU A 405 -27.28 -12.04 -22.21
C GLU A 405 -27.26 -11.51 -23.65
N ARG A 406 -27.49 -10.20 -23.82
CA ARG A 406 -27.39 -9.53 -25.15
C ARG A 406 -25.97 -9.69 -25.71
N GLY A 407 -24.94 -9.51 -24.86
CA GLY A 407 -23.53 -9.71 -25.24
C GLY A 407 -23.27 -11.12 -25.77
N GLN A 408 -23.76 -12.14 -25.05
CA GLN A 408 -23.60 -13.58 -25.43
C GLN A 408 -24.23 -13.79 -26.80
N ARG A 409 -25.47 -13.32 -26.98
CA ARG A 409 -26.23 -13.46 -28.24
C ARG A 409 -25.41 -12.85 -29.38
N LEU A 410 -24.88 -11.64 -29.19
CA LEU A 410 -24.16 -10.88 -30.25
C LEU A 410 -22.79 -11.54 -30.51
N GLU A 411 -22.11 -11.96 -29.45
CA GLU A 411 -20.80 -12.65 -29.57
C GLU A 411 -20.97 -13.97 -30.36
N ALA A 412 -22.01 -14.75 -30.03
CA ALA A 412 -22.29 -16.07 -30.65
C ALA A 412 -22.52 -15.87 -32.16
N MET A 413 -23.29 -14.85 -32.51
CA MET A 413 -23.51 -14.49 -33.93
C MET A 413 -22.16 -14.17 -34.57
N LEU A 414 -21.29 -13.40 -33.90
CA LEU A 414 -20.02 -12.96 -34.54
C LEU A 414 -19.08 -14.18 -34.71
N GLU A 415 -19.06 -15.10 -33.74
CA GLU A 415 -18.26 -16.36 -33.83
C GLU A 415 -18.79 -17.23 -34.99
N SER A 416 -20.12 -17.36 -35.09
CA SER A 416 -20.79 -18.11 -36.17
C SER A 416 -20.43 -17.49 -37.54
N VAL A 417 -20.24 -16.18 -37.62
CA VAL A 417 -19.84 -15.52 -38.90
C VAL A 417 -18.36 -15.79 -39.14
N ARG A 418 -17.51 -15.63 -38.13
CA ARG A 418 -16.06 -15.92 -38.26
C ARG A 418 -15.82 -17.35 -38.74
N ALA A 419 -16.52 -18.33 -38.16
CA ALA A 419 -16.37 -19.78 -38.43
C ALA A 419 -16.56 -20.05 -39.93
N ASP A 420 -17.54 -19.42 -40.59
CA ASP A 420 -17.84 -19.60 -42.04
C ASP A 420 -17.03 -18.62 -42.90
N HIS A 421 -16.33 -17.65 -42.29
CA HIS A 421 -15.61 -16.59 -43.05
C HIS A 421 -14.20 -16.38 -42.47
N SER A 422 -13.56 -17.46 -42.00
CA SER A 422 -12.18 -17.48 -41.44
C SER A 422 -11.12 -17.06 -42.47
N ASP A 423 -11.47 -17.05 -43.76
CA ASP A 423 -10.54 -16.56 -44.83
C ASP A 423 -10.36 -15.05 -44.72
N VAL A 424 -11.34 -14.31 -44.18
CA VAL A 424 -11.27 -12.81 -44.10
C VAL A 424 -11.37 -12.29 -42.67
N VAL A 425 -11.85 -13.08 -41.70
CA VAL A 425 -11.96 -12.72 -40.25
C VAL A 425 -11.00 -13.59 -39.43
N SER A 426 -10.06 -13.00 -38.68
CA SER A 426 -9.04 -13.72 -37.89
C SER A 426 -9.53 -14.04 -36.47
N ALA A 427 -10.43 -13.24 -35.88
CA ALA A 427 -10.84 -13.42 -34.46
C ALA A 427 -12.04 -12.55 -34.08
N VAL A 428 -12.68 -12.97 -32.97
CA VAL A 428 -13.65 -12.17 -32.16
C VAL A 428 -12.98 -11.81 -30.84
N TRP A 429 -13.02 -10.52 -30.47
CA TRP A 429 -12.39 -9.94 -29.26
C TRP A 429 -13.48 -9.20 -28.42
N GLY A 430 -13.22 -9.08 -27.12
CA GLY A 430 -13.97 -8.18 -26.21
C GLY A 430 -14.90 -8.98 -25.33
N THR A 431 -15.79 -8.31 -24.62
CA THR A 431 -16.71 -8.99 -23.68
C THR A 431 -17.92 -8.08 -23.43
N GLY A 432 -19.00 -8.64 -22.90
CA GLY A 432 -20.27 -7.95 -22.72
C GLY A 432 -20.77 -7.40 -24.03
N LEU A 433 -21.08 -6.11 -24.08
CA LEU A 433 -21.53 -5.47 -25.34
C LEU A 433 -20.40 -4.59 -25.90
N MET A 434 -19.16 -5.02 -25.73
CA MET A 434 -17.98 -4.34 -26.31
C MET A 434 -17.16 -5.35 -27.11
N LEU A 435 -17.55 -5.58 -28.37
CA LEU A 435 -17.03 -6.67 -29.21
C LEU A 435 -16.40 -6.09 -30.48
N ALA A 436 -15.55 -6.88 -31.14
CA ALA A 436 -14.98 -6.52 -32.45
C ALA A 436 -14.61 -7.78 -33.23
N LEU A 437 -14.70 -7.70 -34.57
CA LEU A 437 -14.12 -8.69 -35.51
C LEU A 437 -12.77 -8.15 -35.93
N GLU A 438 -11.74 -9.00 -35.88
CA GLU A 438 -10.43 -8.69 -36.52
C GLU A 438 -10.50 -9.11 -38.00
N LEU A 439 -10.18 -8.21 -38.92
CA LEU A 439 -10.04 -8.46 -40.38
C LEU A 439 -8.63 -8.96 -40.68
N ARG A 440 -8.50 -10.03 -41.46
CA ARG A 440 -7.20 -10.48 -42.04
C ARG A 440 -6.65 -9.38 -42.96
N ASP A 441 -5.34 -9.22 -42.97
CA ASP A 441 -4.61 -8.27 -43.85
C ASP A 441 -5.05 -8.51 -45.30
N GLN A 442 -5.38 -7.44 -46.01
CA GLN A 442 -5.83 -7.46 -47.42
C GLN A 442 -4.87 -6.61 -48.24
N SER A 443 -3.64 -6.39 -47.75
CA SER A 443 -2.63 -5.59 -48.50
C SER A 443 -2.15 -6.31 -49.77
N ASN A 444 -2.41 -7.62 -49.90
CA ASN A 444 -2.05 -8.45 -51.08
C ASN A 444 -3.30 -8.89 -51.84
N ALA A 445 -4.41 -8.16 -51.71
CA ALA A 445 -5.72 -8.52 -52.32
C ALA A 445 -5.55 -8.47 -53.84
N THR A 446 -6.28 -9.35 -54.54
CA THR A 446 -6.21 -9.47 -56.02
C THR A 446 -6.85 -8.18 -56.58
N SER A 447 -7.99 -7.77 -56.03
CA SER A 447 -8.65 -6.49 -56.37
C SER A 447 -7.73 -5.32 -56.04
N GLN A 448 -7.43 -4.48 -57.03
CA GLN A 448 -6.50 -3.33 -56.88
C GLN A 448 -7.13 -2.26 -55.97
N ALA A 449 -8.44 -2.03 -56.07
CA ALA A 449 -9.18 -1.02 -55.27
C ALA A 449 -9.11 -1.39 -53.79
N ILE A 450 -9.39 -2.65 -53.46
CA ILE A 450 -9.32 -3.18 -52.06
C ILE A 450 -7.89 -3.03 -51.54
N ARG A 451 -6.90 -3.53 -52.29
CA ARG A 451 -5.45 -3.53 -51.96
C ARG A 451 -5.00 -2.10 -51.63
N GLU A 452 -5.36 -1.16 -52.50
CA GLU A 452 -4.96 0.27 -52.40
C GLU A 452 -5.51 0.84 -51.08
N LYS A 453 -6.79 0.60 -50.78
CA LYS A 453 -7.45 1.07 -49.53
C LYS A 453 -6.80 0.41 -48.31
N ALA A 454 -6.53 -0.90 -48.37
CA ALA A 454 -5.90 -1.66 -47.27
C ALA A 454 -4.48 -1.12 -47.01
N ALA A 455 -3.76 -0.75 -48.06
CA ALA A 455 -2.38 -0.22 -47.97
C ALA A 455 -2.37 1.14 -47.28
N HIS A 456 -3.43 1.94 -47.45
CA HIS A 456 -3.57 3.29 -46.85
C HIS A 456 -4.18 3.20 -45.42
N GLY A 457 -4.51 2.00 -44.94
CA GLY A 457 -5.15 1.76 -43.63
C GLY A 457 -6.63 2.12 -43.59
N PHE A 458 -7.36 2.06 -44.71
CA PHE A 458 -8.79 2.49 -44.82
C PHE A 458 -9.75 1.30 -45.03
N LEU A 459 -9.25 0.06 -45.01
CA LEU A 459 -10.06 -1.15 -45.27
C LEU A 459 -11.35 -1.10 -44.45
N GLY A 460 -11.24 -1.01 -43.13
CA GLY A 460 -12.38 -1.04 -42.20
C GLY A 460 -13.43 -0.01 -42.57
N TYR A 461 -13.02 1.20 -42.98
CA TYR A 461 -13.95 2.30 -43.33
C TYR A 461 -14.70 1.97 -44.61
N VAL A 462 -14.00 1.39 -45.59
CA VAL A 462 -14.58 0.97 -46.90
C VAL A 462 -15.67 -0.09 -46.63
N LEU A 463 -15.36 -1.07 -45.79
CA LEU A 463 -16.28 -2.17 -45.45
C LEU A 463 -17.48 -1.59 -44.69
N ALA A 464 -17.23 -0.61 -43.80
CA ALA A 464 -18.28 0.12 -43.06
C ALA A 464 -19.21 0.82 -44.07
N GLY A 465 -18.63 1.44 -45.09
CA GLY A 465 -19.39 2.06 -46.19
C GLY A 465 -20.32 1.04 -46.85
N PHE A 466 -19.82 -0.16 -47.13
CA PHE A 466 -20.63 -1.23 -47.76
C PHE A 466 -21.84 -1.51 -46.86
N LEU A 467 -21.58 -1.73 -45.57
CA LEU A 467 -22.63 -2.07 -44.58
C LEU A 467 -23.69 -0.96 -44.55
N LEU A 468 -23.30 0.30 -44.69
CA LEU A 468 -24.25 1.44 -44.64
C LEU A 468 -25.18 1.40 -45.88
N ARG A 469 -24.59 1.49 -47.08
CA ARG A 469 -25.33 1.72 -48.34
C ARG A 469 -26.09 0.45 -48.75
N GLU A 470 -25.58 -0.74 -48.45
CA GLU A 470 -26.23 -2.00 -48.90
C GLU A 470 -27.10 -2.62 -47.80
N HIS A 471 -26.84 -2.37 -46.52
CA HIS A 471 -27.61 -3.05 -45.45
C HIS A 471 -28.16 -2.08 -44.40
N HIS A 472 -27.91 -0.76 -44.54
CA HIS A 472 -28.44 0.24 -43.58
C HIS A 472 -27.97 -0.11 -42.16
N ILE A 473 -26.68 -0.39 -42.02
CA ILE A 473 -26.05 -0.70 -40.71
C ILE A 473 -24.83 0.21 -40.57
N ARG A 474 -24.82 0.96 -39.46
CA ARG A 474 -23.73 1.86 -39.05
C ARG A 474 -22.75 1.04 -38.19
N VAL A 475 -21.57 0.76 -38.75
CA VAL A 475 -20.43 0.18 -37.99
C VAL A 475 -19.26 1.15 -38.20
N LEU A 476 -18.42 1.35 -37.17
CA LEU A 476 -17.15 2.09 -37.36
C LEU A 476 -16.01 1.15 -37.04
N PRO A 477 -14.86 1.34 -37.69
CA PRO A 477 -13.71 0.51 -37.43
C PRO A 477 -12.97 0.96 -36.16
N ALA A 478 -12.07 0.13 -35.67
CA ALA A 478 -11.10 0.43 -34.60
C ALA A 478 -9.72 -0.05 -35.04
N GLY A 479 -8.71 0.16 -34.19
CA GLY A 479 -7.35 -0.36 -34.39
C GLY A 479 -6.59 0.59 -35.30
N PRO A 480 -5.23 0.54 -35.29
CA PRO A 480 -4.40 1.57 -35.92
C PRO A 480 -4.40 1.58 -37.46
N ARG A 481 -4.89 0.50 -38.10
CA ARG A 481 -4.98 0.41 -39.58
C ARG A 481 -6.42 0.09 -39.97
N SER A 482 -7.39 0.49 -39.14
CA SER A 482 -8.83 0.20 -39.31
C SER A 482 -9.00 -1.28 -39.68
N GLY A 483 -8.25 -2.14 -38.99
CA GLY A 483 -8.25 -3.60 -39.15
C GLY A 483 -9.26 -4.32 -38.27
N PHE A 484 -10.12 -3.60 -37.54
CA PHE A 484 -11.19 -4.21 -36.69
C PHE A 484 -12.52 -3.51 -36.95
N LEU A 485 -13.63 -4.26 -36.87
CA LEU A 485 -15.00 -3.69 -36.92
C LEU A 485 -15.56 -3.77 -35.51
N ARG A 486 -16.02 -2.63 -34.99
CA ARG A 486 -16.54 -2.50 -33.60
C ARG A 486 -18.03 -2.85 -33.61
N PHE A 487 -18.50 -3.53 -32.57
CA PHE A 487 -19.94 -3.74 -32.27
C PHE A 487 -20.15 -3.39 -30.80
N SER A 488 -20.72 -2.21 -30.52
CA SER A 488 -21.00 -1.73 -29.14
C SER A 488 -22.38 -1.08 -29.09
N PRO A 489 -23.45 -1.83 -29.40
CA PRO A 489 -24.81 -1.30 -29.40
C PRO A 489 -25.38 -1.14 -27.99
N SER A 490 -26.57 -0.58 -27.88
CA SER A 490 -27.34 -0.50 -26.62
C SER A 490 -27.74 -1.91 -26.19
N LEU A 491 -28.03 -2.06 -24.90
CA LEU A 491 -28.58 -3.30 -24.31
C LEU A 491 -30.00 -3.58 -24.85
N TYR A 492 -30.63 -2.68 -25.61
CA TYR A 492 -31.97 -2.90 -26.22
C TYR A 492 -31.87 -3.52 -27.62
N ILE A 493 -30.67 -3.79 -28.13
CA ILE A 493 -30.48 -4.49 -29.44
C ILE A 493 -31.36 -5.76 -29.44
N THR A 494 -32.22 -5.89 -30.44
CA THR A 494 -33.22 -6.99 -30.57
C THR A 494 -32.58 -8.16 -31.32
N ASP A 495 -33.17 -9.35 -31.17
CA ASP A 495 -32.82 -10.60 -31.90
C ASP A 495 -32.88 -10.34 -33.41
N GLU A 496 -33.91 -9.63 -33.86
CA GLU A 496 -34.14 -9.30 -35.28
C GLU A 496 -32.97 -8.43 -35.79
N GLU A 497 -32.48 -7.50 -34.98
CA GLU A 497 -31.36 -6.57 -35.35
C GLU A 497 -30.04 -7.35 -35.37
N ILE A 498 -29.87 -8.34 -34.49
CA ILE A 498 -28.68 -9.22 -34.51
C ILE A 498 -28.71 -10.06 -35.80
N ASP A 499 -29.88 -10.62 -36.14
CA ASP A 499 -30.09 -11.42 -37.39
C ASP A 499 -29.75 -10.54 -38.61
N ARG A 500 -30.29 -9.32 -38.69
CA ARG A 500 -30.03 -8.40 -39.83
C ARG A 500 -28.51 -8.11 -39.92
N THR A 501 -27.81 -8.06 -38.80
CA THR A 501 -26.36 -7.78 -38.73
C THR A 501 -25.61 -9.00 -39.27
N GLU A 502 -26.01 -10.21 -38.87
CA GLU A 502 -25.47 -11.49 -39.40
C GLU A 502 -25.59 -11.50 -40.93
N THR A 503 -26.79 -11.26 -41.47
CA THR A 503 -27.05 -11.22 -42.94
C THR A 503 -26.06 -10.25 -43.60
N ALA A 504 -25.96 -9.04 -43.04
CA ALA A 504 -25.12 -7.93 -43.57
C ALA A 504 -23.66 -8.36 -43.62
N LEU A 505 -23.18 -9.05 -42.58
CA LEU A 505 -21.76 -9.47 -42.42
C LEU A 505 -21.44 -10.63 -43.38
N ARG A 506 -22.30 -11.66 -43.41
CA ARG A 506 -22.20 -12.78 -44.41
C ARG A 506 -22.11 -12.16 -45.80
N SER A 507 -22.97 -11.20 -46.12
CA SER A 507 -22.96 -10.50 -47.42
C SER A 507 -21.60 -9.82 -47.62
N LEU A 508 -21.12 -9.03 -46.64
CA LEU A 508 -19.86 -8.24 -46.77
C LEU A 508 -18.68 -9.21 -46.96
N PHE A 509 -18.59 -10.25 -46.14
CA PHE A 509 -17.41 -11.15 -46.14
C PHE A 509 -17.43 -12.07 -47.36
N THR A 510 -18.61 -12.28 -47.97
CA THR A 510 -18.75 -13.02 -49.25
C THR A 510 -18.21 -12.15 -50.38
N ALA A 511 -18.57 -10.86 -50.41
CA ALA A 511 -18.04 -9.89 -51.39
C ALA A 511 -16.53 -9.74 -51.23
N LEU A 512 -16.01 -9.77 -50.00
CA LEU A 512 -14.55 -9.58 -49.75
C LEU A 512 -13.80 -10.84 -50.22
N ARG A 513 -14.28 -12.03 -49.86
CA ARG A 513 -13.81 -13.35 -50.39
C ARG A 513 -13.71 -13.30 -51.92
N ASP A 514 -14.78 -12.85 -52.60
CA ASP A 514 -14.89 -12.75 -54.09
C ASP A 514 -14.09 -11.57 -54.64
N GLN A 515 -13.42 -10.80 -53.78
CA GLN A 515 -12.54 -9.68 -54.21
C GLN A 515 -13.29 -8.74 -55.16
N ASP A 516 -14.55 -8.45 -54.84
CA ASP A 516 -15.45 -7.57 -55.64
C ASP A 516 -15.19 -6.10 -55.30
N GLY A 517 -14.03 -5.58 -55.70
CA GLY A 517 -13.62 -4.17 -55.50
C GLY A 517 -14.63 -3.17 -56.05
N ASP A 518 -15.33 -3.51 -57.14
CA ASP A 518 -16.31 -2.57 -57.76
C ASP A 518 -17.48 -2.36 -56.80
N ARG A 519 -17.84 -3.40 -56.05
CA ARG A 519 -19.02 -3.38 -55.16
C ARG A 519 -18.66 -2.76 -53.81
N LEU A 520 -17.40 -2.90 -53.36
CA LEU A 520 -16.92 -2.53 -52.01
C LEU A 520 -16.39 -1.09 -52.01
N VAL A 521 -15.60 -0.72 -53.01
CA VAL A 521 -14.90 0.59 -53.09
C VAL A 521 -15.62 1.45 -54.14
N LEU A 522 -15.90 2.71 -53.80
CA LEU A 522 -16.31 3.76 -54.75
C LEU A 522 -15.01 4.42 -55.21
N GLY B 6 -16.16 12.54 11.38
CA GLY B 6 -15.94 11.09 11.57
C GLY B 6 -16.61 10.25 10.50
N GLU B 7 -17.72 10.72 9.91
CA GLU B 7 -18.55 9.89 8.99
C GLU B 7 -17.89 9.81 7.62
N PRO B 8 -18.14 8.71 6.87
CA PRO B 8 -17.67 8.59 5.48
C PRO B 8 -18.02 9.81 4.60
N VAL B 9 -17.04 10.29 3.86
CA VAL B 9 -17.17 11.37 2.86
C VAL B 9 -16.46 10.93 1.56
N TYR B 10 -17.05 11.23 0.40
CA TYR B 10 -16.68 10.64 -0.91
C TYR B 10 -16.20 11.71 -1.91
N ALA B 11 -16.44 12.99 -1.61
CA ALA B 11 -15.97 14.15 -2.40
C ALA B 11 -16.05 15.40 -1.53
N ASP B 12 -15.16 16.35 -1.76
CA ASP B 12 -15.37 17.79 -1.43
C ASP B 12 -15.25 18.07 0.08
N ALA B 13 -14.73 17.17 0.89
CA ALA B 13 -14.60 17.39 2.36
C ALA B 13 -13.73 18.63 2.61
N VAL B 14 -12.56 18.72 1.96
CA VAL B 14 -11.61 19.84 2.17
C VAL B 14 -12.19 21.10 1.50
N LEU B 15 -12.74 20.99 0.27
CA LEU B 15 -13.37 22.13 -0.42
C LEU B 15 -14.47 22.73 0.46
N ASN B 16 -15.38 21.90 0.97
CA ASN B 16 -16.55 22.35 1.78
C ASN B 16 -16.04 22.94 3.11
N GLY B 17 -15.10 22.27 3.79
CA GLY B 17 -14.49 22.78 5.03
C GLY B 17 -13.97 24.19 4.82
N TRP B 18 -13.17 24.38 3.78
CA TRP B 18 -12.58 25.71 3.48
C TRP B 18 -13.69 26.72 3.10
N LEU B 19 -14.66 26.37 2.25
CA LEU B 19 -15.78 27.29 1.90
C LEU B 19 -16.52 27.71 3.19
N THR B 20 -16.76 26.78 4.11
CA THR B 20 -17.54 27.06 5.36
C THR B 20 -16.79 28.12 6.18
N SER B 21 -15.47 27.99 6.31
CA SER B 21 -14.65 28.89 7.15
C SER B 21 -14.52 30.29 6.51
N MET B 22 -14.70 30.41 5.19
CA MET B 22 -14.70 31.71 4.47
C MET B 22 -16.09 32.38 4.53
N GLY B 23 -17.10 31.68 5.02
CA GLY B 23 -18.51 32.16 5.06
C GLY B 23 -19.24 31.93 3.74
N LEU B 24 -18.79 30.96 2.94
CA LEU B 24 -19.32 30.67 1.57
C LEU B 24 -19.95 29.27 1.54
N GLY B 25 -20.15 28.64 2.69
CA GLY B 25 -20.74 27.29 2.79
C GLY B 25 -22.25 27.35 2.65
N VAL B 26 -22.77 27.50 1.44
CA VAL B 26 -24.24 27.52 1.16
C VAL B 26 -24.52 26.58 -0.02
N GLU B 27 -25.71 25.99 -0.09
CA GLU B 27 -26.17 25.18 -1.26
C GLU B 27 -27.21 25.98 -2.05
N TYR B 28 -26.94 26.29 -3.32
CA TYR B 28 -27.91 26.99 -4.20
C TYR B 28 -28.85 25.92 -4.76
N VAL B 29 -30.17 26.06 -4.61
CA VAL B 29 -31.13 24.98 -4.97
C VAL B 29 -31.82 25.32 -6.30
N ARG B 30 -31.81 26.59 -6.70
CA ARG B 30 -32.56 27.08 -7.87
C ARG B 30 -31.90 28.36 -8.36
N ALA B 31 -32.01 28.66 -9.64
CA ALA B 31 -31.39 29.87 -10.25
C ALA B 31 -32.26 30.34 -11.40
N GLU B 32 -32.47 31.64 -11.48
CA GLU B 32 -33.09 32.25 -12.69
C GLU B 32 -32.54 33.65 -12.84
N GLY B 33 -32.26 34.05 -14.09
CA GLY B 33 -31.67 35.35 -14.40
C GLY B 33 -30.41 35.58 -13.58
N ASN B 34 -30.41 36.63 -12.78
CA ASN B 34 -29.22 37.11 -12.04
C ASN B 34 -29.33 36.63 -10.59
N THR B 35 -30.26 35.72 -10.28
CA THR B 35 -30.54 35.29 -8.89
C THR B 35 -30.30 33.79 -8.71
N VAL B 36 -29.58 33.43 -7.66
CA VAL B 36 -29.50 32.04 -7.14
C VAL B 36 -30.22 32.05 -5.79
N TYR B 37 -30.87 30.95 -5.43
CA TYR B 37 -31.68 30.81 -4.20
C TYR B 37 -31.04 29.70 -3.33
N TYR B 38 -30.89 29.96 -2.04
CA TYR B 38 -30.58 28.92 -1.02
C TYR B 38 -31.79 28.80 -0.07
N LEU B 39 -31.87 27.73 0.70
CA LEU B 39 -32.96 27.52 1.70
C LEU B 39 -32.46 27.97 3.08
N ASP B 40 -33.21 28.86 3.76
CA ASP B 40 -32.98 29.23 5.19
C ASP B 40 -33.35 28.04 6.09
N ASP B 41 -33.17 28.17 7.40
CA ASP B 41 -33.36 27.05 8.38
C ASP B 41 -34.81 26.56 8.34
N GLU B 42 -35.75 27.42 7.97
CA GLU B 42 -37.22 27.13 7.95
C GLU B 42 -37.64 26.59 6.57
N GLY B 43 -36.74 26.53 5.58
CA GLY B 43 -37.00 25.95 4.24
C GLY B 43 -37.53 26.95 3.22
N ARG B 44 -37.49 28.25 3.49
CA ARG B 44 -37.88 29.32 2.53
C ARG B 44 -36.69 29.62 1.59
N GLU B 45 -36.97 29.88 0.31
CA GLU B 45 -35.98 30.35 -0.68
C GLU B 45 -35.54 31.76 -0.35
N VAL B 46 -34.23 31.98 -0.23
CA VAL B 46 -33.60 33.32 -0.04
C VAL B 46 -32.93 33.73 -1.36
N PRO B 47 -33.34 34.85 -1.98
CA PRO B 47 -32.72 35.30 -3.22
C PRO B 47 -31.33 35.89 -2.95
N VAL B 48 -30.36 35.55 -3.79
CA VAL B 48 -28.97 36.09 -3.75
C VAL B 48 -28.62 36.60 -5.15
N LEU B 49 -28.13 37.84 -5.24
CA LEU B 49 -27.67 38.43 -6.53
C LEU B 49 -26.32 37.81 -6.92
N ASP B 50 -26.24 37.17 -8.09
CA ASP B 50 -25.03 36.46 -8.59
C ASP B 50 -24.21 37.43 -9.46
N HIS B 51 -23.06 37.86 -8.95
CA HIS B 51 -22.06 38.66 -9.70
C HIS B 51 -20.98 37.76 -10.29
N ALA B 52 -20.97 36.47 -9.94
CA ALA B 52 -19.94 35.50 -10.40
C ALA B 52 -20.42 34.91 -11.74
N CYS B 53 -21.65 34.38 -11.79
CA CYS B 53 -22.34 33.95 -13.04
C CYS B 53 -21.41 33.00 -13.81
N GLY B 54 -21.01 31.90 -13.18
CA GLY B 54 -20.16 30.87 -13.80
C GLY B 54 -18.87 31.45 -14.35
N PHE B 55 -18.27 32.39 -13.61
CA PHE B 55 -17.04 33.11 -14.01
C PHE B 55 -17.22 33.73 -15.40
N GLY B 56 -18.41 34.30 -15.68
CA GLY B 56 -18.66 35.01 -16.95
C GLY B 56 -19.36 34.14 -17.99
N SER B 57 -19.74 32.91 -17.65
CA SER B 57 -20.50 32.00 -18.54
C SER B 57 -21.90 32.55 -18.82
N LEU B 58 -22.49 33.36 -17.95
CA LEU B 58 -23.97 33.62 -18.00
C LEU B 58 -24.25 35.04 -18.50
N ILE B 59 -23.83 35.36 -19.72
CA ILE B 59 -24.09 36.70 -20.30
C ILE B 59 -25.61 36.92 -20.35
N PHE B 60 -26.42 35.86 -20.47
CA PHE B 60 -27.90 35.90 -20.56
C PHE B 60 -28.52 35.41 -19.24
N GLY B 61 -27.69 35.19 -18.22
CA GLY B 61 -28.15 34.77 -16.88
C GLY B 61 -28.36 33.28 -16.78
N HIS B 62 -28.77 32.82 -15.60
CA HIS B 62 -29.09 31.42 -15.30
C HIS B 62 -30.37 31.06 -16.05
N ASN B 63 -30.38 29.91 -16.71
CA ASN B 63 -31.63 29.25 -17.14
C ASN B 63 -32.48 30.24 -17.93
N HIS B 64 -31.90 30.89 -18.93
CA HIS B 64 -32.64 31.85 -19.78
C HIS B 64 -33.76 31.08 -20.48
N PRO B 65 -35.02 31.57 -20.45
CA PRO B 65 -36.16 30.83 -21.01
C PRO B 65 -35.97 30.46 -22.49
N GLU B 66 -35.36 31.34 -23.29
CA GLU B 66 -35.06 31.06 -24.73
C GLU B 66 -34.11 29.87 -24.83
N ILE B 67 -33.07 29.85 -24.01
CA ILE B 67 -32.06 28.74 -24.06
C ILE B 67 -32.72 27.46 -23.55
N ILE B 68 -33.51 27.53 -22.49
CA ILE B 68 -34.20 26.35 -21.92
C ILE B 68 -35.18 25.78 -22.94
N ALA B 69 -35.98 26.63 -23.58
CA ALA B 69 -37.00 26.22 -24.57
C ALA B 69 -36.29 25.54 -25.74
N HIS B 70 -35.26 26.17 -26.30
CA HIS B 70 -34.44 25.62 -27.41
C HIS B 70 -33.85 24.25 -27.02
N ALA B 71 -33.30 24.10 -25.83
CA ALA B 71 -32.71 22.83 -25.38
C ALA B 71 -33.81 21.77 -25.29
N LYS B 72 -34.98 22.10 -24.74
CA LYS B 72 -36.10 21.11 -24.66
C LYS B 72 -36.59 20.74 -26.05
N ALA B 73 -36.67 21.67 -27.00
CA ALA B 73 -37.10 21.37 -28.39
C ALA B 73 -36.09 20.43 -29.05
N ALA B 74 -34.79 20.68 -28.85
CA ALA B 74 -33.74 19.84 -29.46
C ALA B 74 -33.84 18.41 -28.92
N LEU B 75 -34.14 18.25 -27.64
CA LEU B 75 -34.27 16.90 -27.02
C LEU B 75 -35.54 16.21 -27.52
N ASP B 76 -36.65 16.93 -27.66
CA ASP B 76 -37.94 16.41 -28.16
C ASP B 76 -37.85 16.02 -29.63
N ALA B 77 -37.00 16.66 -30.43
CA ALA B 77 -36.85 16.36 -31.86
C ALA B 77 -35.92 15.16 -32.07
N GLY B 78 -35.37 14.56 -31.02
CA GLY B 78 -34.43 13.43 -31.12
C GLY B 78 -33.17 13.86 -31.85
N THR B 79 -32.63 15.02 -31.50
CA THR B 79 -31.34 15.51 -32.05
C THR B 79 -30.31 14.39 -31.90
N VAL B 80 -29.49 14.18 -32.92
CA VAL B 80 -28.37 13.20 -32.85
C VAL B 80 -27.24 13.90 -32.11
N VAL B 81 -27.04 13.48 -30.85
CA VAL B 81 -25.94 13.97 -29.98
C VAL B 81 -24.65 13.28 -30.42
N HIS B 82 -24.72 11.96 -30.59
CA HIS B 82 -23.57 11.07 -30.97
C HIS B 82 -23.69 10.59 -32.42
N ALA B 83 -23.02 11.27 -33.31
CA ALA B 83 -23.04 11.06 -34.77
C ALA B 83 -21.57 11.12 -35.26
N GLN B 84 -20.66 10.51 -34.52
CA GLN B 84 -19.20 10.64 -34.79
C GLN B 84 -18.93 10.05 -36.17
N LEU B 85 -17.98 10.63 -36.89
CA LEU B 85 -17.56 10.22 -38.27
C LEU B 85 -18.78 10.13 -39.18
N SER B 86 -19.57 11.20 -39.20
CA SER B 86 -20.74 11.38 -40.10
C SER B 86 -20.79 12.87 -40.41
N ARG B 87 -21.61 13.29 -41.37
CA ARG B 87 -21.72 14.71 -41.78
C ARG B 87 -22.49 15.45 -40.70
N GLN B 88 -21.87 16.47 -40.10
CA GLN B 88 -22.50 17.37 -39.09
C GLN B 88 -22.39 18.80 -39.60
N PRO B 89 -23.30 19.24 -40.50
CA PRO B 89 -23.25 20.59 -41.08
C PRO B 89 -23.24 21.76 -40.07
N ARG B 90 -23.78 21.55 -38.88
CA ARG B 90 -23.91 22.65 -37.88
C ARG B 90 -22.53 23.17 -37.51
N ALA B 91 -21.50 22.33 -37.52
CA ALA B 91 -20.12 22.76 -37.17
C ALA B 91 -19.71 23.85 -38.18
N ASN B 92 -19.88 23.56 -39.47
CA ASN B 92 -19.58 24.52 -40.57
C ASN B 92 -20.44 25.78 -40.40
N GLN B 93 -21.70 25.64 -40.00
CA GLN B 93 -22.67 26.75 -39.91
C GLN B 93 -22.25 27.70 -38.77
N ILE B 94 -21.87 27.15 -37.61
CA ILE B 94 -21.35 27.91 -36.44
C ILE B 94 -20.07 28.63 -36.88
N SER B 95 -19.15 27.95 -37.55
CA SER B 95 -17.85 28.58 -37.95
C SER B 95 -18.15 29.75 -38.91
N ARG B 96 -19.06 29.56 -39.85
CA ARG B 96 -19.48 30.64 -40.80
C ARG B 96 -19.95 31.89 -40.03
N ILE B 97 -20.79 31.71 -39.01
CA ILE B 97 -21.33 32.86 -38.24
C ILE B 97 -20.16 33.60 -37.55
N LEU B 98 -19.28 32.85 -36.90
CA LEU B 98 -18.15 33.45 -36.14
C LEU B 98 -17.21 34.15 -37.12
N ASN B 99 -16.97 33.56 -38.28
CA ASN B 99 -16.18 34.12 -39.40
C ASN B 99 -16.77 35.47 -39.84
N ASP B 100 -18.09 35.54 -40.07
CA ASP B 100 -18.77 36.79 -40.47
C ASP B 100 -18.62 37.81 -39.36
N ILE B 101 -18.87 37.40 -38.11
CA ILE B 101 -18.79 38.32 -36.94
C ILE B 101 -17.38 38.89 -36.87
N MET B 102 -16.34 38.09 -37.07
CA MET B 102 -14.98 38.67 -36.89
C MET B 102 -14.64 39.63 -38.03
N ARG B 103 -15.09 39.37 -39.25
CA ARG B 103 -14.87 40.28 -40.40
C ARG B 103 -15.51 41.63 -40.09
N ARG B 104 -16.77 41.59 -39.65
CA ARG B 104 -17.53 42.80 -39.31
C ARG B 104 -16.77 43.61 -38.24
N GLU B 105 -16.22 42.95 -37.21
CA GLU B 105 -15.69 43.67 -36.01
C GLU B 105 -14.25 44.08 -36.27
N THR B 106 -13.48 43.40 -37.14
CA THR B 106 -12.05 43.73 -37.37
C THR B 106 -11.85 44.42 -38.72
N GLY B 107 -12.86 44.39 -39.60
CA GLY B 107 -12.75 44.85 -40.99
C GLY B 107 -11.78 44.01 -41.81
N ARG B 108 -11.21 42.93 -41.27
CA ARG B 108 -10.32 42.00 -42.02
C ARG B 108 -11.13 40.87 -42.67
N ASP B 109 -10.85 40.56 -43.93
CA ASP B 109 -11.58 39.52 -44.70
C ASP B 109 -10.72 38.27 -44.66
N ASP B 110 -10.48 37.79 -43.45
CA ASP B 110 -9.74 36.55 -43.09
C ASP B 110 -10.75 35.41 -42.94
N ARG B 111 -10.32 34.18 -43.18
CA ARG B 111 -11.19 33.00 -43.00
C ARG B 111 -10.55 32.07 -41.96
N TYR B 112 -11.38 31.42 -41.16
CA TYR B 112 -10.96 30.55 -40.03
C TYR B 112 -11.66 29.19 -40.13
N ASN B 113 -10.88 28.13 -39.99
CA ASN B 113 -11.37 26.75 -39.69
C ASN B 113 -11.70 26.64 -38.21
N ALA B 114 -12.76 25.89 -37.89
CA ALA B 114 -13.24 25.60 -36.52
C ALA B 114 -12.95 24.13 -36.16
N ILE B 115 -12.36 23.91 -34.99
CA ILE B 115 -12.28 22.60 -34.32
C ILE B 115 -13.00 22.76 -32.99
N PHE B 116 -13.98 21.90 -32.70
CA PHE B 116 -14.79 22.00 -31.45
C PHE B 116 -14.16 21.13 -30.36
N ALA B 117 -14.42 21.49 -29.10
CA ALA B 117 -14.03 20.68 -27.95
C ALA B 117 -15.06 20.86 -26.83
N ASN B 118 -14.67 20.52 -25.59
CA ASN B 118 -15.61 20.32 -24.45
C ASN B 118 -15.32 21.32 -23.32
N SER B 119 -14.21 22.03 -23.37
CA SER B 119 -13.82 23.02 -22.35
C SER B 119 -12.87 24.04 -22.96
N GLY B 120 -12.69 25.17 -22.27
CA GLY B 120 -11.72 26.24 -22.64
C GLY B 120 -10.31 25.68 -22.70
N ALA B 121 -9.94 24.87 -21.71
CA ALA B 121 -8.64 24.19 -21.68
C ALA B 121 -8.48 23.35 -22.94
N GLU B 122 -9.46 22.53 -23.29
CA GLU B 122 -9.34 21.64 -24.49
C GLU B 122 -9.15 22.49 -25.76
N ALA B 123 -9.83 23.63 -25.88
CA ALA B 123 -9.72 24.52 -27.06
C ALA B 123 -8.32 25.14 -27.10
N ASN B 124 -7.83 25.64 -25.97
CA ASN B 124 -6.43 26.13 -25.84
C ASN B 124 -5.45 25.00 -26.20
N GLU B 125 -5.76 23.73 -25.91
CA GLU B 125 -4.80 22.61 -26.18
C GLU B 125 -4.83 22.21 -27.66
N ILE B 126 -5.98 22.34 -28.31
CA ILE B 126 -6.07 22.23 -29.79
C ILE B 126 -5.10 23.26 -30.42
N CYS B 127 -5.09 24.50 -29.94
CA CYS B 127 -4.20 25.57 -30.45
C CYS B 127 -2.73 25.21 -30.18
N MET B 128 -2.39 24.73 -28.98
CA MET B 128 -1.00 24.32 -28.62
C MET B 128 -0.55 23.23 -29.59
N LYS B 129 -1.42 22.25 -29.85
CA LYS B 129 -1.17 21.10 -30.75
C LYS B 129 -0.98 21.61 -32.19
N HIS B 130 -1.89 22.43 -32.69
CA HIS B 130 -1.81 22.91 -34.09
C HIS B 130 -0.57 23.81 -34.20
N ALA B 131 -0.26 24.60 -33.18
CA ALA B 131 0.94 25.45 -33.16
C ALA B 131 2.19 24.57 -33.26
N GLU B 132 2.16 23.41 -32.61
CA GLU B 132 3.29 22.46 -32.66
C GLU B 132 3.35 21.81 -34.04
N LEU B 133 2.22 21.58 -34.74
CA LEU B 133 2.24 21.10 -36.16
C LEU B 133 2.98 22.14 -37.01
N GLU B 134 2.66 23.42 -36.86
CA GLU B 134 3.29 24.51 -37.64
C GLU B 134 4.80 24.51 -37.39
N ARG B 135 5.22 24.39 -36.12
CA ARG B 135 6.66 24.41 -35.74
C ARG B 135 7.37 23.21 -36.39
N GLN B 136 6.75 22.03 -36.39
CA GLN B 136 7.34 20.82 -37.02
C GLN B 136 7.47 20.99 -38.53
N GLU B 137 6.51 21.64 -39.19
CA GLU B 137 6.62 22.01 -40.63
C GLU B 137 7.83 22.93 -40.81
N ARG B 138 7.99 23.97 -39.98
CA ARG B 138 9.12 24.94 -40.08
C ARG B 138 10.42 24.17 -39.88
N ILE B 139 10.46 23.27 -38.91
CA ILE B 139 11.68 22.46 -38.61
C ILE B 139 12.06 21.58 -39.83
N THR B 140 11.09 20.90 -40.45
CA THR B 140 11.33 20.02 -41.64
C THR B 140 11.97 20.83 -42.77
N ALA B 141 11.37 21.97 -43.10
CA ALA B 141 11.82 22.92 -44.15
C ALA B 141 13.26 23.37 -43.86
N LEU B 142 13.53 23.79 -42.62
CA LEU B 142 14.85 24.26 -42.15
C LEU B 142 15.88 23.14 -42.31
N PHE B 143 15.59 21.94 -41.81
CA PHE B 143 16.51 20.77 -41.82
C PHE B 143 16.73 20.31 -43.26
N ALA B 144 15.72 20.39 -44.13
CA ALA B 144 15.81 20.09 -45.58
C ALA B 144 16.82 21.05 -46.24
N GLU B 145 16.77 22.34 -45.92
CA GLU B 145 17.72 23.35 -46.46
C GLU B 145 19.14 23.04 -45.99
N ILE B 146 19.29 22.68 -44.72
CA ILE B 146 20.61 22.43 -44.06
C ILE B 146 21.27 21.22 -44.73
N ASP B 147 20.52 20.16 -45.01
CA ASP B 147 21.00 18.98 -45.78
C ASP B 147 21.57 19.48 -47.11
N ALA B 148 20.77 20.19 -47.91
CA ALA B 148 21.16 20.79 -49.20
C ALA B 148 22.42 21.66 -49.04
N GLU B 149 22.51 22.49 -47.98
CA GLU B 149 23.69 23.35 -47.66
C GLU B 149 24.89 22.45 -47.32
N LEU B 150 24.67 21.32 -46.65
CA LEU B 150 25.74 20.38 -46.25
C LEU B 150 26.29 19.66 -47.49
N ASP B 151 25.40 19.16 -48.35
CA ASP B 151 25.71 18.48 -49.65
C ASP B 151 26.58 19.39 -50.53
N THR B 152 26.11 20.63 -50.77
CA THR B 152 26.81 21.67 -51.57
C THR B 152 28.21 21.92 -50.98
N ALA B 153 28.31 22.18 -49.68
CA ALA B 153 29.59 22.43 -49.00
C ALA B 153 30.50 21.20 -49.16
N ARG B 154 29.98 20.00 -48.94
CA ARG B 154 30.73 18.72 -49.07
C ARG B 154 31.26 18.58 -50.50
N GLU B 155 30.41 18.83 -51.49
CA GLU B 155 30.77 18.87 -52.94
C GLU B 155 32.01 19.75 -53.12
N ALA B 156 31.96 20.98 -52.62
CA ALA B 156 32.98 22.02 -52.83
C ALA B 156 34.28 21.64 -52.10
N LEU B 157 34.18 21.00 -50.93
CA LEU B 157 35.35 20.66 -50.08
C LEU B 157 36.07 19.43 -50.64
N THR B 158 35.33 18.42 -51.10
CA THR B 158 35.89 17.14 -51.63
C THR B 158 36.40 17.37 -53.06
N THR B 159 35.57 17.85 -53.99
CA THR B 159 35.95 18.21 -55.40
C THR B 159 37.23 19.04 -55.39
N GLY B 160 37.38 19.97 -54.44
CA GLY B 160 38.58 20.81 -54.27
C GLY B 160 38.29 22.30 -54.42
N THR B 161 37.17 22.67 -55.06
CA THR B 161 36.86 24.07 -55.48
C THR B 161 36.97 25.04 -54.31
N ALA B 162 36.79 24.58 -53.06
CA ALA B 162 36.73 25.44 -51.85
C ALA B 162 37.47 24.81 -50.66
N THR B 163 37.92 25.65 -49.73
CA THR B 163 38.65 25.30 -48.48
C THR B 163 37.77 25.57 -47.26
N LEU B 164 37.85 24.72 -46.23
CA LEU B 164 37.07 24.83 -44.96
C LEU B 164 37.80 25.79 -44.02
N ASP B 165 37.16 26.89 -43.61
CA ASP B 165 37.75 27.86 -42.65
C ASP B 165 37.66 27.25 -41.24
N THR B 166 38.74 27.32 -40.46
CA THR B 166 38.94 26.58 -39.18
C THR B 166 38.76 27.53 -37.98
N ALA B 167 38.62 28.85 -38.22
CA ALA B 167 38.22 29.87 -37.22
C ALA B 167 36.77 29.64 -36.76
N SER B 168 36.01 28.86 -37.54
CA SER B 168 34.55 28.56 -37.35
C SER B 168 34.36 27.28 -36.53
N LEU B 169 35.39 26.43 -36.41
CA LEU B 169 35.32 25.08 -35.77
C LEU B 169 35.00 25.16 -34.27
N PRO B 170 35.34 26.24 -33.52
CA PRO B 170 34.81 26.42 -32.16
C PRO B 170 33.33 26.04 -31.98
N LEU B 171 32.49 26.24 -33.00
CA LEU B 171 31.04 25.89 -33.00
C LEU B 171 30.84 24.36 -32.97
N VAL B 172 31.89 23.59 -33.28
CA VAL B 172 31.94 22.10 -33.04
C VAL B 172 33.26 21.80 -32.31
N ASP B 178 38.23 17.86 -40.19
CA ASP B 178 37.98 17.00 -41.38
C ASP B 178 36.48 16.93 -41.69
N VAL B 179 36.15 17.08 -42.98
CA VAL B 179 34.78 17.15 -43.56
C VAL B 179 33.81 16.23 -42.83
N ASP B 180 33.87 14.92 -43.06
CA ASP B 180 32.86 13.92 -42.59
C ASP B 180 32.63 14.07 -41.08
N GLY B 181 33.69 14.27 -40.29
CA GLY B 181 33.60 14.42 -38.83
C GLY B 181 32.80 15.65 -38.44
N VAL B 182 33.10 16.79 -39.07
CA VAL B 182 32.43 18.10 -38.81
C VAL B 182 30.93 17.96 -39.14
N ILE B 183 30.56 17.24 -40.20
CA ILE B 183 29.14 17.03 -40.62
C ILE B 183 28.42 16.16 -39.57
N ALA B 184 28.99 15.02 -39.19
CA ALA B 184 28.42 14.12 -38.17
C ALA B 184 28.20 14.91 -36.87
N ASP B 185 29.14 15.80 -36.52
CA ASP B 185 29.12 16.62 -35.28
C ASP B 185 27.98 17.65 -35.35
N ILE B 186 27.69 18.14 -36.56
CA ILE B 186 26.58 19.10 -36.85
C ILE B 186 25.25 18.35 -36.78
N HIS B 187 25.17 17.15 -37.37
CA HIS B 187 23.96 16.28 -37.34
C HIS B 187 23.60 15.90 -35.89
N ARG B 188 24.60 15.71 -35.02
CA ARG B 188 24.40 15.37 -33.58
C ARG B 188 23.81 16.60 -32.87
N HIS B 189 24.50 17.76 -32.96
CA HIS B 189 24.06 19.08 -32.43
C HIS B 189 22.61 19.36 -32.81
N ASN B 190 22.31 19.24 -34.10
CA ASN B 190 20.99 19.62 -34.68
C ASN B 190 19.92 18.66 -34.16
N ASP B 191 20.23 17.37 -33.98
CA ASP B 191 19.26 16.33 -33.52
C ASP B 191 18.93 16.58 -32.05
N GLU B 192 19.93 16.91 -31.23
CA GLU B 192 19.70 17.26 -29.80
C GLU B 192 18.69 18.42 -29.77
N ARG B 193 18.99 19.50 -30.49
CA ARG B 193 18.13 20.70 -30.59
C ARG B 193 16.72 20.31 -31.05
N ARG B 194 16.61 19.47 -32.06
CA ARG B 194 15.30 19.14 -32.66
C ARG B 194 14.42 18.42 -31.63
N ALA B 195 15.01 17.67 -30.70
CA ALA B 195 14.27 16.83 -29.72
C ALA B 195 13.90 17.65 -28.47
N GLU B 196 14.51 18.84 -28.28
CA GLU B 196 14.22 19.72 -27.11
C GLU B 196 12.75 20.12 -27.11
N ARG B 197 12.19 20.35 -25.93
CA ARG B 197 10.76 20.72 -25.77
C ARG B 197 10.62 22.16 -26.28
N PRO B 198 9.48 22.52 -26.92
CA PRO B 198 9.23 23.91 -27.26
C PRO B 198 8.93 24.76 -26.02
N LEU B 199 8.76 26.04 -26.26
CA LEU B 199 8.40 27.06 -25.26
C LEU B 199 7.08 27.68 -25.70
N PHE B 200 6.26 28.11 -24.76
CA PHE B 200 5.08 28.96 -25.04
C PHE B 200 5.32 30.31 -24.37
N LEU B 201 4.89 31.41 -24.97
CA LEU B 201 4.96 32.73 -24.31
C LEU B 201 3.54 33.08 -23.85
N THR B 202 3.43 33.56 -22.62
CA THR B 202 2.18 34.07 -22.00
C THR B 202 2.50 35.39 -21.32
N LEU B 203 1.48 36.06 -20.80
CA LEU B 203 1.66 37.27 -19.95
C LEU B 203 1.69 36.84 -18.49
N ASP B 204 2.32 37.64 -17.63
CA ASP B 204 2.25 37.47 -16.16
C ASP B 204 0.76 37.53 -15.75
N GLY B 205 0.33 36.63 -14.87
CA GLY B 205 -1.06 36.53 -14.37
C GLY B 205 -1.95 35.75 -15.32
N SER B 206 -1.40 35.25 -16.46
CA SER B 206 -2.16 34.54 -17.52
C SER B 206 -2.96 33.40 -16.88
N PHE B 207 -4.18 33.18 -17.34
CA PHE B 207 -4.96 31.95 -17.04
C PHE B 207 -5.46 31.35 -18.37
N HIS B 208 -5.00 30.14 -18.72
CA HIS B 208 -5.32 29.44 -19.99
C HIS B 208 -5.85 28.01 -19.75
N GLY B 209 -6.19 27.68 -18.49
CA GLY B 209 -6.69 26.34 -18.11
C GLY B 209 -5.73 25.55 -17.23
N LYS B 210 -6.15 24.35 -16.82
CA LYS B 210 -5.50 23.63 -15.70
C LYS B 210 -5.26 22.16 -16.04
N LEU B 211 -5.28 21.78 -17.33
CA LEU B 211 -4.94 20.39 -17.75
C LEU B 211 -3.41 20.28 -17.87
N VAL B 212 -2.87 19.11 -18.23
CA VAL B 212 -1.39 18.81 -18.14
C VAL B 212 -0.61 19.84 -18.97
N GLY B 213 -1.08 20.13 -20.19
CA GLY B 213 -0.48 21.11 -21.12
C GLY B 213 -0.77 22.54 -20.71
N SER B 214 -2.05 22.88 -20.57
CA SER B 214 -2.53 24.28 -20.36
C SER B 214 -2.08 24.80 -18.99
N ILE B 215 -1.93 23.94 -17.97
CA ILE B 215 -1.57 24.43 -16.60
C ILE B 215 -0.20 25.13 -16.66
N GLN B 216 0.72 24.67 -17.50
CA GLN B 216 2.05 25.32 -17.63
C GLN B 216 1.87 26.78 -18.10
N LEU B 217 0.75 27.09 -18.76
CA LEU B 217 0.43 28.42 -19.37
C LEU B 217 -0.33 29.31 -18.36
N THR B 218 -0.61 28.80 -17.16
CA THR B 218 -1.35 29.49 -16.08
C THR B 218 -0.36 29.88 -14.97
N GLN B 219 -0.23 31.16 -14.66
CA GLN B 219 0.85 31.63 -13.76
C GLN B 219 0.58 31.18 -12.31
N ASN B 220 -0.65 31.35 -11.76
CA ASN B 220 -1.01 31.09 -10.33
C ASN B 220 -0.14 29.95 -9.78
N GLU B 221 0.85 30.25 -8.92
CA GLU B 221 1.98 29.32 -8.58
C GLU B 221 1.52 28.06 -7.86
N PRO B 222 0.58 28.12 -6.86
CA PRO B 222 0.08 26.91 -6.22
C PRO B 222 -0.60 25.92 -7.19
N TRP B 223 -1.27 26.44 -8.23
CA TRP B 223 -1.99 25.63 -9.24
C TRP B 223 -1.01 24.93 -10.20
N ARG B 224 0.14 25.55 -10.49
CA ARG B 224 1.06 25.15 -11.60
C ARG B 224 2.30 24.41 -11.10
N THR B 225 3.03 24.98 -10.14
CA THR B 225 4.44 24.57 -9.80
C THR B 225 4.51 23.08 -9.44
N PRO B 226 3.49 22.44 -8.83
CA PRO B 226 3.55 21.00 -8.58
C PRO B 226 3.71 20.14 -9.84
N PHE B 227 3.34 20.69 -11.02
CA PHE B 227 3.17 19.96 -12.31
C PHE B 227 4.22 20.38 -13.35
N THR B 228 5.20 21.21 -12.97
CA THR B 228 6.29 21.77 -13.81
C THR B 228 6.94 20.72 -14.71
N ALA B 229 7.25 19.54 -14.16
CA ALA B 229 8.03 18.47 -14.83
C ALA B 229 7.26 17.83 -15.99
N LEU B 230 5.92 17.97 -16.05
CA LEU B 230 5.07 17.13 -16.93
C LEU B 230 5.19 17.56 -18.38
N SER B 231 5.23 18.87 -18.64
CA SER B 231 4.85 19.47 -19.94
C SER B 231 5.69 20.72 -20.23
N SER B 232 5.74 21.12 -21.50
CA SER B 232 6.51 22.28 -22.00
C SER B 232 6.18 23.50 -21.16
N PRO B 233 7.20 24.29 -20.75
CA PRO B 233 6.95 25.47 -19.93
C PRO B 233 6.56 26.68 -20.79
N ALA B 234 5.98 27.69 -20.12
CA ALA B 234 5.75 29.05 -20.62
C ALA B 234 6.76 30.01 -19.98
N ARG B 235 7.14 31.05 -20.71
CA ARG B 235 7.80 32.23 -20.11
C ARG B 235 6.70 33.30 -19.98
N PHE B 236 6.48 33.75 -18.75
CA PHE B 236 5.48 34.76 -18.38
C PHE B 236 6.10 36.14 -18.60
N LEU B 237 5.64 36.84 -19.63
CA LEU B 237 6.20 38.15 -20.03
C LEU B 237 5.57 39.21 -19.14
N PRO B 238 6.35 40.18 -18.65
CA PRO B 238 5.83 41.20 -17.76
C PRO B 238 5.02 42.20 -18.57
N ALA B 239 3.69 42.11 -18.51
CA ALA B 239 2.72 42.96 -19.23
C ALA B 239 2.99 44.44 -18.93
N ASP B 240 3.36 44.72 -17.67
CA ASP B 240 3.58 46.09 -17.14
C ASP B 240 4.87 46.68 -17.72
N GLU B 241 5.99 45.96 -17.62
CA GLU B 241 7.35 46.43 -18.03
C GLU B 241 7.71 45.87 -19.41
N PRO B 242 7.07 46.30 -20.52
CA PRO B 242 7.19 45.62 -21.82
C PRO B 242 8.47 45.89 -22.61
N GLU B 243 9.34 46.78 -22.12
CA GLU B 243 10.68 47.02 -22.72
C GLU B 243 11.61 45.86 -22.31
N LEU B 244 11.18 45.05 -21.35
CA LEU B 244 11.92 43.88 -20.81
C LEU B 244 11.60 42.61 -21.60
N ILE B 245 10.45 42.58 -22.29
CA ILE B 245 9.94 41.41 -23.06
C ILE B 245 10.93 41.06 -24.17
N GLY B 246 11.35 42.06 -24.95
CA GLY B 246 12.33 41.93 -26.05
C GLY B 246 13.53 41.12 -25.61
N LYS B 247 14.12 41.44 -24.46
CA LYS B 247 15.36 40.80 -23.95
C LYS B 247 15.05 39.38 -23.43
N ILE B 248 13.92 39.19 -22.76
CA ILE B 248 13.53 37.84 -22.23
C ILE B 248 13.40 36.85 -23.39
N VAL B 249 12.76 37.27 -24.48
CA VAL B 249 12.51 36.39 -25.66
C VAL B 249 13.83 36.17 -26.37
N GLU B 250 14.65 37.22 -26.48
CA GLU B 250 16.00 37.17 -27.08
C GLU B 250 16.90 36.15 -26.35
N ASP B 251 16.84 36.06 -25.02
CA ASP B 251 17.60 35.01 -24.26
C ASP B 251 17.14 33.61 -24.64
N GLU B 252 15.93 33.44 -25.18
CA GLU B 252 15.39 32.10 -25.57
C GLU B 252 15.77 31.71 -27.01
N ARG B 253 16.46 32.56 -27.76
CA ARG B 253 17.01 32.22 -29.12
C ARG B 253 17.84 30.94 -29.00
N ARG B 254 17.68 29.98 -29.92
CA ARG B 254 18.56 28.79 -30.03
C ARG B 254 18.93 28.62 -31.50
N SER B 255 20.13 28.08 -31.74
CA SER B 255 20.73 27.89 -33.07
C SER B 255 20.81 26.40 -33.39
N VAL B 256 20.67 26.09 -34.67
CA VAL B 256 21.22 24.88 -35.32
C VAL B 256 22.43 25.32 -36.15
N LEU B 257 23.23 24.35 -36.59
CA LEU B 257 24.50 24.58 -37.31
C LEU B 257 24.32 24.11 -38.76
N THR B 258 25.03 24.76 -39.68
CA THR B 258 25.14 24.33 -41.09
C THR B 258 26.52 24.75 -41.62
N LEU B 259 26.83 24.36 -42.86
CA LEU B 259 28.03 24.82 -43.62
C LEU B 259 27.58 25.83 -44.68
N SER B 260 28.09 27.06 -44.58
CA SER B 260 27.89 28.17 -45.54
C SER B 260 29.05 28.22 -46.54
N LEU B 261 28.76 27.98 -47.83
CA LEU B 261 29.72 28.10 -48.96
C LEU B 261 29.66 29.54 -49.50
N ASP B 262 30.75 30.30 -49.39
CA ASP B 262 30.94 31.61 -50.08
C ASP B 262 32.01 31.42 -51.18
N LYS B 263 31.70 30.54 -52.15
CA LYS B 263 32.50 30.21 -53.37
C LYS B 263 33.81 29.44 -53.07
N ASP B 264 34.86 30.10 -52.56
CA ASP B 264 36.22 29.57 -52.27
C ASP B 264 36.28 28.96 -50.86
N THR B 265 35.44 29.48 -49.96
CA THR B 265 35.50 29.32 -48.48
C THR B 265 34.20 28.67 -47.99
N VAL B 266 34.31 27.70 -47.06
CA VAL B 266 33.18 27.04 -46.34
C VAL B 266 33.36 27.31 -44.84
N ARG B 267 32.32 27.81 -44.17
CA ARG B 267 32.32 28.16 -42.73
C ARG B 267 31.17 27.44 -42.02
N VAL B 268 31.41 26.96 -40.80
CA VAL B 268 30.35 26.52 -39.87
C VAL B 268 29.67 27.80 -39.36
N VAL B 269 28.34 27.86 -39.45
CA VAL B 269 27.56 29.05 -38.99
C VAL B 269 26.30 28.58 -38.27
N GLU B 270 25.81 29.44 -37.38
CA GLU B 270 24.52 29.30 -36.68
C GLU B 270 23.40 29.85 -37.57
N ARG B 271 22.25 29.18 -37.54
CA ARG B 271 20.96 29.62 -38.11
C ARG B 271 19.87 29.49 -37.04
N ASP B 272 18.82 30.32 -37.11
CA ASP B 272 17.77 30.39 -36.05
C ASP B 272 16.98 29.08 -36.02
N PHE B 273 16.72 28.56 -34.83
CA PHE B 273 15.87 27.35 -34.64
C PHE B 273 14.55 27.81 -34.04
N PRO B 274 13.39 27.37 -34.60
CA PRO B 274 12.09 27.73 -34.02
C PRO B 274 11.85 27.00 -32.69
N VAL B 275 12.04 27.72 -31.58
CA VAL B 275 11.89 27.22 -30.19
C VAL B 275 10.45 27.49 -29.72
N VAL B 276 9.92 28.67 -29.99
CA VAL B 276 8.61 29.14 -29.46
C VAL B 276 7.49 28.58 -30.34
N ALA B 277 6.60 27.75 -29.78
CA ALA B 277 5.47 27.13 -30.49
C ALA B 277 4.33 28.14 -30.69
N ALA B 278 4.08 29.02 -29.71
CA ALA B 278 2.95 29.96 -29.76
C ALA B 278 3.11 31.03 -28.69
N ILE B 279 2.46 32.17 -28.90
CA ILE B 279 2.22 33.25 -27.91
C ILE B 279 0.74 33.19 -27.57
N PHE B 280 0.38 33.17 -26.28
CA PHE B 280 -1.04 33.23 -25.84
C PHE B 280 -1.30 34.55 -25.16
N VAL B 281 -2.51 35.07 -25.33
CA VAL B 281 -2.92 36.34 -24.68
C VAL B 281 -4.43 36.32 -24.44
N GLU B 282 -4.84 36.84 -23.28
CA GLU B 282 -6.26 37.16 -22.95
C GLU B 282 -6.51 38.64 -23.20
N PRO B 283 -7.52 39.02 -23.99
CA PRO B 283 -7.84 40.44 -24.15
C PRO B 283 -8.04 41.17 -22.80
N VAL B 284 -8.70 40.49 -21.86
CA VAL B 284 -8.93 40.97 -20.47
C VAL B 284 -8.40 39.85 -19.58
N ARG B 285 -7.44 40.18 -18.72
CA ARG B 285 -6.58 39.18 -18.03
C ARG B 285 -7.21 38.78 -16.69
N GLY B 286 -8.01 37.69 -16.69
CA GLY B 286 -8.75 37.13 -15.52
C GLY B 286 -7.87 36.95 -14.30
N GLY B 287 -6.75 36.23 -14.43
CA GLY B 287 -5.82 35.98 -13.32
C GLY B 287 -4.98 37.19 -12.91
N SER B 288 -5.10 38.33 -13.62
CA SER B 288 -4.42 39.62 -13.28
C SER B 288 -5.42 40.61 -12.64
N GLY B 289 -6.68 40.21 -12.47
CA GLY B 289 -7.73 41.08 -11.89
C GLY B 289 -8.48 41.89 -12.95
N MET B 290 -8.76 41.29 -14.12
CA MET B 290 -9.56 41.88 -15.23
C MET B 290 -8.85 43.07 -15.88
N LYS B 291 -7.51 43.12 -15.90
CA LYS B 291 -6.73 44.17 -16.60
C LYS B 291 -6.83 43.95 -18.12
N THR B 292 -7.28 44.97 -18.86
CA THR B 292 -7.31 44.95 -20.35
C THR B 292 -5.89 45.09 -20.89
N VAL B 293 -5.55 44.37 -21.98
CA VAL B 293 -4.30 44.55 -22.78
C VAL B 293 -4.30 45.99 -23.31
N THR B 294 -3.23 46.73 -23.03
CA THR B 294 -3.00 48.12 -23.51
C THR B 294 -2.56 48.08 -24.98
N PRO B 295 -2.75 49.16 -25.77
CA PRO B 295 -2.21 49.21 -27.14
C PRO B 295 -0.71 48.88 -27.24
N GLU B 296 0.10 49.39 -26.30
CA GLU B 296 1.56 49.18 -26.25
C GLU B 296 1.85 47.69 -26.10
N LEU B 297 1.11 46.98 -25.27
CA LEU B 297 1.35 45.52 -25.07
C LEU B 297 0.90 44.75 -26.34
N ALA B 298 -0.24 45.11 -26.91
CA ALA B 298 -0.75 44.54 -28.18
C ALA B 298 0.33 44.65 -29.26
N GLU B 299 0.92 45.84 -29.43
CA GLU B 299 1.90 46.07 -30.50
C GLU B 299 3.14 45.23 -30.23
N GLU B 300 3.53 45.02 -28.97
CA GLU B 300 4.71 44.17 -28.65
C GLU B 300 4.42 42.71 -29.01
N LEU B 301 3.20 42.22 -28.74
CA LEU B 301 2.79 40.82 -29.06
C LEU B 301 2.80 40.63 -30.59
N HIS B 302 2.26 41.59 -31.33
CA HIS B 302 2.31 41.65 -32.82
C HIS B 302 3.75 41.56 -33.32
N ARG B 303 4.67 42.32 -32.72
CA ARG B 303 6.11 42.31 -33.11
C ARG B 303 6.70 40.91 -32.90
N LEU B 304 6.41 40.28 -31.76
CA LEU B 304 6.96 38.94 -31.43
C LEU B 304 6.44 37.89 -32.41
N ARG B 305 5.15 37.97 -32.75
CA ARG B 305 4.49 37.04 -33.71
C ARG B 305 5.15 37.20 -35.09
N ASP B 306 5.25 38.43 -35.59
CA ASP B 306 5.93 38.76 -36.88
C ASP B 306 7.39 38.28 -36.84
N THR B 307 8.09 38.44 -35.72
CA THR B 307 9.55 38.14 -35.62
C THR B 307 9.81 36.64 -35.50
N LEU B 308 9.06 35.90 -34.68
CA LEU B 308 9.34 34.46 -34.40
C LEU B 308 8.63 33.60 -35.44
N GLY B 309 7.53 34.09 -36.03
CA GLY B 309 6.77 33.35 -37.06
C GLY B 309 5.87 32.27 -36.46
N CYS B 310 5.72 32.22 -35.14
CA CYS B 310 4.74 31.34 -34.47
C CYS B 310 3.40 32.07 -34.39
N PRO B 311 2.27 31.36 -34.28
CA PRO B 311 0.99 32.03 -34.15
C PRO B 311 0.84 32.76 -32.81
N LEU B 312 0.07 33.84 -32.86
CA LEU B 312 -0.51 34.52 -31.68
C LEU B 312 -1.92 33.94 -31.44
N VAL B 313 -2.09 33.27 -30.30
CA VAL B 313 -3.36 32.60 -29.90
C VAL B 313 -4.11 33.54 -28.95
N VAL B 314 -5.29 33.99 -29.34
CA VAL B 314 -6.13 34.89 -28.50
C VAL B 314 -7.15 34.05 -27.73
N ASP B 315 -7.01 34.00 -26.40
CA ASP B 315 -7.88 33.23 -25.49
C ASP B 315 -9.07 34.11 -25.12
N GLU B 316 -10.22 33.88 -25.77
CA GLU B 316 -11.48 34.63 -25.53
C GLU B 316 -12.47 33.71 -24.82
N VAL B 317 -11.97 32.66 -24.18
CA VAL B 317 -12.83 31.75 -23.36
C VAL B 317 -13.73 32.57 -22.41
N GLN B 318 -13.22 33.65 -21.81
CA GLN B 318 -13.96 34.47 -20.81
C GLN B 318 -14.49 35.77 -21.45
N THR B 319 -13.66 36.43 -22.29
CA THR B 319 -13.92 37.76 -22.91
C THR B 319 -14.87 37.69 -24.12
N GLY B 320 -15.13 36.51 -24.69
CA GLY B 320 -15.98 36.37 -25.89
C GLY B 320 -17.49 36.31 -25.62
N ILE B 321 -18.24 36.28 -26.73
CA ILE B 321 -19.72 36.22 -26.78
C ILE B 321 -20.24 37.46 -26.04
N GLY B 322 -19.59 38.62 -26.24
CA GLY B 322 -20.22 39.94 -26.07
C GLY B 322 -19.90 40.58 -24.73
N ARG B 323 -19.22 39.86 -23.85
CA ARG B 323 -18.90 40.29 -22.45
C ARG B 323 -18.29 41.70 -22.44
N THR B 324 -17.42 42.05 -23.40
CA THR B 324 -16.64 43.31 -23.39
C THR B 324 -17.41 44.42 -24.10
N GLY B 325 -18.53 44.12 -24.75
CA GLY B 325 -19.31 45.12 -25.50
C GLY B 325 -19.08 44.98 -26.99
N ALA B 326 -18.23 44.02 -27.38
CA ALA B 326 -18.12 43.43 -28.72
C ALA B 326 -18.16 41.90 -28.60
N PHE B 327 -18.46 41.17 -29.67
CA PHE B 327 -18.42 39.69 -29.63
C PHE B 327 -17.00 39.30 -29.21
N PHE B 328 -16.00 39.80 -29.93
CA PHE B 328 -14.57 39.53 -29.69
C PHE B 328 -13.96 40.71 -28.92
N GLY B 329 -13.45 40.43 -27.73
CA GLY B 329 -12.61 41.36 -26.97
C GLY B 329 -11.39 41.81 -27.76
N SER B 330 -10.74 40.89 -28.47
CA SER B 330 -9.55 41.16 -29.34
C SER B 330 -9.87 42.23 -30.40
N ALA B 331 -11.09 42.24 -30.94
CA ALA B 331 -11.54 43.19 -31.97
C ALA B 331 -11.67 44.58 -31.35
N LEU B 332 -12.21 44.65 -30.14
CA LEU B 332 -12.40 45.92 -29.38
C LEU B 332 -11.03 46.51 -29.03
N LEU B 333 -10.04 45.70 -28.64
CA LEU B 333 -8.71 46.17 -28.16
C LEU B 333 -7.65 46.11 -29.26
N GLY B 334 -7.99 45.74 -30.50
CA GLY B 334 -7.03 45.72 -31.62
C GLY B 334 -5.94 44.66 -31.46
N ILE B 335 -6.25 43.49 -30.90
CA ILE B 335 -5.29 42.34 -30.88
C ILE B 335 -5.55 41.47 -32.12
N ARG B 336 -4.55 41.34 -32.99
CA ARG B 336 -4.64 40.70 -34.32
C ARG B 336 -4.04 39.32 -34.18
N GLY B 337 -4.87 38.36 -33.77
CA GLY B 337 -4.45 36.98 -33.50
C GLY B 337 -4.48 36.16 -34.75
N ASP B 338 -3.78 35.02 -34.74
CA ASP B 338 -3.78 33.98 -35.79
C ASP B 338 -4.86 32.92 -35.43
N TYR B 339 -4.99 32.57 -34.14
CA TYR B 339 -5.96 31.59 -33.62
C TYR B 339 -6.76 32.25 -32.51
N TYR B 340 -7.99 31.80 -32.32
CA TYR B 340 -8.90 32.34 -31.29
C TYR B 340 -9.59 31.15 -30.61
N THR B 341 -9.89 31.26 -29.32
CA THR B 341 -10.64 30.23 -28.59
C THR B 341 -11.82 30.87 -27.90
N LEU B 342 -12.93 30.15 -27.88
CA LEU B 342 -14.19 30.53 -27.21
C LEU B 342 -14.68 29.33 -26.39
N ALA B 343 -15.33 29.58 -25.26
CA ALA B 343 -16.01 28.53 -24.47
C ALA B 343 -17.14 29.15 -23.64
N LYS B 344 -16.87 29.70 -22.47
CA LYS B 344 -17.83 29.91 -21.35
C LYS B 344 -19.27 30.14 -21.89
N ALA B 345 -19.60 31.30 -22.46
CA ALA B 345 -21.03 31.66 -22.71
C ALA B 345 -21.67 30.85 -23.86
N ILE B 346 -20.89 30.11 -24.65
CA ILE B 346 -21.37 29.46 -25.91
C ILE B 346 -22.23 28.22 -25.58
N GLY B 347 -22.13 27.69 -24.36
CA GLY B 347 -23.01 26.63 -23.83
C GLY B 347 -24.35 27.14 -23.31
N GLY B 348 -24.59 28.45 -23.36
CA GLY B 348 -25.89 29.05 -22.96
C GLY B 348 -26.19 28.85 -21.48
N GLY B 349 -25.17 28.52 -20.68
CA GLY B 349 -25.27 28.31 -19.23
C GLY B 349 -25.85 26.94 -18.90
N ILE B 350 -26.02 26.04 -19.87
CA ILE B 350 -26.59 24.69 -19.61
C ILE B 350 -25.70 23.57 -20.14
N VAL B 351 -25.00 23.73 -21.27
CA VAL B 351 -24.17 22.64 -21.84
C VAL B 351 -22.71 23.10 -21.99
N LYS B 352 -21.85 22.20 -22.45
CA LYS B 352 -20.37 22.35 -22.44
C LYS B 352 -19.87 22.26 -23.87
N ASN B 353 -19.20 23.31 -24.32
CA ASN B 353 -18.82 23.47 -25.74
C ASN B 353 -17.65 24.45 -25.80
N SER B 354 -16.78 24.27 -26.79
CA SER B 354 -15.66 25.23 -27.01
C SER B 354 -15.21 25.10 -28.47
N VAL B 355 -14.46 26.09 -28.94
CA VAL B 355 -14.03 26.13 -30.37
C VAL B 355 -12.68 26.85 -30.46
N ALA B 356 -11.83 26.31 -31.30
CA ALA B 356 -10.54 26.89 -31.75
C ALA B 356 -10.78 27.33 -33.18
N LEU B 357 -10.58 28.62 -33.46
CA LEU B 357 -10.63 29.22 -34.81
C LEU B 357 -9.18 29.40 -35.26
N ILE B 358 -8.76 28.72 -36.33
CA ILE B 358 -7.37 28.72 -36.85
C ILE B 358 -7.41 29.29 -38.26
N ARG B 359 -6.63 30.35 -38.53
CA ARG B 359 -6.70 31.07 -39.84
C ARG B 359 -6.42 30.04 -40.93
N GLN B 360 -7.23 30.03 -41.99
CA GLN B 360 -7.18 28.97 -43.05
C GLN B 360 -5.85 28.98 -43.78
N ASP B 361 -5.17 30.11 -43.90
CA ASP B 361 -3.87 30.13 -44.64
C ASP B 361 -2.78 29.48 -43.79
N ARG B 362 -2.99 29.27 -42.48
CA ARG B 362 -2.02 28.54 -41.60
C ARG B 362 -2.51 27.12 -41.26
N PHE B 363 -3.77 26.79 -41.54
CA PHE B 363 -4.43 25.56 -41.02
C PHE B 363 -3.90 24.34 -41.75
N LEU B 364 -3.36 23.35 -41.04
CA LEU B 364 -2.80 22.10 -41.63
C LEU B 364 -3.88 21.03 -41.63
N PRO B 365 -4.36 20.60 -42.81
CA PRO B 365 -5.57 19.78 -42.91
C PRO B 365 -5.46 18.45 -42.14
N ALA B 366 -4.25 17.97 -41.86
CA ALA B 366 -4.02 16.75 -41.05
C ALA B 366 -4.73 16.88 -39.71
N MET B 367 -4.82 18.10 -39.16
CA MET B 367 -5.47 18.38 -37.86
C MET B 367 -6.94 17.93 -37.86
N GLU B 368 -7.63 18.00 -39.01
CA GLU B 368 -9.09 17.66 -39.13
C GLU B 368 -9.33 16.17 -38.91
N VAL B 369 -8.32 15.35 -39.13
CA VAL B 369 -8.44 13.86 -39.07
C VAL B 369 -7.53 13.29 -37.98
N ILE B 370 -6.49 13.97 -37.48
CA ILE B 370 -5.63 13.37 -36.41
C ILE B 370 -6.08 13.85 -35.04
N HIS B 371 -6.81 14.96 -34.94
CA HIS B 371 -7.46 15.39 -33.67
C HIS B 371 -8.93 14.95 -33.66
N SER B 372 -9.42 14.41 -32.54
CA SER B 372 -10.86 14.13 -32.30
C SER B 372 -11.13 14.03 -30.79
N SER B 373 -12.39 13.82 -30.41
CA SER B 373 -12.89 13.69 -29.02
C SER B 373 -14.29 13.08 -29.10
N THR B 374 -14.65 12.15 -28.23
CA THR B 374 -15.99 11.49 -28.20
C THR B 374 -17.10 12.57 -28.22
N PHE B 375 -17.04 13.51 -27.29
CA PHE B 375 -18.14 14.45 -26.97
C PHE B 375 -18.07 15.69 -27.87
N ALA B 376 -16.94 15.96 -28.53
CA ALA B 376 -16.74 17.21 -29.30
C ALA B 376 -17.74 17.26 -30.47
N LYS B 377 -18.33 18.43 -30.73
CA LYS B 377 -19.16 18.61 -31.93
C LYS B 377 -20.47 17.80 -31.77
N ASP B 378 -20.85 17.44 -30.54
CA ASP B 378 -22.13 16.75 -30.24
C ASP B 378 -23.28 17.64 -30.73
N GLY B 379 -24.38 17.01 -31.15
CA GLY B 379 -25.54 17.69 -31.77
C GLY B 379 -26.23 18.67 -30.83
N LEU B 380 -26.28 18.37 -29.53
CA LEU B 380 -27.04 19.18 -28.55
C LEU B 380 -26.31 20.52 -28.30
N SER B 381 -25.03 20.50 -27.95
CA SER B 381 -24.24 21.74 -27.76
C SER B 381 -24.13 22.51 -29.09
N ALA B 382 -24.09 21.82 -30.23
CA ALA B 382 -24.09 22.47 -31.57
C ALA B 382 -25.35 23.35 -31.75
N SER B 383 -26.52 22.79 -31.46
CA SER B 383 -27.84 23.45 -31.61
C SER B 383 -27.88 24.68 -30.71
N ILE B 384 -27.42 24.52 -29.49
CA ILE B 384 -27.43 25.59 -28.45
C ILE B 384 -26.39 26.67 -28.78
N ALA B 385 -25.22 26.32 -29.30
CA ALA B 385 -24.24 27.30 -29.85
C ALA B 385 -24.93 28.21 -30.89
N LEU B 386 -25.69 27.62 -31.84
CA LEU B 386 -26.41 28.39 -32.90
C LEU B 386 -27.48 29.29 -32.27
N LYS B 387 -28.12 28.85 -31.19
CA LYS B 387 -29.15 29.66 -30.48
C LYS B 387 -28.46 30.85 -29.84
N VAL B 388 -27.40 30.61 -29.08
CA VAL B 388 -26.62 31.68 -28.38
C VAL B 388 -26.13 32.72 -29.41
N LEU B 389 -25.61 32.29 -30.56
CA LEU B 389 -25.09 33.21 -31.61
C LEU B 389 -26.28 34.01 -32.16
N GLU B 390 -27.43 33.38 -32.32
CA GLU B 390 -28.64 34.09 -32.82
C GLU B 390 -29.01 35.17 -31.81
N MET B 391 -28.98 34.85 -30.51
CA MET B 391 -29.42 35.81 -29.46
C MET B 391 -28.45 37.01 -29.39
N VAL B 392 -27.15 36.77 -29.42
CA VAL B 392 -26.15 37.86 -29.19
C VAL B 392 -26.07 38.76 -30.43
N GLU B 393 -26.44 38.25 -31.61
CA GLU B 393 -26.41 38.98 -32.90
C GLU B 393 -27.74 39.68 -33.20
N ALA B 394 -28.81 39.40 -32.46
CA ALA B 394 -30.19 39.84 -32.77
C ALA B 394 -30.27 41.38 -32.81
N ASP B 395 -31.21 41.90 -33.61
CA ASP B 395 -31.70 43.30 -33.60
C ASP B 395 -30.51 44.23 -33.88
N GLY B 396 -29.72 43.92 -34.90
CA GLY B 396 -28.70 44.81 -35.49
C GLY B 396 -27.59 45.19 -34.53
N GLY B 397 -27.29 44.33 -33.55
CA GLY B 397 -26.19 44.55 -32.59
C GLY B 397 -26.62 45.29 -31.32
N ARG B 398 -27.92 45.26 -30.98
CA ARG B 398 -28.46 45.95 -29.78
C ARG B 398 -27.95 45.25 -28.51
N VAL B 399 -27.66 43.95 -28.57
CA VAL B 399 -27.25 43.22 -27.34
C VAL B 399 -25.86 43.73 -26.92
N TYR B 400 -24.97 44.00 -27.87
CA TYR B 400 -23.62 44.58 -27.62
C TYR B 400 -23.78 45.98 -27.00
N GLN B 401 -24.69 46.79 -27.55
CA GLN B 401 -25.06 48.13 -27.02
C GLN B 401 -25.57 48.02 -25.58
N ARG B 402 -26.42 47.04 -25.28
CA ARG B 402 -26.95 46.81 -23.93
C ARG B 402 -25.82 46.41 -22.97
N VAL B 403 -24.91 45.51 -23.36
CA VAL B 403 -23.72 45.15 -22.52
C VAL B 403 -22.91 46.43 -22.22
N ARG B 404 -22.66 47.24 -23.25
CA ARG B 404 -21.87 48.49 -23.12
C ARG B 404 -22.54 49.43 -22.12
N GLU B 405 -23.87 49.64 -22.20
CA GLU B 405 -24.57 50.60 -21.29
C GLU B 405 -24.70 50.02 -19.88
N ARG B 406 -25.03 48.74 -19.72
CA ARG B 406 -25.03 48.06 -18.39
C ARG B 406 -23.62 48.09 -17.80
N GLY B 407 -22.60 47.83 -18.61
CA GLY B 407 -21.18 47.90 -18.21
C GLY B 407 -20.82 49.28 -17.67
N GLN B 408 -21.20 50.35 -18.38
CA GLN B 408 -20.93 51.76 -17.99
C GLN B 408 -21.58 52.02 -16.64
N ARG B 409 -22.86 51.66 -16.49
CA ARG B 409 -23.64 51.85 -15.25
C ARG B 409 -22.90 51.17 -14.09
N LEU B 410 -22.45 49.92 -14.28
CA LEU B 410 -21.84 49.10 -13.21
C LEU B 410 -20.44 49.62 -12.91
N GLU B 411 -19.68 50.00 -13.94
CA GLU B 411 -18.33 50.58 -13.78
C GLU B 411 -18.41 51.90 -13.00
N ALA B 412 -19.37 52.77 -13.34
CA ALA B 412 -19.58 54.09 -12.70
C ALA B 412 -19.87 53.89 -11.21
N MET B 413 -20.74 52.94 -10.90
CA MET B 413 -21.04 52.60 -9.49
C MET B 413 -19.75 52.16 -8.81
N LEU B 414 -18.93 51.32 -9.46
CA LEU B 414 -17.72 50.78 -8.78
C LEU B 414 -16.69 51.91 -8.57
N GLU B 415 -16.56 52.84 -9.52
CA GLU B 415 -15.66 54.03 -9.42
C GLU B 415 -16.17 54.94 -8.27
N SER B 416 -17.47 55.17 -8.22
CA SER B 416 -18.12 55.97 -7.15
C SER B 416 -17.85 55.33 -5.78
N VAL B 417 -17.78 54.00 -5.69
CA VAL B 417 -17.44 53.33 -4.40
C VAL B 417 -15.95 53.50 -4.13
N ARG B 418 -15.09 53.28 -5.12
CA ARG B 418 -13.61 53.44 -4.97
C ARG B 418 -13.28 54.85 -4.47
N ALA B 419 -13.89 55.88 -5.08
CA ALA B 419 -13.65 57.31 -4.81
C ALA B 419 -13.84 57.62 -3.32
N ASP B 420 -14.87 57.06 -2.66
CA ASP B 420 -15.17 57.26 -1.22
C ASP B 420 -14.47 56.22 -0.35
N HIS B 421 -13.83 55.21 -0.94
CA HIS B 421 -13.22 54.08 -0.17
C HIS B 421 -11.83 53.76 -0.71
N SER B 422 -11.08 54.79 -1.14
CA SER B 422 -9.69 54.70 -1.69
C SER B 422 -8.70 54.17 -0.64
N ASP B 423 -9.05 54.18 0.64
CA ASP B 423 -8.20 53.62 1.72
C ASP B 423 -8.15 52.09 1.60
N VAL B 424 -9.17 51.44 1.02
CA VAL B 424 -9.22 49.94 0.95
C VAL B 424 -9.31 49.45 -0.50
N VAL B 425 -9.72 50.29 -1.47
CA VAL B 425 -9.83 49.95 -2.92
C VAL B 425 -8.79 50.74 -3.72
N SER B 426 -7.89 50.06 -4.44
CA SER B 426 -6.78 50.70 -5.20
C SER B 426 -7.20 51.04 -6.64
N ALA B 427 -8.15 50.32 -7.24
CA ALA B 427 -8.52 50.50 -8.67
C ALA B 427 -9.79 49.76 -9.08
N VAL B 428 -10.38 50.24 -10.18
CA VAL B 428 -11.37 49.51 -11.02
C VAL B 428 -10.69 49.10 -12.33
N TRP B 429 -10.80 47.83 -12.69
CA TRP B 429 -10.22 47.20 -13.90
C TRP B 429 -11.33 46.56 -14.76
N GLY B 430 -11.06 46.43 -16.06
CA GLY B 430 -11.85 45.61 -17.00
C GLY B 430 -12.69 46.46 -17.90
N THR B 431 -13.62 45.86 -18.65
CA THR B 431 -14.46 46.63 -19.59
C THR B 431 -15.70 45.81 -19.89
N GLY B 432 -16.72 46.47 -20.45
CA GLY B 432 -18.05 45.87 -20.65
C GLY B 432 -18.58 45.37 -19.33
N LEU B 433 -19.03 44.11 -19.30
CA LEU B 433 -19.53 43.52 -18.03
C LEU B 433 -18.51 42.54 -17.47
N MET B 434 -17.22 42.84 -17.64
CA MET B 434 -16.12 42.06 -17.02
C MET B 434 -15.24 43.00 -16.19
N LEU B 435 -15.64 43.25 -14.94
CA LEU B 435 -15.06 44.31 -14.08
C LEU B 435 -14.54 43.69 -12.78
N ALA B 436 -13.65 44.41 -12.10
CA ALA B 436 -13.14 43.99 -10.78
C ALA B 436 -12.70 45.22 -9.98
N LEU B 437 -12.83 45.14 -8.65
CA LEU B 437 -12.20 46.07 -7.68
C LEU B 437 -10.90 45.44 -7.24
N GLU B 438 -9.81 46.21 -7.25
CA GLU B 438 -8.55 45.78 -6.60
C GLU B 438 -8.61 46.20 -5.11
N LEU B 439 -8.39 45.26 -4.20
CA LEU B 439 -8.25 45.49 -2.74
C LEU B 439 -6.81 45.88 -2.41
N ARG B 440 -6.62 46.93 -1.61
CA ARG B 440 -5.30 47.28 -1.03
C ARG B 440 -4.86 46.14 -0.10
N ASP B 441 -3.57 45.87 -0.06
CA ASP B 441 -2.95 44.86 0.83
C ASP B 441 -3.41 45.13 2.27
N GLN B 442 -3.84 44.08 2.97
CA GLN B 442 -4.31 44.13 4.37
C GLN B 442 -3.41 43.23 5.22
N SER B 443 -2.21 42.92 4.76
CA SER B 443 -1.24 42.07 5.52
C SER B 443 -0.71 42.82 6.76
N ASN B 444 -0.92 44.13 6.88
CA ASN B 444 -0.54 44.96 8.05
C ASN B 444 -1.77 45.44 8.83
N ALA B 445 -2.91 44.75 8.70
CA ALA B 445 -4.19 45.20 9.27
C ALA B 445 -4.08 45.15 10.79
N THR B 446 -4.75 46.08 11.49
CA THR B 446 -4.71 46.18 12.98
C THR B 446 -5.44 44.94 13.51
N SER B 447 -6.60 44.61 12.92
CA SER B 447 -7.37 43.39 13.24
C SER B 447 -6.52 42.16 12.93
N GLN B 448 -6.31 41.30 13.91
CA GLN B 448 -5.46 40.08 13.79
C GLN B 448 -6.16 39.05 12.87
N ALA B 449 -7.49 38.93 12.96
CA ALA B 449 -8.28 37.97 12.15
C ALA B 449 -8.16 38.35 10.65
N ILE B 450 -8.34 39.62 10.33
CA ILE B 450 -8.20 40.14 8.94
C ILE B 450 -6.78 39.90 8.43
N ARG B 451 -5.78 40.31 9.21
CA ARG B 451 -4.32 40.21 8.89
C ARG B 451 -3.95 38.75 8.58
N GLU B 452 -4.41 37.83 9.43
CA GLU B 452 -4.14 36.38 9.33
C GLU B 452 -4.71 35.87 8.00
N LYS B 453 -5.95 36.20 7.67
CA LYS B 453 -6.61 35.79 6.41
C LYS B 453 -5.88 36.41 5.22
N ALA B 454 -5.50 37.69 5.29
CA ALA B 454 -4.80 38.40 4.19
C ALA B 454 -3.43 37.77 3.96
N ALA B 455 -2.76 37.32 5.03
CA ALA B 455 -1.42 36.70 4.97
C ALA B 455 -1.52 35.34 4.26
N HIS B 456 -2.64 34.63 4.40
CA HIS B 456 -2.87 33.31 3.77
C HIS B 456 -3.41 33.46 2.33
N GLY B 457 -3.66 34.69 1.86
CA GLY B 457 -4.27 34.99 0.55
C GLY B 457 -5.77 34.71 0.48
N PHE B 458 -6.50 34.82 1.58
CA PHE B 458 -7.96 34.50 1.65
C PHE B 458 -8.83 35.75 1.86
N LEU B 459 -8.24 36.95 1.89
CA LEU B 459 -8.95 38.21 2.14
C LEU B 459 -10.23 38.28 1.28
N GLY B 460 -10.08 38.19 -0.05
CA GLY B 460 -11.21 38.32 -0.99
C GLY B 460 -12.36 37.37 -0.66
N TYR B 461 -12.04 36.14 -0.25
CA TYR B 461 -13.06 35.11 0.07
C TYR B 461 -13.82 35.51 1.33
N VAL B 462 -13.11 36.01 2.35
CA VAL B 462 -13.68 36.47 3.64
C VAL B 462 -14.67 37.61 3.35
N LEU B 463 -14.26 38.57 2.54
CA LEU B 463 -15.09 39.74 2.16
C LEU B 463 -16.31 39.27 1.37
N ALA B 464 -16.12 38.30 0.49
CA ALA B 464 -17.20 37.65 -0.29
C ALA B 464 -18.20 37.03 0.68
N GLY B 465 -17.71 36.36 1.72
CA GLY B 465 -18.55 35.80 2.79
C GLY B 465 -19.40 36.88 3.45
N PHE B 466 -18.80 38.03 3.75
CA PHE B 466 -19.54 39.17 4.36
C PHE B 466 -20.69 39.54 3.44
N LEU B 467 -20.40 39.75 2.15
CA LEU B 467 -21.40 40.18 1.16
C LEU B 467 -22.55 39.17 1.10
N LEU B 468 -22.27 37.88 1.23
CA LEU B 468 -23.31 36.82 1.15
C LEU B 468 -24.25 36.92 2.37
N ARG B 469 -23.69 36.79 3.58
CA ARG B 469 -24.47 36.60 4.84
C ARG B 469 -25.14 37.91 5.24
N GLU B 470 -24.54 39.07 4.96
CA GLU B 470 -25.08 40.38 5.40
C GLU B 470 -25.88 41.07 4.29
N HIS B 471 -25.62 40.81 3.02
CA HIS B 471 -26.32 41.55 1.93
C HIS B 471 -26.94 40.61 0.88
N HIS B 472 -26.79 39.29 1.01
CA HIS B 472 -27.37 38.32 0.03
C HIS B 472 -26.84 38.68 -1.38
N ILE B 473 -25.53 38.86 -1.51
CA ILE B 473 -24.86 39.12 -2.81
C ILE B 473 -23.69 38.15 -2.93
N ARG B 474 -23.71 37.38 -4.03
CA ARG B 474 -22.69 36.38 -4.42
C ARG B 474 -21.63 37.10 -5.26
N VAL B 475 -20.46 37.28 -4.66
CA VAL B 475 -19.24 37.75 -5.36
C VAL B 475 -18.17 36.67 -5.16
N LEU B 476 -17.33 36.42 -6.15
CA LEU B 476 -16.13 35.56 -5.96
C LEU B 476 -14.92 36.42 -6.27
N PRO B 477 -13.79 36.13 -5.60
CA PRO B 477 -12.57 36.89 -5.85
C PRO B 477 -11.87 36.38 -7.10
N ALA B 478 -10.90 37.16 -7.59
CA ALA B 478 -9.94 36.76 -8.65
C ALA B 478 -8.53 37.12 -8.18
N GLY B 479 -7.54 36.79 -9.00
CA GLY B 479 -6.15 37.19 -8.78
C GLY B 479 -5.48 36.19 -7.85
N PRO B 480 -4.14 36.15 -7.81
CA PRO B 480 -3.41 35.04 -7.20
C PRO B 480 -3.45 34.99 -5.67
N ARG B 481 -3.84 36.08 -5.01
CA ARG B 481 -3.91 36.18 -3.53
C ARG B 481 -5.32 36.67 -3.17
N SER B 482 -6.31 36.38 -4.01
CA SER B 482 -7.73 36.80 -3.85
C SER B 482 -7.76 38.29 -3.47
N GLY B 483 -6.93 39.09 -4.14
CA GLY B 483 -6.81 40.54 -3.98
C GLY B 483 -7.74 41.34 -4.87
N PHE B 484 -8.64 40.70 -5.62
CA PHE B 484 -9.63 41.38 -6.51
C PHE B 484 -11.03 40.78 -6.27
N LEU B 485 -12.07 41.62 -6.37
CA LEU B 485 -13.47 41.16 -6.33
C LEU B 485 -14.02 41.30 -7.75
N ARG B 486 -14.55 40.20 -8.28
CA ARG B 486 -15.07 40.11 -9.67
C ARG B 486 -16.52 40.58 -9.71
N PHE B 487 -16.90 41.32 -10.76
CA PHE B 487 -18.31 41.66 -11.08
C PHE B 487 -18.51 41.33 -12.57
N SER B 488 -19.19 40.21 -12.85
CA SER B 488 -19.45 39.75 -14.23
C SER B 488 -20.87 39.20 -14.31
N PRO B 489 -21.90 40.05 -14.02
CA PRO B 489 -23.29 39.63 -14.10
C PRO B 489 -23.80 39.53 -15.53
N SER B 490 -25.03 39.06 -15.68
CA SER B 490 -25.77 39.07 -16.97
C SER B 490 -26.04 40.51 -17.40
N LEU B 491 -26.29 40.71 -18.68
CA LEU B 491 -26.73 42.00 -19.27
C LEU B 491 -28.14 42.38 -18.77
N TYR B 492 -28.85 41.53 -18.03
CA TYR B 492 -30.19 41.86 -17.44
C TYR B 492 -30.06 42.46 -16.04
N ILE B 493 -28.84 42.63 -15.51
CA ILE B 493 -28.64 43.31 -14.20
C ILE B 493 -29.42 44.65 -14.22
N THR B 494 -30.31 44.87 -13.24
CA THR B 494 -31.18 46.07 -13.16
C THR B 494 -30.46 47.16 -12.37
N ASP B 495 -30.91 48.41 -12.54
CA ASP B 495 -30.45 49.61 -11.79
C ASP B 495 -30.61 49.36 -10.28
N GLU B 496 -31.72 48.76 -9.86
CA GLU B 496 -32.05 48.45 -8.46
C GLU B 496 -30.99 47.46 -7.91
N GLU B 497 -30.56 46.48 -8.71
CA GLU B 497 -29.56 45.45 -8.31
C GLU B 497 -28.17 46.10 -8.22
N ILE B 498 -27.87 47.04 -9.09
CA ILE B 498 -26.59 47.81 -9.02
C ILE B 498 -26.59 48.66 -7.74
N ASP B 499 -27.71 49.33 -7.42
CA ASP B 499 -27.88 50.13 -6.18
C ASP B 499 -27.68 49.24 -4.95
N ARG B 500 -28.33 48.07 -4.90
CA ARG B 500 -28.18 47.13 -3.75
C ARG B 500 -26.70 46.70 -3.61
N THR B 501 -25.98 46.59 -4.73
CA THR B 501 -24.55 46.17 -4.75
C THR B 501 -23.72 47.31 -4.18
N GLU B 502 -24.00 48.55 -4.60
CA GLU B 502 -23.34 49.77 -4.05
C GLU B 502 -23.50 49.80 -2.52
N THR B 503 -24.72 49.70 -2.01
CA THR B 503 -25.01 49.69 -0.55
C THR B 503 -24.14 48.63 0.13
N ALA B 504 -24.16 47.41 -0.40
CA ALA B 504 -23.43 46.24 0.14
C ALA B 504 -21.92 46.54 0.22
N LEU B 505 -21.35 47.18 -0.82
CA LEU B 505 -19.90 47.45 -0.94
C LEU B 505 -19.50 48.60 0.01
N ARG B 506 -20.24 49.71 0.02
CA ARG B 506 -20.08 50.80 1.03
C ARG B 506 -20.08 50.18 2.42
N SER B 507 -21.06 49.31 2.72
CA SER B 507 -21.13 48.60 4.03
C SER B 507 -19.82 47.79 4.26
N LEU B 508 -19.41 46.98 3.29
CA LEU B 508 -18.21 46.10 3.42
C LEU B 508 -16.96 46.95 3.65
N PHE B 509 -16.76 47.99 2.85
CA PHE B 509 -15.51 48.79 2.86
C PHE B 509 -15.49 49.71 4.09
N THR B 510 -16.65 50.02 4.67
CA THR B 510 -16.76 50.78 5.95
C THR B 510 -16.32 49.85 7.09
N ALA B 511 -16.79 48.60 7.11
CA ALA B 511 -16.34 47.59 8.10
C ALA B 511 -14.84 47.33 7.95
N LEU B 512 -14.30 47.31 6.74
CA LEU B 512 -12.87 47.01 6.51
C LEU B 512 -12.01 48.19 7.00
N ARG B 513 -12.39 49.42 6.64
CA ARG B 513 -11.83 50.69 7.18
C ARG B 513 -11.76 50.63 8.72
N ASP B 514 -12.87 50.28 9.37
CA ASP B 514 -13.02 50.18 10.86
C ASP B 514 -12.33 48.92 11.42
N GLN B 515 -11.71 48.10 10.58
CA GLN B 515 -10.93 46.92 11.01
C GLN B 515 -11.77 46.02 11.93
N ASP B 516 -13.04 45.83 11.57
CA ASP B 516 -14.03 45.05 12.36
C ASP B 516 -13.90 43.56 12.04
N GLY B 517 -12.79 42.94 12.46
CA GLY B 517 -12.50 41.50 12.30
C GLY B 517 -13.61 40.60 12.84
N ASP B 518 -14.31 41.00 13.90
CA ASP B 518 -15.37 40.15 14.52
C ASP B 518 -16.53 40.04 13.53
N ARG B 519 -16.78 41.09 12.76
CA ARG B 519 -17.94 41.17 11.84
C ARG B 519 -17.60 40.51 10.49
N LEU B 520 -16.32 40.54 10.08
CA LEU B 520 -15.84 40.15 8.73
C LEU B 520 -15.40 38.67 8.73
N VAL B 521 -14.66 38.25 9.75
CA VAL B 521 -14.10 36.88 9.86
C VAL B 521 -14.89 36.10 10.93
N LEU B 522 -15.26 34.85 10.65
CA LEU B 522 -16.03 33.97 11.59
C LEU B 522 -15.10 33.28 12.58
N GLY C 6 14.29 -50.70 33.42
CA GLY C 6 13.94 -50.52 34.86
C GLY C 6 14.59 -49.28 35.47
N GLU C 7 15.74 -48.83 34.95
CA GLU C 7 16.61 -47.84 35.65
C GLU C 7 16.03 -46.43 35.52
N PRO C 8 16.30 -45.53 36.49
CA PRO C 8 15.91 -44.13 36.38
C PRO C 8 16.38 -43.47 35.07
N VAL C 9 15.45 -42.78 34.43
CA VAL C 9 15.68 -41.98 33.18
C VAL C 9 15.01 -40.61 33.39
N TYR C 10 15.70 -39.55 32.96
CA TYR C 10 15.36 -38.14 33.30
C TYR C 10 15.01 -37.32 32.05
N ALA C 11 15.34 -37.81 30.85
CA ALA C 11 14.94 -37.20 29.56
C ALA C 11 15.01 -38.26 28.47
N ASP C 12 14.15 -38.13 27.46
CA ASP C 12 14.36 -38.69 26.10
C ASP C 12 14.17 -40.22 26.05
N ALA C 13 13.57 -40.86 27.05
CA ALA C 13 13.38 -42.33 27.04
C ALA C 13 12.54 -42.74 25.83
N VAL C 14 11.41 -42.07 25.60
CA VAL C 14 10.49 -42.41 24.47
C VAL C 14 11.15 -42.00 23.16
N LEU C 15 11.74 -40.81 23.09
CA LEU C 15 12.45 -40.32 21.87
C LEU C 15 13.54 -41.33 21.49
N ASN C 16 14.39 -41.74 22.44
CA ASN C 16 15.54 -42.65 22.18
C ASN C 16 14.99 -44.05 21.78
N GLY C 17 13.99 -44.57 22.51
CA GLY C 17 13.35 -45.85 22.18
C GLY C 17 12.90 -45.86 20.73
N TRP C 18 12.16 -44.82 20.33
CA TRP C 18 11.64 -44.73 18.95
C TRP C 18 12.79 -44.57 17.95
N LEU C 19 13.78 -43.71 18.20
CA LEU C 19 14.94 -43.56 17.27
C LEU C 19 15.64 -44.92 17.09
N THR C 20 15.80 -45.70 18.18
CA THR C 20 16.54 -46.99 18.14
C THR C 20 15.80 -47.95 17.20
N SER C 21 14.48 -48.01 17.29
CA SER C 21 13.66 -48.97 16.50
C SER C 21 13.60 -48.57 15.02
N MET C 22 13.85 -47.30 14.68
CA MET C 22 13.94 -46.81 13.27
C MET C 22 15.35 -47.03 12.69
N GLY C 23 16.32 -47.42 13.52
CA GLY C 23 17.74 -47.57 13.12
C GLY C 23 18.50 -46.24 13.13
N LEU C 24 18.04 -45.28 13.94
CA LEU C 24 18.61 -43.90 14.04
C LEU C 24 19.17 -43.66 15.44
N GLY C 25 19.30 -44.71 16.26
CA GLY C 25 19.82 -44.62 17.63
C GLY C 25 21.34 -44.55 17.61
N VAL C 26 21.90 -43.38 17.30
CA VAL C 26 23.38 -43.17 17.27
C VAL C 26 23.66 -41.87 18.04
N GLU C 27 24.84 -41.77 18.66
CA GLU C 27 25.32 -40.52 19.32
C GLU C 27 26.43 -39.91 18.45
N TYR C 28 26.22 -38.69 17.95
CA TYR C 28 27.25 -37.97 17.17
C TYR C 28 28.20 -37.32 18.18
N VAL C 29 29.51 -37.58 18.11
CA VAL C 29 30.46 -37.11 19.16
C VAL C 29 31.25 -35.92 18.64
N ARG C 30 31.28 -35.67 17.33
CA ARG C 30 32.05 -34.54 16.74
C ARG C 30 31.45 -34.22 15.37
N ALA C 31 31.64 -33.01 14.86
CA ALA C 31 31.13 -32.60 13.54
C ALA C 31 32.07 -31.56 12.94
N GLU C 32 32.34 -31.67 11.64
CA GLU C 32 33.03 -30.60 10.90
C GLU C 32 32.57 -30.67 9.45
N GLY C 33 32.38 -29.50 8.84
CA GLY C 33 31.83 -29.37 7.48
C GLY C 33 30.56 -30.19 7.32
N ASN C 34 30.57 -31.13 6.39
CA ASN C 34 29.38 -31.91 5.98
C ASN C 34 29.40 -33.25 6.70
N THR C 35 30.28 -33.45 7.68
CA THR C 35 30.47 -34.75 8.37
C THR C 35 30.14 -34.67 9.86
N VAL C 36 29.35 -35.63 10.34
CA VAL C 36 29.19 -35.94 11.78
C VAL C 36 29.86 -37.29 12.02
N TYR C 37 30.42 -37.50 13.22
CA TYR C 37 31.18 -38.73 13.59
C TYR C 37 30.46 -39.42 14.75
N TYR C 38 30.26 -40.74 14.69
CA TYR C 38 29.86 -41.57 15.86
C TYR C 38 31.02 -42.55 16.16
N LEU C 39 31.00 -43.16 17.35
CA LEU C 39 31.96 -44.23 17.74
C LEU C 39 31.34 -45.61 17.48
N ASP C 40 32.03 -46.46 16.72
CA ASP C 40 31.65 -47.90 16.50
C ASP C 40 31.92 -48.68 17.80
N ASP C 41 31.60 -49.98 17.81
CA ASP C 41 31.70 -50.85 19.01
C ASP C 41 33.16 -50.92 19.51
N GLU C 42 34.14 -50.75 18.61
CA GLU C 42 35.60 -50.84 18.92
C GLU C 42 36.15 -49.46 19.31
N GLY C 43 35.36 -48.39 19.25
CA GLY C 43 35.75 -47.03 19.68
C GLY C 43 36.37 -46.18 18.58
N ARG C 44 36.32 -46.61 17.31
CA ARG C 44 36.79 -45.81 16.14
C ARG C 44 35.72 -44.77 15.75
N GLU C 45 36.16 -43.57 15.37
CA GLU C 45 35.30 -42.50 14.77
C GLU C 45 34.88 -42.97 13.37
N VAL C 46 33.57 -42.99 13.11
CA VAL C 46 32.98 -43.32 11.78
C VAL C 46 32.45 -42.02 11.18
N PRO C 47 32.96 -41.59 10.00
CA PRO C 47 32.41 -40.41 9.33
C PRO C 47 31.06 -40.71 8.70
N VAL C 48 30.09 -39.80 8.86
CA VAL C 48 28.73 -39.89 8.27
C VAL C 48 28.45 -38.58 7.54
N LEU C 49 28.01 -38.66 6.29
CA LEU C 49 27.61 -37.48 5.49
C LEU C 49 26.25 -36.96 6.00
N ASP C 50 26.20 -35.70 6.43
CA ASP C 50 24.99 -35.04 6.98
C ASP C 50 24.24 -34.31 5.86
N HIS C 51 23.09 -34.83 5.46
CA HIS C 51 22.15 -34.18 4.50
C HIS C 51 21.06 -33.41 5.25
N ALA C 52 20.99 -33.54 6.57
CA ALA C 52 19.96 -32.88 7.40
C ALA C 52 20.46 -31.49 7.79
N CYS C 53 21.66 -31.41 8.38
CA CYS C 53 22.38 -30.14 8.66
C CYS C 53 21.45 -29.18 9.42
N GLY C 54 20.95 -29.61 10.57
CA GLY C 54 20.10 -28.78 11.44
C GLY C 54 18.86 -28.28 10.72
N PHE C 55 18.28 -29.14 9.87
CA PHE C 55 17.12 -28.81 9.01
C PHE C 55 17.42 -27.56 8.19
N GLY C 56 18.64 -27.41 7.67
CA GLY C 56 19.00 -26.29 6.79
C GLY C 56 19.71 -25.15 7.51
N SER C 57 20.00 -25.31 8.80
CA SER C 57 20.78 -24.33 9.60
C SER C 57 22.23 -24.21 9.09
N LEU C 58 22.80 -25.23 8.45
CA LEU C 58 24.27 -25.29 8.26
C LEU C 58 24.64 -25.02 6.80
N ILE C 59 24.30 -23.84 6.29
CA ILE C 59 24.64 -23.50 4.87
C ILE C 59 26.17 -23.54 4.74
N PHE C 60 26.91 -23.24 5.81
CA PHE C 60 28.40 -23.22 5.84
C PHE C 60 28.95 -24.48 6.52
N GLY C 61 28.08 -25.45 6.83
CA GLY C 61 28.47 -26.70 7.48
C GLY C 61 28.55 -26.58 8.99
N HIS C 62 28.88 -27.69 9.63
CA HIS C 62 29.14 -27.77 11.09
C HIS C 62 30.44 -27.01 11.40
N ASN C 63 30.43 -26.15 12.42
CA ASN C 63 31.66 -25.68 13.08
C ASN C 63 32.61 -25.10 12.03
N HIS C 64 32.14 -24.17 11.21
CA HIS C 64 32.97 -23.55 10.14
C HIS C 64 34.09 -22.80 10.83
N PRO C 65 35.37 -23.00 10.43
CA PRO C 65 36.50 -22.41 11.14
C PRO C 65 36.41 -20.88 11.25
N GLU C 66 35.93 -20.20 10.22
CA GLU C 66 35.73 -18.71 10.24
C GLU C 66 34.70 -18.36 11.33
N ILE C 67 33.60 -19.10 11.43
CA ILE C 67 32.52 -18.79 12.40
C ILE C 67 33.07 -19.08 13.80
N ILE C 68 33.80 -20.18 13.97
CA ILE C 68 34.37 -20.57 15.29
C ILE C 68 35.39 -19.51 15.74
N ALA C 69 36.27 -19.09 14.83
CA ALA C 69 37.32 -18.08 15.13
C ALA C 69 36.64 -16.76 15.54
N HIS C 70 35.66 -16.30 14.78
CA HIS C 70 34.88 -15.07 15.07
C HIS C 70 34.21 -15.18 16.46
N ALA C 71 33.57 -16.30 16.77
CA ALA C 71 32.91 -16.51 18.08
C ALA C 71 33.96 -16.42 19.19
N LYS C 72 35.12 -17.05 19.02
CA LYS C 72 36.18 -16.99 20.07
C LYS C 72 36.71 -15.56 20.23
N ALA C 73 36.87 -14.80 19.16
CA ALA C 73 37.35 -13.39 19.23
C ALA C 73 36.30 -12.55 19.97
N ALA C 74 35.02 -12.72 19.67
CA ALA C 74 33.94 -11.96 20.34
C ALA C 74 33.95 -12.25 21.84
N LEU C 75 34.19 -13.49 22.24
CA LEU C 75 34.21 -13.87 23.69
C LEU C 75 35.46 -13.29 24.36
N ASP C 76 36.60 -13.30 23.68
CA ASP C 76 37.89 -12.80 24.21
C ASP C 76 37.86 -11.27 24.33
N ALA C 77 37.08 -10.57 23.51
CA ALA C 77 36.98 -9.09 23.56
C ALA C 77 36.03 -8.65 24.68
N GLY C 78 35.38 -9.58 25.39
CA GLY C 78 34.41 -9.24 26.44
C GLY C 78 33.22 -8.54 25.84
N THR C 79 32.73 -9.01 24.71
CA THR C 79 31.47 -8.55 24.09
C THR C 79 30.39 -8.51 25.18
N VAL C 80 29.59 -7.46 25.21
CA VAL C 80 28.42 -7.33 26.13
C VAL C 80 27.31 -8.16 25.50
N VAL C 81 27.04 -9.30 26.11
CA VAL C 81 25.95 -10.22 25.71
C VAL C 81 24.64 -9.65 26.26
N HIS C 82 24.66 -9.25 27.54
CA HIS C 82 23.48 -8.72 28.28
C HIS C 82 23.60 -7.21 28.50
N ALA C 83 22.99 -6.44 27.61
CA ALA C 83 23.05 -4.96 27.58
C ALA C 83 21.62 -4.44 27.40
N GLN C 84 20.65 -5.07 28.07
CA GLN C 84 19.21 -4.76 27.85
C GLN C 84 18.99 -3.29 28.21
N LEU C 85 18.09 -2.62 27.49
CA LEU C 85 17.72 -1.19 27.67
C LEU C 85 18.98 -0.32 27.68
N SER C 86 19.82 -0.50 26.65
CA SER C 86 21.02 0.32 26.37
C SER C 86 21.14 0.39 24.86
N ARG C 87 22.00 1.26 24.32
CA ARG C 87 22.19 1.40 22.85
C ARG C 87 22.94 0.18 22.34
N GLN C 88 22.35 -0.56 21.40
CA GLN C 88 23.00 -1.72 20.72
C GLN C 88 22.99 -1.46 19.20
N PRO C 89 23.93 -0.65 18.67
CA PRO C 89 23.95 -0.32 17.25
C PRO C 89 24.03 -1.51 16.28
N ARG C 90 24.53 -2.67 16.71
CA ARG C 90 24.68 -3.83 15.80
C ARG C 90 23.31 -4.26 15.27
N ALA C 91 22.24 -4.09 16.04
CA ALA C 91 20.89 -4.47 15.59
C ALA C 91 20.55 -3.64 14.35
N ASN C 92 20.76 -2.33 14.42
CA ASN C 92 20.54 -1.40 13.29
C ASN C 92 21.44 -1.79 12.11
N GLN C 93 22.68 -2.19 12.39
CA GLN C 93 23.68 -2.52 11.35
C GLN C 93 23.24 -3.78 10.59
N ILE C 94 22.81 -4.83 11.30
CA ILE C 94 22.24 -6.08 10.73
C ILE C 94 21.00 -5.73 9.89
N SER C 95 20.08 -4.93 10.40
CA SER C 95 18.83 -4.59 9.67
C SER C 95 19.19 -3.84 8.38
N ARG C 96 20.15 -2.92 8.43
CA ARG C 96 20.64 -2.19 7.25
C ARG C 96 21.12 -3.16 6.17
N ILE C 97 21.92 -4.16 6.53
CA ILE C 97 22.48 -5.12 5.55
C ILE C 97 21.32 -5.89 4.91
N LEU C 98 20.39 -6.39 5.71
CA LEU C 98 19.25 -7.21 5.19
C LEU C 98 18.38 -6.34 4.29
N ASN C 99 18.17 -5.07 4.68
CA ASN C 99 17.44 -4.04 3.89
C ASN C 99 18.09 -3.87 2.52
N ASP C 100 19.41 -3.68 2.48
CA ASP C 100 20.17 -3.51 1.21
C ASP C 100 20.04 -4.77 0.37
N ILE C 101 20.22 -5.94 0.99
CA ILE C 101 20.15 -7.23 0.26
C ILE C 101 18.73 -7.35 -0.34
N MET C 102 17.67 -6.99 0.36
CA MET C 102 16.33 -7.20 -0.23
C MET C 102 16.08 -6.23 -1.39
N ARG C 103 16.58 -5.00 -1.30
CA ARG C 103 16.44 -3.99 -2.38
C ARG C 103 17.12 -4.55 -3.64
N ARG C 104 18.35 -5.03 -3.48
CA ARG C 104 19.15 -5.59 -4.60
C ARG C 104 18.38 -6.75 -5.24
N GLU C 105 17.74 -7.63 -4.46
CA GLU C 105 17.19 -8.90 -5.01
C GLU C 105 15.78 -8.65 -5.54
N THR C 106 15.04 -7.67 -5.04
CA THR C 106 13.63 -7.43 -5.48
C THR C 106 13.54 -6.19 -6.39
N GLY C 107 14.59 -5.38 -6.44
CA GLY C 107 14.57 -4.07 -7.12
C GLY C 107 13.62 -3.08 -6.48
N ARG C 108 12.93 -3.43 -5.38
CA ARG C 108 12.02 -2.53 -4.62
C ARG C 108 12.80 -1.74 -3.57
N ASP C 109 12.52 -0.46 -3.46
CA ASP C 109 13.27 0.47 -2.57
C ASP C 109 12.42 0.64 -1.30
N ASP C 110 12.09 -0.49 -0.68
CA ASP C 110 11.27 -0.60 0.55
C ASP C 110 12.21 -0.64 1.76
N ARG C 111 11.74 -0.15 2.90
CA ARG C 111 12.55 -0.15 4.13
C ARG C 111 11.82 -0.95 5.22
N TYR C 112 12.59 -1.68 6.02
CA TYR C 112 12.07 -2.62 7.05
C TYR C 112 12.73 -2.34 8.40
N ASN C 113 11.90 -2.28 9.43
CA ASN C 113 12.32 -2.35 10.85
C ASN C 113 12.61 -3.80 11.24
N ALA C 114 13.63 -4.02 12.06
CA ALA C 114 14.06 -5.33 12.60
C ALA C 114 13.71 -5.43 14.10
N ILE C 115 13.04 -6.51 14.45
CA ILE C 115 12.87 -6.94 15.87
C ILE C 115 13.54 -8.31 15.96
N PHE C 116 14.49 -8.47 16.87
CA PHE C 116 15.24 -9.74 17.03
C PHE C 116 14.54 -10.67 18.03
N ALA C 117 14.77 -11.97 17.90
CA ALA C 117 14.27 -12.97 18.85
C ALA C 117 15.26 -14.13 18.92
N ASN C 118 14.81 -15.27 19.43
CA ASN C 118 15.69 -16.40 19.86
C ASN C 118 15.43 -17.66 19.04
N SER C 119 14.34 -17.68 18.27
CA SER C 119 13.95 -18.85 17.46
C SER C 119 13.04 -18.38 16.32
N GLY C 120 12.87 -19.23 15.32
CA GLY C 120 11.95 -19.00 14.19
C GLY C 120 10.53 -18.80 14.69
N ALA C 121 10.09 -19.64 15.61
CA ALA C 121 8.75 -19.52 16.23
C ALA C 121 8.61 -18.12 16.85
N GLU C 122 9.60 -17.66 17.63
CA GLU C 122 9.51 -16.34 18.29
C GLU C 122 9.37 -15.23 17.24
N ALA C 123 10.10 -15.33 16.11
CA ALA C 123 10.08 -14.30 15.04
C ALA C 123 8.68 -14.31 14.37
N ASN C 124 8.17 -15.49 14.06
CA ASN C 124 6.79 -15.66 13.52
C ASN C 124 5.79 -15.08 14.53
N GLU C 125 6.02 -15.16 15.84
CA GLU C 125 5.02 -14.68 16.83
C GLU C 125 5.11 -13.15 17.00
N ILE C 126 6.29 -12.58 16.83
CA ILE C 126 6.44 -11.09 16.70
C ILE C 126 5.54 -10.61 15.54
N CYS C 127 5.57 -11.30 14.38
CA CYS C 127 4.74 -10.92 13.22
C CYS C 127 3.24 -11.08 13.54
N MET C 128 2.84 -12.19 14.19
CA MET C 128 1.41 -12.43 14.59
C MET C 128 0.95 -11.27 15.47
N LYS C 129 1.79 -10.87 16.43
CA LYS C 129 1.52 -9.79 17.41
C LYS C 129 1.40 -8.46 16.67
N HIS C 130 2.38 -8.12 15.81
CA HIS C 130 2.36 -6.82 15.11
C HIS C 130 1.18 -6.81 14.14
N ALA C 131 0.87 -7.94 13.52
CA ALA C 131 -0.31 -8.06 12.63
C ALA C 131 -1.59 -7.77 13.42
N GLU C 132 -1.63 -8.22 14.68
CA GLU C 132 -2.81 -7.98 15.55
C GLU C 132 -2.84 -6.52 15.97
N LEU C 133 -1.70 -5.83 16.14
CA LEU C 133 -1.69 -4.34 16.40
C LEU C 133 -2.36 -3.63 15.20
N GLU C 134 -1.99 -4.00 13.96
CA GLU C 134 -2.56 -3.39 12.74
C GLU C 134 -4.07 -3.60 12.72
N ARG C 135 -4.54 -4.82 13.02
CA ARG C 135 -5.98 -5.17 13.00
C ARG C 135 -6.73 -4.30 14.04
N GLN C 136 -6.15 -4.11 15.24
CA GLN C 136 -6.76 -3.27 16.30
C GLN C 136 -6.85 -1.81 15.85
N GLU C 137 -5.84 -1.29 15.14
CA GLU C 137 -5.90 0.06 14.51
C GLU C 137 -7.09 0.11 13.53
N ARG C 138 -7.23 -0.89 12.64
CA ARG C 138 -8.32 -0.92 11.64
C ARG C 138 -9.66 -0.98 12.37
N ILE C 139 -9.76 -1.77 13.42
CA ILE C 139 -11.01 -1.90 14.23
C ILE C 139 -11.39 -0.55 14.86
N THR C 140 -10.43 0.18 15.44
CA THR C 140 -10.68 1.49 16.11
C THR C 140 -11.27 2.49 15.10
N ALA C 141 -10.62 2.60 13.93
CA ALA C 141 -11.02 3.47 12.81
C ALA C 141 -12.45 3.14 12.39
N LEU C 142 -12.73 1.86 12.15
CA LEU C 142 -14.06 1.35 11.74
C LEU C 142 -15.13 1.73 12.78
N PHE C 143 -14.89 1.43 14.06
CA PHE C 143 -15.85 1.67 15.17
C PHE C 143 -16.06 3.19 15.37
N ALA C 144 -15.02 4.00 15.17
CA ALA C 144 -15.10 5.48 15.21
C ALA C 144 -16.04 5.99 14.11
N GLU C 145 -15.97 5.43 12.90
CA GLU C 145 -16.85 5.81 11.77
C GLU C 145 -18.29 5.43 12.11
N ILE C 146 -18.48 4.24 12.68
CA ILE C 146 -19.84 3.66 12.97
C ILE C 146 -20.52 4.55 14.02
N ASP C 147 -19.81 5.00 15.05
CA ASP C 147 -20.32 5.98 16.04
C ASP C 147 -20.85 7.22 15.31
N ALA C 148 -20.01 7.86 14.50
CA ALA C 148 -20.36 9.04 13.67
C ALA C 148 -21.59 8.74 12.79
N GLU C 149 -21.65 7.55 12.14
CA GLU C 149 -22.81 7.12 11.31
C GLU C 149 -24.06 6.93 12.20
N LEU C 150 -23.88 6.48 13.44
CA LEU C 150 -25.01 6.25 14.38
C LEU C 150 -25.56 7.60 14.85
N ASP C 151 -24.67 8.53 15.24
CA ASP C 151 -24.99 9.92 15.66
C ASP C 151 -25.80 10.64 14.58
N THR C 152 -25.28 10.66 13.34
CA THR C 152 -25.92 11.28 12.15
C THR C 152 -27.32 10.67 11.95
N ALA C 153 -27.45 9.35 11.91
CA ALA C 153 -28.74 8.67 11.73
C ALA C 153 -29.69 9.05 12.87
N ARG C 154 -29.21 9.03 14.12
CA ARG C 154 -30.00 9.39 15.33
C ARG C 154 -30.51 10.84 15.19
N GLU C 155 -29.62 11.77 14.81
CA GLU C 155 -29.95 13.18 14.50
C GLU C 155 -31.15 13.21 13.56
N ALA C 156 -31.08 12.51 12.44
CA ALA C 156 -32.07 12.54 11.34
C ALA C 156 -33.39 11.92 11.79
N LEU C 157 -33.34 10.89 12.64
CA LEU C 157 -34.55 10.13 13.07
C LEU C 157 -35.28 10.91 14.17
N THR C 158 -34.56 11.54 15.10
CA THR C 158 -35.15 12.31 16.24
C THR C 158 -35.62 13.68 15.74
N THR C 159 -34.75 14.49 15.12
CA THR C 159 -35.09 15.80 14.48
C THR C 159 -36.36 15.66 13.64
N GLY C 160 -36.51 14.57 12.90
CA GLY C 160 -37.69 14.26 12.07
C GLY C 160 -37.34 14.15 10.59
N THR C 161 -36.19 14.70 10.15
CA THR C 161 -35.83 14.86 8.71
C THR C 161 -35.93 13.52 7.97
N ALA C 162 -35.80 12.37 8.65
CA ALA C 162 -35.75 11.02 8.04
C ALA C 162 -36.55 10.00 8.84
N THR C 163 -37.01 8.95 8.16
CA THR C 163 -37.79 7.80 8.71
C THR C 163 -36.92 6.54 8.68
N LEU C 164 -37.06 5.67 9.69
CA LEU C 164 -36.31 4.39 9.83
C LEU C 164 -37.02 3.31 9.02
N ASP C 165 -36.37 2.71 8.01
CA ASP C 165 -36.94 1.59 7.23
C ASP C 165 -36.89 0.32 8.06
N THR C 166 -37.98 -0.45 8.09
CA THR C 166 -38.24 -1.59 9.02
C THR C 166 -38.03 -2.94 8.31
N ALA C 167 -37.85 -2.93 6.98
CA ALA C 167 -37.41 -4.09 6.16
C ALA C 167 -35.98 -4.51 6.54
N SER C 168 -35.23 -3.62 7.20
CA SER C 168 -33.80 -3.77 7.59
C SER C 168 -33.67 -4.34 9.01
N LEU C 169 -34.74 -4.31 9.82
CA LEU C 169 -34.73 -4.69 11.26
C LEU C 169 -34.43 -6.18 11.46
N PRO C 170 -34.75 -7.12 10.53
CA PRO C 170 -34.25 -8.49 10.65
C PRO C 170 -32.78 -8.62 11.09
N LEU C 171 -31.92 -7.66 10.72
CA LEU C 171 -30.48 -7.63 11.11
C LEU C 171 -30.33 -7.36 12.62
N VAL C 172 -31.38 -6.89 13.29
CA VAL C 172 -31.47 -6.84 14.79
C VAL C 172 -32.81 -7.48 15.20
N ASP C 178 -38.16 2.99 17.09
CA ASP C 178 -37.50 1.96 17.93
C ASP C 178 -36.05 2.42 18.22
N VAL C 179 -35.77 3.70 17.94
CA VAL C 179 -34.40 4.30 17.73
C VAL C 179 -33.42 3.74 18.76
N ASP C 180 -33.50 4.20 20.01
CA ASP C 180 -32.51 3.93 21.08
C ASP C 180 -32.25 2.42 21.21
N GLY C 181 -33.30 1.60 21.12
CA GLY C 181 -33.23 0.13 21.23
C GLY C 181 -32.41 -0.46 20.10
N VAL C 182 -32.66 -0.03 18.86
CA VAL C 182 -31.94 -0.50 17.63
C VAL C 182 -30.44 -0.18 17.77
N ILE C 183 -30.09 0.99 18.33
CA ILE C 183 -28.67 1.41 18.52
C ILE C 183 -28.01 0.52 19.58
N ALA C 184 -28.63 0.35 20.75
CA ALA C 184 -28.12 -0.52 21.82
C ALA C 184 -27.90 -1.94 21.29
N ASP C 185 -28.81 -2.42 20.43
CA ASP C 185 -28.78 -3.79 19.84
C ASP C 185 -27.60 -3.92 18.86
N ILE C 186 -27.26 -2.81 18.18
CA ILE C 186 -26.11 -2.71 17.24
C ILE C 186 -24.80 -2.66 18.05
N HIS C 187 -24.76 -1.89 19.14
CA HIS C 187 -23.60 -1.79 20.06
C HIS C 187 -23.27 -3.14 20.69
N ARG C 188 -24.29 -3.95 20.99
CA ARG C 188 -24.15 -5.31 21.57
C ARG C 188 -23.54 -6.23 20.52
N HIS C 189 -24.17 -6.33 19.34
CA HIS C 189 -23.70 -7.10 18.14
C HIS C 189 -22.23 -6.80 17.86
N ASN C 190 -21.89 -5.51 17.76
CA ASN C 190 -20.56 -5.03 17.34
C ASN C 190 -19.53 -5.41 18.42
N ASP C 191 -19.90 -5.33 19.71
CA ASP C 191 -18.98 -5.64 20.83
C ASP C 191 -18.67 -7.14 20.85
N GLU C 192 -19.67 -7.98 20.64
CA GLU C 192 -19.47 -9.45 20.57
C GLU C 192 -18.45 -9.73 19.46
N ARG C 193 -18.71 -9.19 18.26
CA ARG C 193 -17.81 -9.33 17.08
C ARG C 193 -16.39 -8.86 17.42
N ARG C 194 -16.26 -7.71 18.09
CA ARG C 194 -14.94 -7.09 18.36
C ARG C 194 -14.11 -8.01 19.26
N ALA C 195 -14.76 -8.79 20.13
CA ALA C 195 -14.10 -9.64 21.15
C ALA C 195 -13.72 -11.00 20.55
N GLU C 196 -14.28 -11.38 19.40
CA GLU C 196 -14.01 -12.70 18.75
C GLU C 196 -12.52 -12.81 18.40
N ARG C 197 -11.98 -14.02 18.42
CA ARG C 197 -10.56 -14.28 18.12
C ARG C 197 -10.35 -14.04 16.63
N PRO C 198 -9.20 -13.49 16.20
CA PRO C 198 -8.90 -13.40 14.78
C PRO C 198 -8.59 -14.77 14.16
N LEU C 199 -8.37 -14.74 12.86
CA LEU C 199 -8.00 -15.90 12.04
C LEU C 199 -6.63 -15.61 11.43
N PHE C 200 -5.84 -16.64 11.19
CA PHE C 200 -4.61 -16.55 10.37
C PHE C 200 -4.86 -17.41 9.14
N LEU C 201 -4.37 -17.00 7.97
CA LEU C 201 -4.41 -17.87 6.78
C LEU C 201 -3.00 -18.43 6.59
N THR C 202 -2.92 -19.72 6.31
CA THR C 202 -1.68 -20.44 5.94
C THR C 202 -1.98 -21.32 4.72
N LEU C 203 -0.97 -21.99 4.19
CA LEU C 203 -1.12 -23.02 3.15
C LEU C 203 -1.23 -24.39 3.82
N ASP C 204 -1.86 -25.36 3.13
CA ASP C 204 -1.85 -26.78 3.54
C ASP C 204 -0.38 -27.23 3.61
N GLY C 205 -0.02 -27.97 4.68
CA GLY C 205 1.34 -28.49 4.90
C GLY C 205 2.24 -27.46 5.57
N SER C 206 1.73 -26.25 5.84
CA SER C 206 2.50 -25.11 6.42
C SER C 206 3.24 -25.58 7.68
N PHE C 207 4.46 -25.13 7.87
CA PHE C 207 5.18 -25.25 9.16
C PHE C 207 5.70 -23.88 9.58
N HIS C 208 5.23 -23.32 10.69
CA HIS C 208 5.58 -21.96 11.18
C HIS C 208 6.05 -21.99 12.66
N GLY C 209 6.30 -23.18 13.21
CA GLY C 209 6.73 -23.34 14.61
C GLY C 209 5.71 -24.07 15.49
N LYS C 210 6.06 -24.28 16.75
CA LYS C 210 5.35 -25.23 17.64
C LYS C 210 5.08 -24.64 19.02
N LEU C 211 5.14 -23.33 19.18
CA LEU C 211 4.76 -22.65 20.47
C LEU C 211 3.22 -22.48 20.48
N VAL C 212 2.65 -21.90 21.55
CA VAL C 212 1.17 -21.87 21.78
C VAL C 212 0.46 -21.19 20.61
N GLY C 213 1.00 -20.06 20.13
CA GLY C 213 0.47 -19.29 18.98
C GLY C 213 0.81 -19.95 17.65
N SER C 214 2.09 -20.20 17.40
CA SER C 214 2.62 -20.65 16.09
C SER C 214 2.13 -22.08 15.77
N ILE C 215 1.90 -22.93 16.79
CA ILE C 215 1.49 -24.35 16.52
C ILE C 215 0.17 -24.35 15.74
N GLN C 216 -0.73 -23.40 16.01
CA GLN C 216 -2.03 -23.33 15.30
C GLN C 216 -1.76 -23.11 13.80
N LEU C 217 -0.60 -22.56 13.43
CA LEU C 217 -0.22 -22.21 12.02
C LEU C 217 0.54 -23.37 11.35
N THR C 218 0.75 -24.47 12.08
CA THR C 218 1.45 -25.69 11.60
C THR C 218 0.42 -26.80 11.34
N GLN C 219 0.33 -27.30 10.11
CA GLN C 219 -0.75 -28.24 9.76
C GLN C 219 -0.57 -29.60 10.45
N ASN C 220 0.64 -30.20 10.43
CA ASN C 220 0.92 -31.58 10.95
C ASN C 220 -0.01 -31.90 12.12
N GLU C 221 -1.02 -32.76 11.93
CA GLU C 221 -2.19 -32.93 12.83
C GLU C 221 -1.81 -33.47 14.21
N PRO C 222 -0.93 -34.49 14.35
CA PRO C 222 -0.51 -34.95 15.67
C PRO C 222 0.20 -33.86 16.51
N TRP C 223 0.92 -32.94 15.87
CA TRP C 223 1.65 -31.82 16.53
C TRP C 223 0.68 -30.73 17.02
N ARG C 224 -0.43 -30.51 16.30
CA ARG C 224 -1.31 -29.30 16.48
C ARG C 224 -2.61 -29.64 17.23
N THR C 225 -3.36 -30.65 16.80
CA THR C 225 -4.78 -30.87 17.19
C THR C 225 -4.93 -30.96 18.72
N PRO C 226 -3.95 -31.49 19.49
CA PRO C 226 -4.09 -31.50 20.95
C PRO C 226 -4.21 -30.10 21.57
N PHE C 227 -3.77 -29.04 20.85
CA PHE C 227 -3.57 -27.67 21.35
C PHE C 227 -4.58 -26.68 20.74
N THR C 228 -5.55 -27.16 19.97
CA THR C 228 -6.58 -26.37 19.23
C THR C 228 -7.22 -25.29 20.11
N ALA C 229 -7.59 -25.63 21.35
CA ALA C 229 -8.39 -24.75 22.23
C ALA C 229 -7.57 -23.56 22.75
N LEU C 230 -6.23 -23.59 22.66
CA LEU C 230 -5.35 -22.60 23.35
C LEU C 230 -5.44 -21.23 22.67
N SER C 231 -5.43 -21.20 21.34
CA SER C 231 -4.97 -20.02 20.56
C SER C 231 -5.75 -19.90 19.24
N SER C 232 -5.73 -18.71 18.65
CA SER C 232 -6.43 -18.37 17.38
C SER C 232 -6.08 -19.40 16.32
N PRO C 233 -7.07 -19.92 15.57
CA PRO C 233 -6.81 -20.94 14.56
C PRO C 233 -6.31 -20.29 13.24
N ALA C 234 -5.74 -21.14 12.39
CA ALA C 234 -5.44 -20.89 10.97
C ALA C 234 -6.44 -21.65 10.10
N ARG C 235 -6.76 -21.09 8.94
CA ARG C 235 -7.42 -21.84 7.85
C ARG C 235 -6.32 -22.18 6.85
N PHE C 236 -6.12 -23.46 6.61
CA PHE C 236 -5.08 -24.02 5.72
C PHE C 236 -5.63 -24.03 4.30
N LEU C 237 -5.11 -23.15 3.47
CA LEU C 237 -5.61 -22.95 2.09
C LEU C 237 -4.97 -24.01 1.20
N PRO C 238 -5.75 -24.63 0.30
CA PRO C 238 -5.21 -25.70 -0.54
C PRO C 238 -4.33 -25.08 -1.63
N ALA C 239 -3.00 -25.20 -1.48
CA ALA C 239 -1.98 -24.67 -2.42
C ALA C 239 -2.23 -25.21 -3.82
N ASP C 240 -2.66 -26.47 -3.91
CA ASP C 240 -2.85 -27.21 -5.19
C ASP C 240 -4.10 -26.69 -5.90
N GLU C 241 -5.25 -26.63 -5.21
CA GLU C 241 -6.57 -26.23 -5.77
C GLU C 241 -6.87 -24.75 -5.46
N PRO C 242 -6.16 -23.76 -6.06
CA PRO C 242 -6.23 -22.37 -5.61
C PRO C 242 -7.48 -21.59 -6.05
N GLU C 243 -8.34 -22.19 -6.87
CA GLU C 243 -9.64 -21.57 -7.27
C GLU C 243 -10.62 -21.77 -6.12
N LEU C 244 -10.27 -22.62 -5.14
CA LEU C 244 -11.08 -22.94 -3.93
C LEU C 244 -10.77 -21.96 -2.79
N ILE C 245 -9.61 -21.30 -2.82
CA ILE C 245 -9.11 -20.37 -1.77
C ILE C 245 -10.08 -19.18 -1.66
N GLY C 246 -10.42 -18.56 -2.80
CA GLY C 246 -11.37 -17.44 -2.89
C GLY C 246 -12.61 -17.69 -2.07
N LYS C 247 -13.22 -18.86 -2.23
CA LYS C 247 -14.52 -19.19 -1.58
C LYS C 247 -14.29 -19.50 -0.09
N ILE C 248 -13.20 -20.19 0.27
CA ILE C 248 -12.89 -20.51 1.70
C ILE C 248 -12.74 -19.21 2.50
N VAL C 249 -12.04 -18.21 1.93
CA VAL C 249 -11.78 -16.91 2.63
C VAL C 249 -13.09 -16.14 2.68
N GLU C 250 -13.86 -16.18 1.60
CA GLU C 250 -15.21 -15.53 1.50
C GLU C 250 -16.14 -16.09 2.58
N ASP C 251 -16.14 -17.40 2.88
CA ASP C 251 -16.94 -17.99 4.00
C ASP C 251 -16.54 -17.37 5.34
N GLU C 252 -15.32 -16.84 5.49
CA GLU C 252 -14.83 -16.27 6.78
C GLU C 252 -15.17 -14.78 6.91
N ARG C 253 -15.77 -14.14 5.91
CA ARG C 253 -16.21 -12.72 6.01
C ARG C 253 -17.18 -12.60 7.21
N ARG C 254 -17.03 -11.55 8.02
CA ARG C 254 -17.95 -11.25 9.14
C ARG C 254 -18.32 -9.77 9.09
N SER C 255 -19.54 -9.45 9.54
CA SER C 255 -20.12 -8.09 9.49
C SER C 255 -20.22 -7.51 10.89
N VAL C 256 -20.03 -6.21 10.97
CA VAL C 256 -20.61 -5.33 12.02
C VAL C 256 -21.79 -4.58 11.39
N LEU C 257 -22.61 -3.96 12.24
CA LEU C 257 -23.85 -3.26 11.84
C LEU C 257 -23.65 -1.76 12.04
N THR C 258 -24.32 -0.97 11.20
CA THR C 258 -24.41 0.51 11.37
C THR C 258 -25.75 0.99 10.81
N LEU C 259 -26.03 2.28 10.96
CA LEU C 259 -27.21 2.96 10.36
C LEU C 259 -26.72 3.82 9.20
N SER C 260 -27.23 3.54 8.00
CA SER C 260 -26.97 4.27 6.74
C SER C 260 -28.13 5.27 6.49
N LEU C 261 -27.82 6.56 6.53
CA LEU C 261 -28.75 7.66 6.16
C LEU C 261 -28.62 7.95 4.66
N ASP C 262 -29.68 7.72 3.88
CA ASP C 262 -29.81 8.15 2.46
C ASP C 262 -30.83 9.29 2.41
N LYS C 263 -30.46 10.41 3.07
CA LYS C 263 -31.24 11.66 3.31
C LYS C 263 -32.73 11.35 3.11
N ASP C 264 -33.41 11.05 4.21
CA ASP C 264 -34.90 10.92 4.37
C ASP C 264 -35.21 9.48 4.83
N THR C 265 -34.40 8.51 4.42
CA THR C 265 -34.50 7.07 4.84
C THR C 265 -33.23 6.67 5.61
N VAL C 266 -33.40 5.94 6.72
CA VAL C 266 -32.30 5.33 7.52
C VAL C 266 -32.52 3.81 7.51
N ARG C 267 -31.48 3.05 7.16
CA ARG C 267 -31.49 1.57 7.08
C ARG C 267 -30.37 1.00 7.95
N VAL C 268 -30.65 -0.10 8.65
CA VAL C 268 -29.60 -0.96 9.28
C VAL C 268 -28.91 -1.70 8.12
N VAL C 269 -27.59 -1.65 8.08
CA VAL C 269 -26.77 -2.35 7.03
C VAL C 269 -25.55 -2.99 7.67
N GLU C 270 -25.04 -4.01 6.99
CA GLU C 270 -23.76 -4.69 7.31
C GLU C 270 -22.61 -3.93 6.67
N ARG C 271 -21.48 -3.85 7.37
CA ARG C 271 -20.15 -3.44 6.87
C ARG C 271 -19.12 -4.52 7.24
N ASP C 272 -18.02 -4.60 6.49
CA ASP C 272 -16.97 -5.63 6.68
C ASP C 272 -16.28 -5.43 8.01
N PHE C 273 -16.05 -6.52 8.75
CA PHE C 273 -15.21 -6.55 9.97
C PHE C 273 -13.89 -7.23 9.63
N PRO C 274 -12.74 -6.65 10.01
CA PRO C 274 -11.44 -7.29 9.79
C PRO C 274 -11.24 -8.49 10.74
N VAL C 275 -11.43 -9.69 10.20
CA VAL C 275 -11.33 -11.00 10.92
C VAL C 275 -9.89 -11.52 10.80
N VAL C 276 -9.31 -11.47 9.61
CA VAL C 276 -7.99 -12.10 9.31
C VAL C 276 -6.86 -11.17 9.77
N ALA C 277 -6.02 -11.62 10.71
CA ALA C 277 -4.87 -10.85 11.25
C ALA C 277 -3.70 -10.84 10.26
N ALA C 278 -3.45 -11.96 9.58
CA ALA C 278 -2.28 -12.12 8.68
C ALA C 278 -2.45 -13.35 7.81
N ILE C 279 -1.75 -13.35 6.67
CA ILE C 279 -1.50 -14.51 5.80
C ILE C 279 -0.04 -14.90 5.97
N PHE C 280 0.27 -16.18 6.21
CA PHE C 280 1.66 -16.68 6.30
C PHE C 280 1.96 -17.57 5.13
N VAL C 281 3.21 -17.53 4.63
CA VAL C 281 3.64 -18.39 3.51
C VAL C 281 5.15 -18.65 3.63
N GLU C 282 5.54 -19.89 3.34
CA GLU C 282 6.93 -20.33 3.15
C GLU C 282 7.24 -20.36 1.65
N PRO C 283 8.28 -19.65 1.17
CA PRO C 283 8.66 -19.74 -0.25
C PRO C 283 8.84 -21.19 -0.72
N VAL C 284 9.45 -22.03 0.12
CA VAL C 284 9.63 -23.49 -0.12
C VAL C 284 9.04 -24.19 1.11
N ARG C 285 8.04 -25.06 0.89
CA ARG C 285 7.12 -25.53 1.95
C ARG C 285 7.67 -26.82 2.58
N GLY C 286 8.41 -26.68 3.70
CA GLY C 286 9.07 -27.77 4.46
C GLY C 286 8.13 -28.92 4.80
N GLY C 287 6.97 -28.64 5.42
CA GLY C 287 5.99 -29.66 5.81
C GLY C 287 5.18 -30.21 4.65
N SER C 288 5.38 -29.69 3.42
CA SER C 288 4.75 -30.20 2.16
C SER C 288 5.76 -31.01 1.34
N GLY C 289 6.99 -31.19 1.82
CA GLY C 289 8.06 -31.92 1.11
C GLY C 289 8.89 -31.03 0.18
N MET C 290 9.19 -29.80 0.58
CA MET C 290 10.07 -28.82 -0.13
C MET C 290 9.42 -28.35 -1.45
N LYS C 291 8.09 -28.30 -1.55
CA LYS C 291 7.39 -27.76 -2.74
C LYS C 291 7.52 -26.22 -2.76
N THR C 292 8.04 -25.67 -3.86
CA THR C 292 8.14 -24.20 -4.06
C THR C 292 6.74 -23.64 -4.36
N VAL C 293 6.43 -22.45 -3.85
CA VAL C 293 5.22 -21.66 -4.22
C VAL C 293 5.29 -21.37 -5.72
N THR C 294 4.23 -21.72 -6.45
CA THR C 294 4.09 -21.47 -7.91
C THR C 294 3.72 -20.00 -8.13
N PRO C 295 3.98 -19.39 -9.30
CA PRO C 295 3.53 -18.02 -9.57
C PRO C 295 2.02 -17.81 -9.38
N GLU C 296 1.20 -18.79 -9.78
CA GLU C 296 -0.28 -18.78 -9.63
C GLU C 296 -0.64 -18.67 -8.16
N LEU C 297 0.04 -19.41 -7.29
CA LEU C 297 -0.29 -19.36 -5.84
C LEU C 297 0.17 -18.01 -5.24
N ALA C 298 1.36 -17.54 -5.62
CA ALA C 298 1.89 -16.22 -5.23
C ALA C 298 0.86 -15.14 -5.58
N GLU C 299 0.34 -15.13 -6.80
CA GLU C 299 -0.62 -14.09 -7.25
C GLU C 299 -1.89 -14.17 -6.43
N GLU C 300 -2.34 -15.37 -6.04
CA GLU C 300 -3.56 -15.52 -5.19
C GLU C 300 -3.31 -14.94 -3.78
N LEU C 301 -2.12 -15.16 -3.22
CA LEU C 301 -1.74 -14.63 -1.88
C LEU C 301 -1.70 -13.09 -1.94
N HIS C 302 -1.09 -12.54 -2.98
CA HIS C 302 -1.08 -11.08 -3.29
C HIS C 302 -2.51 -10.54 -3.33
N ARG C 303 -3.43 -11.22 -4.02
CA ARG C 303 -4.84 -10.78 -4.14
C ARG C 303 -5.49 -10.75 -2.75
N LEU C 304 -5.27 -11.78 -1.92
CA LEU C 304 -5.88 -11.86 -0.57
C LEU C 304 -5.36 -10.73 0.32
N ARG C 305 -4.05 -10.45 0.26
CA ARG C 305 -3.39 -9.35 1.02
C ARG C 305 -4.02 -7.99 0.60
N ASP C 306 -4.06 -7.71 -0.70
CA ASP C 306 -4.67 -6.48 -1.29
C ASP C 306 -6.15 -6.40 -0.87
N THR C 307 -6.89 -7.51 -0.85
CA THR C 307 -8.36 -7.51 -0.62
C THR C 307 -8.68 -7.37 0.87
N LEU C 308 -7.99 -8.09 1.76
CA LEU C 308 -8.33 -8.11 3.21
C LEU C 308 -7.63 -6.96 3.93
N GLY C 309 -6.51 -6.47 3.39
CA GLY C 309 -5.75 -5.37 4.01
C GLY C 309 -4.87 -5.82 5.18
N CYS C 310 -4.78 -7.11 5.45
CA CYS C 310 -3.84 -7.66 6.47
C CYS C 310 -2.48 -7.89 5.82
N PRO C 311 -1.39 -7.90 6.59
CA PRO C 311 -0.08 -8.19 6.01
C PRO C 311 0.04 -9.64 5.53
N LEU C 312 0.86 -9.80 4.49
CA LEU C 312 1.41 -11.09 4.04
C LEU C 312 2.79 -11.29 4.71
N VAL C 313 2.89 -12.30 5.57
CA VAL C 313 4.12 -12.63 6.34
C VAL C 313 4.86 -13.75 5.62
N VAL C 314 6.07 -13.47 5.14
CA VAL C 314 6.90 -14.49 4.45
C VAL C 314 7.86 -15.13 5.45
N ASP C 315 7.67 -16.42 5.71
CA ASP C 315 8.49 -17.23 6.66
C ASP C 315 9.69 -17.77 5.89
N GLU C 316 10.85 -17.14 6.08
CA GLU C 316 12.14 -17.56 5.43
C GLU C 316 13.06 -18.16 6.50
N VAL C 317 12.50 -18.61 7.61
CA VAL C 317 13.28 -19.25 8.69
C VAL C 317 14.18 -20.37 8.11
N GLN C 318 13.71 -21.12 7.11
CA GLN C 318 14.44 -22.25 6.48
C GLN C 318 15.03 -21.84 5.12
N THR C 319 14.25 -21.12 4.29
CA THR C 319 14.59 -20.73 2.89
C THR C 319 15.59 -19.56 2.80
N GLY C 320 15.84 -18.82 3.87
CA GLY C 320 16.73 -17.65 3.87
C GLY C 320 18.22 -17.97 4.05
N ILE C 321 19.02 -16.91 3.93
CA ILE C 321 20.50 -16.91 4.06
C ILE C 321 21.05 -17.84 2.99
N GLY C 322 20.46 -17.80 1.79
CA GLY C 322 21.12 -18.22 0.53
C GLY C 322 20.78 -19.64 0.12
N ARG C 323 20.01 -20.35 0.93
CA ARG C 323 19.65 -21.77 0.73
C ARG C 323 19.09 -22.01 -0.70
N THR C 324 18.28 -21.08 -1.23
CA THR C 324 17.57 -21.28 -2.51
C THR C 324 18.42 -20.79 -3.67
N GLY C 325 19.56 -20.15 -3.44
CA GLY C 325 20.42 -19.61 -4.50
C GLY C 325 20.27 -18.12 -4.61
N ALA C 326 19.39 -17.55 -3.79
CA ALA C 326 19.30 -16.11 -3.47
C ALA C 326 19.30 -15.98 -1.93
N PHE C 327 19.61 -14.82 -1.38
CA PHE C 327 19.48 -14.60 0.07
C PHE C 327 18.03 -14.91 0.48
N PHE C 328 17.08 -14.24 -0.17
CA PHE C 328 15.63 -14.39 0.07
C PHE C 328 15.02 -15.31 -1.00
N GLY C 329 14.45 -16.41 -0.56
CA GLY C 329 13.61 -17.28 -1.38
C GLY C 329 12.43 -16.53 -2.00
N SER C 330 11.79 -15.65 -1.24
CA SER C 330 10.65 -14.80 -1.69
C SER C 330 11.04 -13.96 -2.92
N ALA C 331 12.27 -13.45 -2.96
CA ALA C 331 12.80 -12.62 -4.06
C ALA C 331 12.94 -13.47 -5.32
N LEU C 332 13.46 -14.69 -5.17
CA LEU C 332 13.65 -15.67 -6.26
C LEU C 332 12.29 -16.08 -6.85
N LEU C 333 11.27 -16.31 -6.03
CA LEU C 333 9.94 -16.80 -6.50
C LEU C 333 8.91 -15.68 -6.65
N GLY C 334 9.29 -14.41 -6.48
CA GLY C 334 8.37 -13.26 -6.69
C GLY C 334 7.26 -13.21 -5.66
N ILE C 335 7.50 -13.56 -4.40
CA ILE C 335 6.49 -13.36 -3.31
C ILE C 335 6.76 -12.00 -2.64
N ARG C 336 5.79 -11.09 -2.71
CA ARG C 336 5.91 -9.67 -2.32
C ARG C 336 5.26 -9.51 -0.95
N GLY C 337 6.03 -9.80 0.10
CA GLY C 337 5.53 -9.84 1.48
C GLY C 337 5.57 -8.47 2.08
N ASP C 338 4.81 -8.28 3.17
CA ASP C 338 4.83 -7.09 4.06
C ASP C 338 5.84 -7.30 5.19
N TYR C 339 5.92 -8.51 5.75
CA TYR C 339 6.85 -8.88 6.86
C TYR C 339 7.61 -10.13 6.43
N TYR C 340 8.81 -10.30 6.94
CA TYR C 340 9.71 -11.43 6.61
C TYR C 340 10.35 -11.92 7.91
N THR C 341 10.59 -13.22 8.04
CA THR C 341 11.26 -13.78 9.23
C THR C 341 12.42 -14.64 8.75
N LEU C 342 13.50 -14.59 9.52
CA LEU C 342 14.75 -15.34 9.31
C LEU C 342 15.16 -15.96 10.66
N ALA C 343 15.82 -17.10 10.62
CA ALA C 343 16.42 -17.74 11.81
C ALA C 343 17.55 -18.69 11.38
N LYS C 344 17.25 -19.92 11.01
CA LYS C 344 18.16 -21.11 11.07
C LYS C 344 19.63 -20.67 10.82
N ALA C 345 20.04 -20.33 9.60
CA ALA C 345 21.48 -20.19 9.26
C ALA C 345 22.13 -18.92 9.86
N ILE C 346 21.35 -17.99 10.42
CA ILE C 346 21.88 -16.66 10.86
C ILE C 346 22.69 -16.79 12.15
N GLY C 347 22.51 -17.89 12.90
CA GLY C 347 23.33 -18.23 14.09
C GLY C 347 24.64 -18.93 13.73
N GLY C 348 24.96 -19.12 12.44
CA GLY C 348 26.26 -19.64 11.98
C GLY C 348 26.47 -21.09 12.40
N GLY C 349 25.39 -21.78 12.78
CA GLY C 349 25.40 -23.18 13.23
C GLY C 349 25.90 -23.32 14.66
N ILE C 350 26.09 -22.21 15.41
CA ILE C 350 26.60 -22.30 16.80
C ILE C 350 25.68 -21.57 17.80
N VAL C 351 25.06 -20.45 17.43
CA VAL C 351 24.22 -19.68 18.40
C VAL C 351 22.80 -19.53 17.85
N LYS C 352 21.93 -18.93 18.65
CA LYS C 352 20.46 -18.89 18.41
C LYS C 352 20.04 -17.44 18.26
N ASN C 353 19.44 -17.14 17.13
CA ASN C 353 19.10 -15.75 16.72
C ASN C 353 17.97 -15.81 15.68
N SER C 354 17.11 -14.80 15.66
CA SER C 354 16.05 -14.69 14.63
C SER C 354 15.67 -13.22 14.48
N VAL C 355 14.98 -12.90 13.39
CA VAL C 355 14.60 -11.49 13.10
C VAL C 355 13.27 -11.48 12.33
N ALA C 356 12.42 -10.53 12.70
CA ALA C 356 11.20 -10.14 11.98
C ALA C 356 11.52 -8.81 11.31
N LEU C 357 11.40 -8.75 9.99
CA LEU C 357 11.50 -7.50 9.20
C LEU C 357 10.08 -7.04 8.88
N ILE C 358 9.67 -5.88 9.38
CA ILE C 358 8.28 -5.33 9.22
C ILE C 358 8.40 -4.02 8.43
N ARG C 359 7.67 -3.90 7.30
CA ARG C 359 7.82 -2.74 6.37
C ARG C 359 7.55 -1.48 7.19
N GLN C 360 8.41 -0.47 7.05
CA GLN C 360 8.36 0.74 7.93
C GLN C 360 7.07 1.53 7.73
N ASP C 361 6.44 1.49 6.57
CA ASP C 361 5.19 2.27 6.34
C ASP C 361 4.03 1.58 7.07
N ARG C 362 4.16 0.32 7.51
CA ARG C 362 3.12 -0.36 8.34
C ARG C 362 3.54 -0.48 9.81
N PHE C 363 4.80 -0.21 10.17
CA PHE C 363 5.39 -0.54 11.49
C PHE C 363 4.85 0.41 12.57
N LEU C 364 4.23 -0.11 13.62
CA LEU C 364 3.67 0.69 14.73
C LEU C 364 4.70 0.80 15.83
N PRO C 365 5.22 2.03 16.10
CA PRO C 365 6.40 2.20 16.94
C PRO C 365 6.23 1.67 18.37
N ALA C 366 4.99 1.52 18.85
CA ALA C 366 4.65 0.92 20.15
C ALA C 366 5.33 -0.46 20.28
N MET C 367 5.47 -1.19 19.17
CA MET C 367 6.05 -2.55 19.12
C MET C 367 7.49 -2.54 19.67
N GLU C 368 8.25 -1.46 19.43
CA GLU C 368 9.69 -1.33 19.80
C GLU C 368 9.86 -1.30 21.31
N VAL C 369 8.83 -0.89 22.05
CA VAL C 369 8.89 -0.71 23.53
C VAL C 369 7.91 -1.66 24.24
N ILE C 370 6.88 -2.23 23.62
CA ILE C 370 5.95 -3.14 24.34
C ILE C 370 6.35 -4.60 24.12
N HIS C 371 7.13 -4.90 23.08
CA HIS C 371 7.71 -6.26 22.88
C HIS C 371 9.15 -6.27 23.37
N SER C 372 9.56 -7.30 24.09
CA SER C 372 10.98 -7.55 24.48
C SER C 372 11.17 -9.04 24.83
N SER C 373 12.42 -9.42 25.12
CA SER C 373 12.86 -10.78 25.49
C SER C 373 14.23 -10.65 26.15
N THR C 374 14.52 -11.37 27.23
CA THR C 374 15.81 -11.31 27.96
C THR C 374 16.97 -11.49 26.97
N PHE C 375 16.94 -12.56 26.19
CA PHE C 375 18.08 -13.05 25.38
C PHE C 375 18.09 -12.37 24.00
N ALA C 376 16.99 -11.74 23.58
CA ALA C 376 16.87 -11.17 22.20
C ALA C 376 17.91 -10.06 22.01
N LYS C 377 18.54 -10.01 20.84
CA LYS C 377 19.43 -8.86 20.50
C LYS C 377 20.72 -8.93 21.35
N ASP C 378 21.04 -10.10 21.93
CA ASP C 378 22.27 -10.33 22.70
C ASP C 378 23.48 -10.01 21.81
N GLY C 379 24.57 -9.53 22.42
CA GLY C 379 25.78 -9.08 21.71
C GLY C 379 26.48 -10.19 20.96
N LEU C 380 26.44 -11.44 21.48
CA LEU C 380 27.21 -12.57 20.89
C LEU C 380 26.56 -13.01 19.57
N SER C 381 25.27 -13.30 19.57
CA SER C 381 24.54 -13.68 18.31
C SER C 381 24.55 -12.48 17.34
N ALA C 382 24.54 -11.24 17.83
CA ALA C 382 24.64 -10.03 16.97
C ALA C 382 25.94 -10.04 16.16
N SER C 383 27.07 -10.27 16.83
CA SER C 383 28.43 -10.29 16.23
C SER C 383 28.50 -11.39 15.18
N ILE C 384 27.96 -12.56 15.51
CA ILE C 384 27.98 -13.76 14.64
C ILE C 384 27.04 -13.58 13.45
N ALA C 385 25.87 -12.97 13.64
CA ALA C 385 24.98 -12.56 12.53
C ALA C 385 25.77 -11.72 11.51
N LEU C 386 26.53 -10.71 11.97
CA LEU C 386 27.30 -9.81 11.06
C LEU C 386 28.40 -10.61 10.34
N LYS C 387 29.00 -11.59 11.00
CA LYS C 387 30.02 -12.46 10.34
C LYS C 387 29.36 -13.30 9.25
N VAL C 388 28.27 -13.98 9.56
CA VAL C 388 27.50 -14.81 8.59
C VAL C 388 27.08 -13.95 7.38
N LEU C 389 26.58 -12.72 7.60
CA LEU C 389 26.15 -11.83 6.48
C LEU C 389 27.39 -11.45 5.65
N GLU C 390 28.53 -11.25 6.31
CA GLU C 390 29.78 -10.91 5.57
C GLU C 390 30.12 -12.11 4.69
N MET C 391 30.01 -13.33 5.21
CA MET C 391 30.43 -14.54 4.47
C MET C 391 29.51 -14.78 3.26
N VAL C 392 28.19 -14.66 3.44
CA VAL C 392 27.23 -15.03 2.36
C VAL C 392 27.25 -13.95 1.26
N GLU C 393 27.67 -12.71 1.58
CA GLU C 393 27.73 -11.56 0.65
C GLU C 393 29.12 -11.44 0.00
N ALA C 394 30.14 -12.18 0.44
CA ALA C 394 31.55 -12.00 0.03
C ALA C 394 31.70 -12.25 -1.49
N ASP C 395 32.70 -11.60 -2.09
CA ASP C 395 33.25 -11.88 -3.44
C ASP C 395 32.13 -11.74 -4.47
N GLY C 396 31.38 -10.63 -4.39
CA GLY C 396 30.46 -10.17 -5.45
C GLY C 396 29.30 -11.11 -5.67
N GLY C 397 28.90 -11.87 -4.65
CA GLY C 397 27.74 -12.79 -4.73
C GLY C 397 28.10 -14.19 -5.20
N ARG C 398 29.37 -14.61 -5.06
CA ARG C 398 29.86 -15.93 -5.51
C ARG C 398 29.24 -17.05 -4.66
N VAL C 399 28.88 -16.77 -3.40
CA VAL C 399 28.37 -17.85 -2.50
C VAL C 399 26.98 -18.26 -3.02
N TYR C 400 26.16 -17.31 -3.49
CA TYR C 400 24.82 -17.60 -4.08
C TYR C 400 25.01 -18.44 -5.35
N GLN C 401 25.99 -18.07 -6.17
CA GLN C 401 26.37 -18.79 -7.42
C GLN C 401 26.78 -20.22 -7.06
N ARG C 402 27.59 -20.40 -6.02
CA ARG C 402 28.04 -21.74 -5.58
C ARG C 402 26.84 -22.57 -5.07
N VAL C 403 25.92 -22.01 -4.30
CA VAL C 403 24.68 -22.72 -3.85
C VAL C 403 23.90 -23.18 -5.10
N ARG C 404 23.74 -22.29 -6.09
CA ARG C 404 22.99 -22.59 -7.34
C ARG C 404 23.65 -23.75 -8.07
N GLU C 405 24.99 -23.75 -8.23
CA GLU C 405 25.68 -24.82 -9.00
C GLU C 405 25.74 -26.14 -8.20
N ARG C 406 26.01 -26.10 -6.89
CA ARG C 406 25.91 -27.30 -6.00
C ARG C 406 24.47 -27.84 -6.01
N GLY C 407 23.48 -26.94 -5.93
CA GLY C 407 22.05 -27.30 -6.01
C GLY C 407 21.72 -28.04 -7.31
N GLN C 408 22.19 -27.51 -8.46
CA GLN C 408 21.96 -28.11 -9.81
C GLN C 408 22.54 -29.52 -9.81
N ARG C 409 23.78 -29.65 -9.36
CA ARG C 409 24.52 -30.95 -9.33
C ARG C 409 23.70 -31.94 -8.50
N LEU C 410 23.22 -31.55 -7.31
CA LEU C 410 22.52 -32.45 -6.36
C LEU C 410 21.12 -32.77 -6.91
N GLU C 411 20.44 -31.78 -7.48
CA GLU C 411 19.10 -31.99 -8.07
C GLU C 411 19.20 -32.96 -9.26
N ALA C 412 20.21 -32.79 -10.12
CA ALA C 412 20.44 -33.63 -11.33
C ALA C 412 20.65 -35.08 -10.89
N MET C 413 21.46 -35.28 -9.86
CA MET C 413 21.69 -36.62 -9.29
C MET C 413 20.34 -37.17 -8.82
N LEU C 414 19.52 -36.38 -8.14
CA LEU C 414 18.26 -36.90 -7.55
C LEU C 414 17.27 -37.24 -8.68
N GLU C 415 17.23 -36.45 -9.76
CA GLU C 415 16.38 -36.72 -10.96
C GLU C 415 16.86 -38.01 -11.64
N SER C 416 18.17 -38.15 -11.80
CA SER C 416 18.80 -39.36 -12.38
C SER C 416 18.43 -40.60 -11.54
N VAL C 417 18.30 -40.47 -10.22
CA VAL C 417 17.89 -41.61 -9.36
C VAL C 417 16.40 -41.86 -9.55
N ARG C 418 15.56 -40.81 -9.52
CA ARG C 418 14.10 -40.95 -9.74
C ARG C 418 13.81 -41.65 -11.07
N ALA C 419 14.49 -41.24 -12.15
CA ALA C 419 14.30 -41.74 -13.54
C ALA C 419 14.44 -43.27 -13.58
N ASP C 420 15.42 -43.86 -12.87
CA ASP C 420 15.67 -45.32 -12.82
C ASP C 420 14.87 -45.98 -11.70
N HIS C 421 14.22 -45.21 -10.82
CA HIS C 421 13.55 -45.76 -9.62
C HIS C 421 12.16 -45.11 -9.44
N SER C 422 11.47 -44.82 -10.55
CA SER C 422 10.10 -44.23 -10.60
C SER C 422 9.05 -45.16 -9.97
N ASP C 423 9.38 -46.45 -9.77
CA ASP C 423 8.46 -47.39 -9.07
C ASP C 423 8.35 -47.03 -7.58
N VAL C 424 9.36 -46.38 -7.00
CA VAL C 424 9.35 -46.07 -5.54
C VAL C 424 9.47 -44.56 -5.26
N VAL C 425 9.94 -43.75 -6.23
CA VAL C 425 10.11 -42.27 -6.10
C VAL C 425 9.12 -41.57 -7.07
N SER C 426 8.22 -40.72 -6.55
CA SER C 426 7.19 -40.04 -7.38
C SER C 426 7.70 -38.71 -7.93
N ALA C 427 8.62 -38.02 -7.26
CA ALA C 427 9.05 -36.65 -7.66
C ALA C 427 10.31 -36.15 -6.93
N VAL C 428 10.95 -35.16 -7.54
CA VAL C 428 11.98 -34.26 -6.93
C VAL C 428 11.35 -32.88 -6.77
N TRP C 429 11.43 -32.32 -5.57
CA TRP C 429 10.88 -31.00 -5.16
C TRP C 429 11.98 -30.09 -4.61
N GLY C 430 11.77 -28.77 -4.70
CA GLY C 430 12.57 -27.75 -3.98
C GLY C 430 13.49 -27.04 -4.95
N THR C 431 14.43 -26.26 -4.44
CA THR C 431 15.34 -25.47 -5.30
C THR C 431 16.58 -25.12 -4.49
N GLY C 432 17.64 -24.70 -5.17
CA GLY C 432 18.94 -24.45 -4.54
C GLY C 432 19.42 -25.68 -3.81
N LEU C 433 19.80 -25.54 -2.55
CA LEU C 433 20.23 -26.69 -1.73
C LEU C 433 19.14 -27.05 -0.73
N MET C 434 17.88 -26.90 -1.11
CA MET C 434 16.72 -27.33 -0.30
C MET C 434 15.82 -28.26 -1.13
N LEU C 435 16.16 -29.53 -1.16
CA LEU C 435 15.59 -30.54 -2.09
C LEU C 435 14.98 -31.70 -1.30
N ALA C 436 14.10 -32.45 -1.95
CA ALA C 436 13.49 -33.67 -1.37
C ALA C 436 13.09 -34.64 -2.48
N LEU C 437 13.15 -35.94 -2.18
CA LEU C 437 12.52 -37.02 -2.99
C LEU C 437 11.18 -37.31 -2.34
N GLU C 438 10.12 -37.38 -3.14
CA GLU C 438 8.81 -37.90 -2.67
C GLU C 438 8.83 -39.44 -2.84
N LEU C 439 8.52 -40.17 -1.78
CA LEU C 439 8.33 -41.65 -1.78
C LEU C 439 6.89 -41.98 -2.19
N ARG C 440 6.71 -42.93 -3.12
CA ARG C 440 5.39 -43.53 -3.42
C ARG C 440 4.86 -44.23 -2.17
N ASP C 441 3.55 -44.19 -1.95
CA ASP C 441 2.86 -44.89 -0.85
C ASP C 441 3.27 -46.36 -0.86
N GLN C 442 3.64 -46.89 0.30
CA GLN C 442 4.05 -48.31 0.50
C GLN C 442 3.07 -48.97 1.48
N SER C 443 1.87 -48.43 1.65
CA SER C 443 0.86 -48.98 2.59
C SER C 443 0.30 -50.33 2.09
N ASN C 444 0.52 -50.68 0.81
CA ASN C 444 0.12 -51.97 0.21
C ASN C 444 1.34 -52.82 -0.15
N ALA C 445 2.47 -52.62 0.53
CA ALA C 445 3.75 -53.30 0.23
C ALA C 445 3.56 -54.79 0.52
N THR C 446 4.23 -55.66 -0.26
CA THR C 446 4.13 -57.13 -0.11
C THR C 446 4.80 -57.48 1.22
N SER C 447 5.97 -56.90 1.49
CA SER C 447 6.69 -57.05 2.78
C SER C 447 5.82 -56.51 3.92
N GLN C 448 5.54 -57.34 4.91
CA GLN C 448 4.67 -57.00 6.06
C GLN C 448 5.36 -55.95 6.95
N ALA C 449 6.67 -56.05 7.15
CA ALA C 449 7.47 -55.12 8.00
C ALA C 449 7.42 -53.71 7.39
N ILE C 450 7.64 -53.60 6.08
CA ILE C 450 7.59 -52.31 5.34
C ILE C 450 6.18 -51.73 5.46
N ARG C 451 5.16 -52.51 5.11
CA ARG C 451 3.71 -52.14 5.10
C ARG C 451 3.31 -51.58 6.48
N GLU C 452 3.70 -52.29 7.53
CA GLU C 452 3.37 -51.95 8.94
C GLU C 452 3.98 -50.58 9.27
N LYS C 453 5.25 -50.36 8.94
CA LYS C 453 5.94 -49.07 9.17
C LYS C 453 5.29 -47.95 8.33
N ALA C 454 4.95 -48.23 7.07
CA ALA C 454 4.33 -47.23 6.16
C ALA C 454 2.95 -46.85 6.70
N ALA C 455 2.21 -47.81 7.28
CA ALA C 455 0.86 -47.60 7.84
C ALA C 455 0.94 -46.68 9.07
N HIS C 456 2.03 -46.76 9.83
CA HIS C 456 2.25 -45.95 11.06
C HIS C 456 2.89 -44.59 10.72
N GLY C 457 3.17 -44.31 9.45
CA GLY C 457 3.82 -43.07 8.98
C GLY C 457 5.32 -43.01 9.27
N PHE C 458 6.02 -44.14 9.35
CA PHE C 458 7.46 -44.23 9.75
C PHE C 458 8.36 -44.64 8.58
N LEU C 459 7.82 -44.83 7.38
CA LEU C 459 8.58 -45.30 6.19
C LEU C 459 9.88 -44.51 6.06
N GLY C 460 9.80 -43.19 5.94
CA GLY C 460 10.96 -42.30 5.72
C GLY C 460 12.06 -42.53 6.75
N TYR C 461 11.68 -42.73 8.02
CA TYR C 461 12.64 -42.91 9.14
C TYR C 461 13.37 -44.25 8.98
N VAL C 462 12.62 -45.30 8.62
CA VAL C 462 13.16 -46.68 8.39
C VAL C 462 14.20 -46.60 7.26
N LEU C 463 13.86 -45.93 6.17
CA LEU C 463 14.74 -45.79 4.98
C LEU C 463 15.99 -44.98 5.38
N ALA C 464 15.81 -43.95 6.21
CA ALA C 464 16.90 -43.12 6.75
C ALA C 464 17.83 -44.02 7.58
N GLY C 465 17.27 -44.91 8.38
CA GLY C 465 18.03 -45.92 9.14
C GLY C 465 18.88 -46.79 8.22
N PHE C 466 18.31 -47.25 7.10
CA PHE C 466 19.06 -48.06 6.12
C PHE C 466 20.27 -47.25 5.65
N LEU C 467 20.04 -46.01 5.23
CA LEU C 467 21.10 -45.13 4.70
C LEU C 467 22.21 -44.97 5.74
N LEU C 468 21.86 -44.87 7.03
CA LEU C 468 22.87 -44.66 8.10
C LEU C 468 23.76 -45.92 8.24
N ARG C 469 23.14 -47.06 8.54
CA ARG C 469 23.86 -48.30 8.95
C ARG C 469 24.57 -48.92 7.75
N GLU C 470 24.02 -48.81 6.54
CA GLU C 470 24.59 -49.48 5.34
C GLU C 470 25.46 -48.52 4.52
N HIS C 471 25.24 -47.21 4.56
CA HIS C 471 26.01 -46.28 3.69
C HIS C 471 26.61 -45.10 4.45
N HIS C 472 26.42 -45.01 5.77
CA HIS C 472 27.00 -43.91 6.60
C HIS C 472 26.55 -42.57 6.03
N ILE C 473 25.24 -42.43 5.78
CA ILE C 473 24.64 -41.16 5.30
C ILE C 473 23.45 -40.85 6.21
N ARG C 474 23.51 -39.64 6.77
CA ARG C 474 22.46 -39.04 7.62
C ARG C 474 21.48 -38.30 6.71
N VAL C 475 20.29 -38.84 6.57
CA VAL C 475 19.12 -38.16 5.92
C VAL C 475 18.00 -38.18 6.96
N LEU C 476 17.20 -37.11 7.01
CA LEU C 476 15.96 -37.13 7.83
C LEU C 476 14.79 -36.94 6.88
N PRO C 477 13.63 -37.52 7.21
CA PRO C 477 12.46 -37.36 6.38
C PRO C 477 11.78 -36.01 6.65
N ALA C 478 10.87 -35.61 5.77
CA ALA C 478 9.94 -34.48 5.94
C ALA C 478 8.52 -34.96 5.59
N GLY C 479 7.54 -34.07 5.72
CA GLY C 479 6.16 -34.32 5.31
C GLY C 479 5.40 -35.06 6.41
N PRO C 480 4.05 -35.04 6.39
CA PRO C 480 3.26 -35.45 7.56
C PRO C 480 3.23 -36.97 7.84
N ARG C 481 3.64 -37.80 6.87
CA ARG C 481 3.69 -39.28 7.02
C ARG C 481 5.11 -39.75 6.70
N SER C 482 6.11 -38.90 6.92
CA SER C 482 7.54 -39.16 6.59
C SER C 482 7.62 -39.76 5.19
N GLY C 483 6.84 -39.20 4.26
CA GLY C 483 6.78 -39.60 2.85
C GLY C 483 7.77 -38.87 1.96
N PHE C 484 8.67 -38.06 2.50
CA PHE C 484 9.72 -37.34 1.72
C PHE C 484 11.08 -37.53 2.40
N LEU C 485 12.15 -37.60 1.63
CA LEU C 485 13.55 -37.59 2.14
C LEU C 485 14.14 -36.23 1.82
N ARG C 486 14.67 -35.55 2.83
CA ARG C 486 15.21 -34.18 2.73
C ARG C 486 16.69 -34.28 2.34
N PHE C 487 17.15 -33.37 1.46
CA PHE C 487 18.58 -33.15 1.15
C PHE C 487 18.83 -31.65 1.26
N SER C 488 19.46 -31.20 2.35
CA SER C 488 19.78 -29.77 2.61
C SER C 488 21.19 -29.67 3.18
N PRO C 489 22.22 -30.14 2.43
CA PRO C 489 23.61 -30.09 2.89
C PRO C 489 24.20 -28.67 2.80
N SER C 490 25.42 -28.51 3.29
CA SER C 490 26.21 -27.26 3.12
C SER C 490 26.56 -27.07 1.65
N LEU C 491 26.87 -25.84 1.27
CA LEU C 491 27.40 -25.48 -0.07
C LEU C 491 28.79 -26.09 -0.30
N TYR C 492 29.44 -26.71 0.69
CA TYR C 492 30.76 -27.38 0.53
C TYR C 492 30.60 -28.86 0.16
N ILE C 493 29.38 -29.36 0.01
CA ILE C 493 29.14 -30.77 -0.47
C ILE C 493 29.99 -30.99 -1.74
N THR C 494 30.81 -32.01 -1.76
CA THR C 494 31.74 -32.34 -2.88
C THR C 494 31.02 -33.25 -3.88
N ASP C 495 31.55 -33.31 -5.11
CA ASP C 495 31.14 -34.22 -6.20
C ASP C 495 31.20 -35.68 -5.69
N GLU C 496 32.25 -36.03 -4.98
CA GLU C 496 32.49 -37.38 -4.42
C GLU C 496 31.35 -37.73 -3.44
N GLU C 497 30.91 -36.77 -2.63
CA GLU C 497 29.83 -36.94 -1.61
C GLU C 497 28.47 -37.07 -2.31
N ILE C 498 28.28 -36.36 -3.42
CA ILE C 498 27.04 -36.50 -4.23
C ILE C 498 27.01 -37.90 -4.86
N ASP C 499 28.15 -38.37 -5.40
CA ASP C 499 28.30 -39.74 -5.99
C ASP C 499 27.98 -40.78 -4.91
N ARG C 500 28.56 -40.66 -3.71
CA ARG C 500 28.32 -41.63 -2.60
C ARG C 500 26.82 -41.65 -2.24
N THR C 501 26.15 -40.50 -2.34
CA THR C 501 24.71 -40.35 -2.02
C THR C 501 23.89 -41.08 -3.08
N GLU C 502 24.25 -40.88 -4.35
CA GLU C 502 23.61 -41.60 -5.50
C GLU C 502 23.71 -43.11 -5.28
N THR C 503 24.92 -43.64 -5.04
CA THR C 503 25.13 -45.09 -4.79
C THR C 503 24.19 -45.56 -3.67
N ALA C 504 24.18 -44.84 -2.54
CA ALA C 504 23.39 -45.17 -1.34
C ALA C 504 21.90 -45.24 -1.69
N LEU C 505 21.39 -44.28 -2.51
CA LEU C 505 19.95 -44.17 -2.89
C LEU C 505 19.57 -45.29 -3.87
N ARG C 506 20.36 -45.50 -4.93
CA ARG C 506 20.21 -46.66 -5.86
C ARG C 506 20.11 -47.93 -5.02
N SER C 507 21.03 -48.13 -4.06
CA SER C 507 21.02 -49.31 -3.16
C SER C 507 19.68 -49.36 -2.40
N LEU C 508 19.28 -48.26 -1.75
CA LEU C 508 18.03 -48.20 -0.92
C LEU C 508 16.81 -48.52 -1.78
N PHE C 509 16.68 -47.89 -2.94
CA PHE C 509 15.46 -47.99 -3.80
C PHE C 509 15.43 -49.34 -4.52
N THR C 510 16.58 -50.01 -4.66
CA THR C 510 16.68 -51.40 -5.19
C THR C 510 16.15 -52.36 -4.12
N ALA C 511 16.57 -52.19 -2.86
CA ALA C 511 16.06 -53.00 -1.74
C ALA C 511 14.55 -52.76 -1.56
N LEU C 512 14.06 -51.54 -1.76
CA LEU C 512 12.62 -51.22 -1.55
C LEU C 512 11.80 -51.85 -2.69
N ARG C 513 12.24 -51.71 -3.94
CA ARG C 513 11.71 -52.43 -5.14
C ARG C 513 11.57 -53.92 -4.84
N ASP C 514 12.64 -54.56 -4.33
CA ASP C 514 12.71 -56.01 -4.00
C ASP C 514 11.93 -56.34 -2.71
N GLN C 515 11.33 -55.36 -2.05
CA GLN C 515 10.48 -55.56 -0.85
C GLN C 515 11.25 -56.36 0.21
N ASP C 516 12.54 -56.03 0.39
CA ASP C 516 13.45 -56.73 1.34
C ASP C 516 13.27 -56.14 2.75
N GLY C 517 12.12 -56.42 3.37
CA GLY C 517 11.77 -56.01 4.75
C GLY C 517 12.80 -56.42 5.78
N ASP C 518 13.48 -57.56 5.62
CA ASP C 518 14.47 -58.04 6.60
C ASP C 518 15.67 -57.08 6.60
N ARG C 519 16.01 -56.51 5.45
CA ARG C 519 17.21 -55.67 5.28
C ARG C 519 16.91 -54.22 5.67
N LEU C 520 15.65 -53.78 5.51
CA LEU C 520 15.23 -52.36 5.65
C LEU C 520 14.72 -52.09 7.07
N VAL C 521 13.91 -52.99 7.63
CA VAL C 521 13.30 -52.83 8.98
C VAL C 521 14.03 -53.75 9.95
N LEU C 522 14.37 -53.23 11.14
CA LEU C 522 14.87 -54.04 12.29
C LEU C 522 13.64 -54.52 13.05
N GLY D 6 16.94 12.90 10.18
CA GLY D 6 16.32 12.58 8.87
C GLY D 6 16.92 11.36 8.19
N GLU D 7 18.04 10.81 8.69
CA GLU D 7 18.79 9.73 7.98
C GLU D 7 18.06 8.40 8.13
N PRO D 8 18.25 7.47 7.16
CA PRO D 8 17.67 6.13 7.25
C PRO D 8 18.00 5.41 8.57
N VAL D 9 16.98 4.82 9.18
CA VAL D 9 17.09 4.03 10.44
C VAL D 9 16.33 2.71 10.25
N TYR D 10 16.90 1.60 10.71
CA TYR D 10 16.51 0.22 10.35
C TYR D 10 16.05 -0.60 11.57
N ALA D 11 16.33 -0.11 12.78
CA ALA D 11 15.93 -0.70 14.07
C ALA D 11 16.06 0.38 15.16
N ASP D 12 15.22 0.31 16.19
CA ASP D 12 15.52 0.88 17.53
C ASP D 12 15.38 2.41 17.57
N ALA D 13 14.80 3.06 16.57
CA ALA D 13 14.72 4.55 16.55
C ALA D 13 13.90 5.03 17.75
N VAL D 14 12.72 4.43 17.99
CA VAL D 14 11.83 4.83 19.12
C VAL D 14 12.47 4.36 20.44
N LEU D 15 12.98 3.14 20.51
CA LEU D 15 13.65 2.61 21.72
C LEU D 15 14.81 3.55 22.11
N ASN D 16 15.68 3.91 21.17
CA ASN D 16 16.88 4.76 21.43
C ASN D 16 16.43 6.18 21.82
N GLY D 17 15.46 6.76 21.09
CA GLY D 17 14.88 8.07 21.40
C GLY D 17 14.44 8.10 22.86
N TRP D 18 13.65 7.11 23.26
CA TRP D 18 13.11 7.05 24.64
C TRP D 18 14.26 6.83 25.65
N LEU D 19 15.19 5.91 25.41
CA LEU D 19 16.34 5.70 26.35
C LEU D 19 17.12 7.02 26.52
N THR D 20 17.33 7.77 25.43
CA THR D 20 18.14 9.03 25.46
C THR D 20 17.44 10.03 26.40
N SER D 21 16.12 10.16 26.30
CA SER D 21 15.34 11.15 27.08
C SER D 21 15.26 10.76 28.56
N MET D 22 15.43 9.48 28.91
CA MET D 22 15.48 8.98 30.31
C MET D 22 16.88 9.14 30.91
N GLY D 23 17.88 9.48 30.09
CA GLY D 23 19.30 9.56 30.51
C GLY D 23 20.00 8.22 30.50
N LEU D 24 19.51 7.26 29.69
CA LEU D 24 20.01 5.87 29.60
C LEU D 24 20.58 5.59 28.20
N GLY D 25 20.77 6.63 27.39
CA GLY D 25 21.34 6.52 26.04
C GLY D 25 22.85 6.32 26.08
N VAL D 26 23.33 5.13 26.39
CA VAL D 26 24.78 4.78 26.40
C VAL D 26 24.98 3.46 25.64
N GLU D 27 26.14 3.28 25.01
CA GLU D 27 26.54 1.99 24.37
C GLU D 27 27.62 1.34 25.23
N TYR D 28 27.36 0.15 25.76
CA TYR D 28 28.37 -0.61 26.54
C TYR D 28 29.23 -1.36 25.52
N VAL D 29 30.57 -1.22 25.57
CA VAL D 29 31.46 -1.81 24.53
C VAL D 29 32.14 -3.06 25.07
N ARG D 30 32.18 -3.25 26.38
CA ARG D 30 32.94 -4.36 27.02
C ARG D 30 32.34 -4.61 28.40
N ALA D 31 32.45 -5.82 28.92
CA ALA D 31 31.89 -6.19 30.22
C ALA D 31 32.77 -7.28 30.83
N GLU D 32 33.04 -7.17 32.12
CA GLU D 32 33.68 -8.25 32.89
C GLU D 32 33.19 -8.18 34.33
N GLY D 33 32.90 -9.32 34.92
CA GLY D 33 32.36 -9.42 36.28
C GLY D 33 31.13 -8.55 36.44
N ASN D 34 31.18 -7.59 37.35
CA ASN D 34 30.03 -6.76 37.73
C ASN D 34 30.14 -5.42 37.03
N THR D 35 31.04 -5.28 36.04
CA THR D 35 31.31 -3.98 35.36
C THR D 35 30.99 -4.06 33.87
N VAL D 36 30.27 -3.06 33.37
CA VAL D 36 30.13 -2.77 31.92
C VAL D 36 30.87 -1.44 31.68
N TYR D 37 31.47 -1.28 30.51
CA TYR D 37 32.29 -0.10 30.14
C TYR D 37 31.62 0.60 28.94
N TYR D 38 31.50 1.92 29.00
CA TYR D 38 31.17 2.75 27.80
C TYR D 38 32.37 3.66 27.49
N LEU D 39 32.40 4.25 26.31
CA LEU D 39 33.48 5.18 25.88
C LEU D 39 33.03 6.64 26.13
N ASP D 40 33.85 7.43 26.85
CA ASP D 40 33.69 8.91 26.98
C ASP D 40 34.02 9.58 25.64
N ASP D 41 33.89 10.91 25.55
CA ASP D 41 34.07 11.69 24.29
C ASP D 41 35.50 11.51 23.76
N GLU D 42 36.47 11.24 24.64
CA GLU D 42 37.91 11.11 24.29
C GLU D 42 38.27 9.65 23.95
N GLY D 43 37.32 8.70 24.10
CA GLY D 43 37.51 7.28 23.75
C GLY D 43 38.08 6.43 24.88
N ARG D 44 38.11 6.93 26.11
CA ARG D 44 38.52 6.15 27.31
C ARG D 44 37.32 5.30 27.81
N GLU D 45 37.59 4.09 28.26
CA GLU D 45 36.60 3.21 28.94
C GLU D 45 36.23 3.80 30.29
N VAL D 46 34.93 3.97 30.54
CA VAL D 46 34.36 4.37 31.86
C VAL D 46 33.71 3.15 32.51
N PRO D 47 34.18 2.71 33.68
CA PRO D 47 33.57 1.57 34.37
C PRO D 47 32.21 1.95 34.97
N VAL D 48 31.21 1.08 34.82
CA VAL D 48 29.85 1.25 35.40
C VAL D 48 29.49 -0.04 36.13
N LEU D 49 29.06 0.07 37.39
CA LEU D 49 28.61 -1.08 38.21
C LEU D 49 27.22 -1.53 37.72
N ASP D 50 27.10 -2.79 37.28
CA ASP D 50 25.84 -3.36 36.72
C ASP D 50 25.05 -4.05 37.84
N HIS D 51 23.93 -3.46 38.23
CA HIS D 51 22.94 -4.05 39.18
C HIS D 51 21.81 -4.75 38.43
N ALA D 52 21.77 -4.63 37.11
CA ALA D 52 20.72 -5.24 36.26
C ALA D 52 21.15 -6.67 35.89
N CYS D 53 22.35 -6.82 35.33
CA CYS D 53 23.00 -8.12 35.06
C CYS D 53 22.02 -9.03 34.29
N GLY D 54 21.56 -8.58 33.14
CA GLY D 54 20.66 -9.34 32.25
C GLY D 54 19.39 -9.77 32.98
N PHE D 55 18.87 -8.88 33.81
CA PHE D 55 17.67 -9.11 34.67
C PHE D 55 17.86 -10.40 35.48
N GLY D 56 19.06 -10.63 36.03
CA GLY D 56 19.34 -11.79 36.89
C GLY D 56 19.98 -12.97 36.17
N SER D 57 20.29 -12.83 34.89
CA SER D 57 21.03 -13.85 34.09
C SER D 57 22.45 -14.07 34.62
N LEU D 58 23.08 -13.08 35.25
CA LEU D 58 24.56 -13.12 35.45
C LEU D 58 24.90 -13.39 36.91
N ILE D 59 24.49 -14.54 37.42
CA ILE D 59 24.79 -14.91 38.84
C ILE D 59 26.31 -14.95 39.00
N PHE D 60 27.07 -15.28 37.92
CA PHE D 60 28.55 -15.37 37.95
C PHE D 60 29.17 -14.15 37.25
N GLY D 61 28.36 -13.15 36.91
CA GLY D 61 28.81 -11.90 36.25
C GLY D 61 28.94 -12.03 34.76
N HIS D 62 29.33 -10.95 34.11
CA HIS D 62 29.58 -10.87 32.65
C HIS D 62 30.84 -11.69 32.33
N ASN D 63 30.78 -12.54 31.31
CA ASN D 63 31.98 -13.08 30.66
C ASN D 63 32.89 -13.71 31.72
N HIS D 64 32.34 -14.57 32.56
CA HIS D 64 33.12 -15.27 33.61
C HIS D 64 34.20 -16.09 32.92
N PRO D 65 35.48 -15.97 33.34
CA PRO D 65 36.60 -16.63 32.65
C PRO D 65 36.40 -18.15 32.50
N GLU D 66 35.86 -18.81 33.52
CA GLU D 66 35.57 -20.27 33.47
C GLU D 66 34.54 -20.56 32.38
N ILE D 67 33.47 -19.76 32.30
CA ILE D 67 32.38 -19.98 31.33
C ILE D 67 32.94 -19.70 29.93
N ILE D 68 33.72 -18.64 29.77
CA ILE D 68 34.32 -18.27 28.44
C ILE D 68 35.26 -19.39 27.99
N ALA D 69 36.13 -19.85 28.88
CA ALA D 69 37.14 -20.90 28.56
C ALA D 69 36.42 -22.18 28.15
N HIS D 70 35.42 -22.63 28.94
CA HIS D 70 34.59 -23.83 28.63
C HIS D 70 33.93 -23.67 27.26
N ALA D 71 33.31 -22.54 26.97
CA ALA D 71 32.63 -22.33 25.67
C ALA D 71 33.65 -22.42 24.53
N LYS D 72 34.83 -21.81 24.69
CA LYS D 72 35.87 -21.88 23.61
C LYS D 72 36.36 -23.32 23.42
N ALA D 73 36.53 -24.09 24.51
CA ALA D 73 36.94 -25.51 24.41
C ALA D 73 35.85 -26.32 23.68
N ALA D 74 34.59 -26.09 23.99
CA ALA D 74 33.46 -26.82 23.35
C ALA D 74 33.43 -26.51 21.84
N LEU D 75 33.72 -25.27 21.45
CA LEU D 75 33.76 -24.88 20.01
C LEU D 75 34.95 -25.55 19.32
N ASP D 76 36.11 -25.59 19.98
CA ASP D 76 37.35 -26.19 19.42
C ASP D 76 37.25 -27.70 19.36
N ALA D 77 36.43 -28.34 20.16
CA ALA D 77 36.26 -29.82 20.18
C ALA D 77 35.30 -30.25 19.06
N GLY D 78 34.73 -29.31 18.30
CA GLY D 78 33.78 -29.67 17.22
C GLY D 78 32.53 -30.28 17.84
N THR D 79 32.05 -29.68 18.92
CA THR D 79 30.77 -30.06 19.54
C THR D 79 29.69 -30.12 18.45
N VAL D 80 28.86 -31.15 18.48
CA VAL D 80 27.70 -31.26 17.56
C VAL D 80 26.61 -30.38 18.17
N VAL D 81 26.43 -29.20 17.57
CA VAL D 81 25.41 -28.21 17.97
C VAL D 81 24.07 -28.69 17.41
N HIS D 82 24.08 -29.09 16.13
CA HIS D 82 22.90 -29.57 15.37
C HIS D 82 22.95 -31.08 15.16
N ALA D 83 22.28 -31.82 16.03
CA ALA D 83 22.23 -33.30 16.06
C ALA D 83 20.76 -33.71 16.24
N GLN D 84 19.84 -33.02 15.57
CA GLN D 84 18.39 -33.24 15.74
C GLN D 84 18.06 -34.71 15.39
N LEU D 85 17.14 -35.32 16.12
CA LEU D 85 16.71 -36.74 15.96
C LEU D 85 17.92 -37.67 15.94
N SER D 86 18.78 -37.54 16.95
CA SER D 86 19.92 -38.45 17.25
C SER D 86 20.02 -38.53 18.77
N ARG D 87 20.79 -39.45 19.32
CA ARG D 87 20.94 -39.63 20.79
C ARG D 87 21.80 -38.48 21.32
N GLN D 88 21.26 -37.70 22.25
CA GLN D 88 21.95 -36.57 22.93
C GLN D 88 21.93 -36.83 24.44
N PRO D 89 22.85 -37.66 24.97
CA PRO D 89 22.84 -38.02 26.40
C PRO D 89 22.96 -36.84 27.38
N ARG D 90 23.52 -35.72 26.96
CA ARG D 90 23.73 -34.55 27.86
C ARG D 90 22.39 -34.05 28.38
N ALA D 91 21.31 -34.17 27.62
CA ALA D 91 19.98 -33.70 28.05
C ALA D 91 19.58 -34.50 29.29
N ASN D 92 19.73 -35.82 29.21
CA ASN D 92 19.45 -36.75 30.34
C ASN D 92 20.36 -36.39 31.53
N GLN D 93 21.61 -36.05 31.26
CA GLN D 93 22.64 -35.82 32.30
C GLN D 93 22.29 -34.53 33.07
N ILE D 94 21.93 -33.47 32.35
CA ILE D 94 21.43 -32.19 32.91
C ILE D 94 20.18 -32.45 33.76
N SER D 95 19.21 -33.20 33.24
CA SER D 95 17.94 -33.46 33.97
C SER D 95 18.25 -34.23 35.27
N ARG D 96 19.14 -35.20 35.20
CA ARG D 96 19.60 -35.96 36.39
C ARG D 96 20.14 -35.02 37.48
N ILE D 97 21.02 -34.09 37.11
CA ILE D 97 21.63 -33.15 38.09
C ILE D 97 20.53 -32.32 38.74
N LEU D 98 19.62 -31.76 37.93
CA LEU D 98 18.55 -30.87 38.46
C LEU D 98 17.63 -31.69 39.38
N ASN D 99 17.32 -32.93 38.99
CA ASN D 99 16.52 -33.92 39.77
C ASN D 99 17.18 -34.17 41.13
N ASP D 100 18.49 -34.43 41.18
CA ASP D 100 19.22 -34.67 42.45
C ASP D 100 19.17 -33.38 43.28
N ILE D 101 19.44 -32.23 42.67
CA ILE D 101 19.43 -30.93 43.40
C ILE D 101 18.02 -30.73 44.00
N MET D 102 16.95 -31.03 43.29
CA MET D 102 15.61 -30.73 43.87
C MET D 102 15.29 -31.69 45.03
N ARG D 103 15.73 -32.94 44.96
CA ARG D 103 15.53 -33.94 46.04
C ARG D 103 16.23 -33.42 47.29
N ARG D 104 17.49 -33.01 47.14
CA ARG D 104 18.32 -32.49 48.25
C ARG D 104 17.61 -31.29 48.89
N GLU D 105 17.05 -30.37 48.10
CA GLU D 105 16.57 -29.08 48.65
C GLU D 105 15.13 -29.22 49.17
N THR D 106 14.34 -30.18 48.68
CA THR D 106 12.92 -30.34 49.11
C THR D 106 12.76 -31.55 50.01
N GLY D 107 13.76 -32.43 50.07
CA GLY D 107 13.67 -33.72 50.76
C GLY D 107 12.66 -34.67 50.13
N ARG D 108 12.00 -34.29 49.03
CA ARG D 108 11.05 -35.16 48.28
C ARG D 108 11.80 -35.98 47.22
N ASP D 109 11.43 -37.26 47.12
CA ASP D 109 12.09 -38.23 46.21
C ASP D 109 11.21 -38.32 44.96
N ASP D 110 10.99 -37.18 44.32
CA ASP D 110 10.21 -36.99 43.07
C ASP D 110 11.15 -37.07 41.87
N ARG D 111 10.65 -37.53 40.73
CA ARG D 111 11.44 -37.57 39.49
C ARG D 111 10.76 -36.68 38.43
N TYR D 112 11.58 -35.99 37.63
CA TYR D 112 11.12 -35.01 36.60
C TYR D 112 11.75 -35.34 35.25
N ASN D 113 10.92 -35.34 34.21
CA ASN D 113 11.35 -35.29 32.79
C ASN D 113 11.70 -33.85 32.43
N ALA D 114 12.71 -33.68 31.59
CA ALA D 114 13.21 -32.39 31.05
C ALA D 114 12.87 -32.27 29.56
N ILE D 115 12.25 -31.15 29.18
CA ILE D 115 12.13 -30.70 27.77
C ILE D 115 12.87 -29.37 27.69
N PHE D 116 13.83 -29.26 26.77
CA PHE D 116 14.66 -28.05 26.60
C PHE D 116 14.03 -27.09 25.61
N ALA D 117 14.36 -25.81 25.75
CA ALA D 117 13.92 -24.76 24.79
C ALA D 117 14.98 -23.67 24.74
N ASN D 118 14.59 -22.51 24.24
CA ASN D 118 15.54 -21.43 23.80
C ASN D 118 15.32 -20.15 24.60
N SER D 119 14.23 -20.06 25.35
CA SER D 119 13.91 -18.87 26.17
C SER D 119 13.00 -19.29 27.33
N GLY D 120 12.89 -18.43 28.34
CA GLY D 120 11.95 -18.57 29.46
C GLY D 120 10.53 -18.68 28.97
N ALA D 121 10.15 -17.83 28.02
CA ALA D 121 8.80 -17.89 27.42
C ALA D 121 8.58 -19.28 26.80
N GLU D 122 9.53 -19.79 26.02
CA GLU D 122 9.36 -21.12 25.36
C GLU D 122 9.16 -22.22 26.42
N ALA D 123 9.90 -22.15 27.54
CA ALA D 123 9.82 -23.17 28.62
C ALA D 123 8.44 -23.08 29.28
N ASN D 124 7.98 -21.87 29.61
CA ASN D 124 6.62 -21.63 30.13
C ASN D 124 5.59 -22.15 29.11
N GLU D 125 5.83 -22.07 27.81
CA GLU D 125 4.81 -22.49 26.81
C GLU D 125 4.82 -24.01 26.63
N ILE D 126 5.96 -24.67 26.82
CA ILE D 126 6.02 -26.15 26.96
C ILE D 126 5.09 -26.59 28.11
N CYS D 127 5.14 -25.92 29.25
CA CYS D 127 4.28 -26.22 30.42
C CYS D 127 2.80 -25.96 30.08
N MET D 128 2.47 -24.83 29.42
CA MET D 128 1.07 -24.50 29.02
C MET D 128 0.55 -25.64 28.13
N LYS D 129 1.37 -26.08 27.17
CA LYS D 129 1.04 -27.15 26.19
C LYS D 129 0.84 -28.47 26.94
N HIS D 130 1.78 -28.85 27.80
CA HIS D 130 1.70 -30.15 28.52
C HIS D 130 0.50 -30.08 29.47
N ALA D 131 0.25 -28.95 30.09
CA ALA D 131 -0.92 -28.76 30.97
C ALA D 131 -2.20 -28.98 30.17
N GLU D 132 -2.21 -28.52 28.91
CA GLU D 132 -3.39 -28.67 28.02
C GLU D 132 -3.50 -30.14 27.60
N LEU D 133 -2.41 -30.91 27.43
CA LEU D 133 -2.48 -32.38 27.20
C LEU D 133 -3.19 -33.03 28.39
N GLU D 134 -2.81 -32.68 29.62
CA GLU D 134 -3.44 -33.27 30.85
C GLU D 134 -4.94 -32.98 30.85
N ARG D 135 -5.33 -31.74 30.55
CA ARG D 135 -6.75 -31.29 30.55
C ARG D 135 -7.52 -32.11 29.49
N GLN D 136 -6.95 -32.32 28.31
CA GLN D 136 -7.60 -33.10 27.21
C GLN D 136 -7.75 -34.56 27.64
N GLU D 137 -6.78 -35.15 28.36
CA GLU D 137 -6.93 -36.51 28.96
C GLU D 137 -8.13 -36.50 29.92
N ARG D 138 -8.23 -35.51 30.81
CA ARG D 138 -9.34 -35.41 31.82
C ARG D 138 -10.66 -35.27 31.05
N ILE D 139 -10.70 -34.47 30.00
CA ILE D 139 -11.92 -34.25 29.16
C ILE D 139 -12.34 -35.57 28.50
N THR D 140 -11.43 -36.35 27.92
CA THR D 140 -11.74 -37.63 27.24
C THR D 140 -12.40 -38.60 28.24
N ALA D 141 -11.80 -38.76 29.42
CA ALA D 141 -12.27 -39.62 30.51
C ALA D 141 -13.68 -39.21 30.92
N LEU D 142 -13.89 -37.90 31.15
CA LEU D 142 -15.18 -37.30 31.56
C LEU D 142 -16.25 -37.60 30.49
N PHE D 143 -15.97 -37.32 29.23
CA PHE D 143 -16.92 -37.46 28.10
C PHE D 143 -17.22 -38.96 27.88
N ALA D 144 -16.24 -39.85 28.06
CA ALA D 144 -16.43 -41.32 28.02
C ALA D 144 -17.43 -41.76 29.09
N GLU D 145 -17.32 -41.23 30.31
CA GLU D 145 -18.27 -41.55 31.42
C GLU D 145 -19.67 -41.05 31.07
N ILE D 146 -19.76 -39.85 30.50
CA ILE D 146 -21.06 -39.18 30.18
C ILE D 146 -21.80 -40.02 29.12
N ASP D 147 -21.09 -40.52 28.11
CA ASP D 147 -21.64 -41.47 27.10
C ASP D 147 -22.27 -42.65 27.83
N ALA D 148 -21.49 -43.35 28.65
CA ALA D 148 -21.93 -44.50 29.48
C ALA D 148 -23.16 -44.12 30.33
N GLU D 149 -23.16 -42.93 30.97
CA GLU D 149 -24.31 -42.41 31.78
C GLU D 149 -25.52 -42.14 30.85
N LEU D 150 -25.28 -41.72 29.61
CA LEU D 150 -26.38 -41.43 28.64
C LEU D 150 -26.99 -42.75 28.16
N ASP D 151 -26.15 -43.74 27.82
CA ASP D 151 -26.54 -45.12 27.40
C ASP D 151 -27.43 -45.78 28.47
N THR D 152 -26.95 -45.81 29.72
CA THR D 152 -27.67 -46.36 30.90
C THR D 152 -29.03 -45.66 31.05
N ALA D 153 -29.05 -44.33 31.06
CA ALA D 153 -30.30 -43.54 31.20
C ALA D 153 -31.24 -43.89 30.04
N ARG D 154 -30.74 -43.93 28.80
CA ARG D 154 -31.52 -44.25 27.58
C ARG D 154 -32.13 -45.65 27.72
N GLU D 155 -31.32 -46.62 28.14
CA GLU D 155 -31.74 -48.01 28.46
C GLU D 155 -32.97 -47.96 29.37
N ALA D 156 -32.88 -47.23 30.49
CA ALA D 156 -33.88 -47.20 31.57
C ALA D 156 -35.16 -46.49 31.08
N LEU D 157 -35.02 -45.47 30.22
CA LEU D 157 -36.16 -44.63 29.76
C LEU D 157 -36.93 -45.38 28.66
N THR D 158 -36.22 -46.06 27.74
CA THR D 158 -36.85 -46.80 26.60
C THR D 158 -37.42 -48.14 27.11
N THR D 159 -36.62 -48.99 27.76
CA THR D 159 -37.06 -50.28 28.37
C THR D 159 -38.33 -50.05 29.21
N GLY D 160 -38.40 -48.94 29.93
CA GLY D 160 -39.58 -48.56 30.74
C GLY D 160 -39.26 -48.44 32.22
N THR D 161 -38.16 -49.06 32.69
CA THR D 161 -37.83 -49.24 34.14
C THR D 161 -37.86 -47.89 34.88
N ALA D 162 -37.64 -46.76 34.20
CA ALA D 162 -37.51 -45.42 34.82
C ALA D 162 -38.21 -44.34 33.98
N THR D 163 -38.60 -43.25 34.65
CA THR D 163 -39.29 -42.06 34.08
C THR D 163 -38.34 -40.85 34.13
N LEU D 164 -38.40 -39.98 33.10
CA LEU D 164 -37.55 -38.77 32.97
C LEU D 164 -38.20 -37.62 33.76
N ASP D 165 -37.50 -37.06 34.76
CA ASP D 165 -37.99 -35.89 35.54
C ASP D 165 -37.86 -34.63 34.68
N THR D 166 -38.90 -33.79 34.65
CA THR D 166 -39.09 -32.67 33.69
C THR D 166 -38.84 -31.31 34.38
N LEU D 169 -35.33 -30.32 33.08
CA LEU D 169 -35.30 -29.92 31.65
C LEU D 169 -34.93 -28.45 31.46
N PRO D 170 -35.21 -27.49 32.39
CA PRO D 170 -34.67 -26.13 32.29
C PRO D 170 -33.19 -26.06 31.83
N LEU D 171 -32.37 -27.05 32.19
CA LEU D 171 -30.93 -27.17 31.81
C LEU D 171 -30.79 -27.42 30.30
N VAL D 172 -31.87 -27.83 29.61
CA VAL D 172 -31.96 -27.88 28.12
C VAL D 172 -33.26 -27.19 27.72
N ASP D 178 -39.16 -37.30 25.47
CA ASP D 178 -38.38 -36.31 24.69
C ASP D 178 -36.97 -36.86 24.45
N VAL D 179 -36.77 -38.17 24.71
CA VAL D 179 -35.45 -38.83 24.98
C VAL D 179 -34.40 -38.32 23.99
N ASP D 180 -34.46 -38.78 22.74
CA ASP D 180 -33.42 -38.56 21.70
C ASP D 180 -33.09 -37.07 21.58
N GLY D 181 -34.09 -36.19 21.64
CA GLY D 181 -33.93 -34.73 21.54
C GLY D 181 -33.08 -34.18 22.67
N VAL D 182 -33.42 -34.59 23.91
CA VAL D 182 -32.71 -34.16 25.16
C VAL D 182 -31.23 -34.59 25.06
N ILE D 183 -30.94 -35.78 24.53
CA ILE D 183 -29.55 -36.30 24.39
C ILE D 183 -28.78 -35.47 23.35
N ALA D 184 -29.34 -35.26 22.17
CA ALA D 184 -28.73 -34.45 21.10
C ALA D 184 -28.45 -33.04 21.65
N ASP D 185 -29.34 -32.49 22.47
CA ASP D 185 -29.24 -31.13 23.06
C ASP D 185 -28.09 -31.08 24.08
N ILE D 186 -27.85 -32.20 24.77
CA ILE D 186 -26.74 -32.38 25.75
C ILE D 186 -25.41 -32.52 24.99
N HIS D 187 -25.39 -33.29 23.89
CA HIS D 187 -24.20 -33.48 23.02
C HIS D 187 -23.77 -32.14 22.39
N ARG D 188 -24.73 -31.27 22.06
CA ARG D 188 -24.46 -29.91 21.49
C ARG D 188 -23.83 -29.04 22.57
N HIS D 189 -24.50 -28.90 23.73
CA HIS D 189 -24.02 -28.16 24.94
C HIS D 189 -22.59 -28.55 25.27
N ASN D 190 -22.33 -29.86 25.36
CA ASN D 190 -21.04 -30.42 25.83
C ASN D 190 -19.95 -30.10 24.78
N ASP D 191 -20.29 -30.14 23.49
CA ASP D 191 -19.32 -29.91 22.38
C ASP D 191 -18.92 -28.43 22.36
N GLU D 192 -19.88 -27.53 22.55
CA GLU D 192 -19.61 -26.07 22.64
C GLU D 192 -18.60 -25.86 23.77
N ARG D 193 -18.91 -26.38 24.96
CA ARG D 193 -18.05 -26.31 26.17
C ARG D 193 -16.64 -26.86 25.85
N ARG D 194 -16.57 -28.01 25.19
CA ARG D 194 -15.29 -28.69 24.95
C ARG D 194 -14.39 -27.84 24.05
N ALA D 195 -14.98 -27.02 23.16
CA ALA D 195 -14.23 -26.21 22.16
C ALA D 195 -13.80 -24.87 22.77
N GLU D 196 -14.40 -24.46 23.91
CA GLU D 196 -14.07 -23.17 24.57
C GLU D 196 -12.60 -23.18 24.99
N ARG D 197 -11.99 -22.01 25.02
CA ARG D 197 -10.57 -21.84 25.39
C ARG D 197 -10.45 -22.12 26.89
N PRO D 198 -9.35 -22.76 27.35
CA PRO D 198 -9.11 -22.88 28.79
C PRO D 198 -8.76 -21.53 29.42
N LEU D 199 -8.59 -21.56 30.72
CA LEU D 199 -8.15 -20.45 31.57
C LEU D 199 -6.82 -20.85 32.20
N PHE D 200 -5.95 -19.87 32.43
CA PHE D 200 -4.75 -20.04 33.25
C PHE D 200 -4.94 -19.17 34.48
N LEU D 201 -4.50 -19.62 35.65
CA LEU D 201 -4.47 -18.74 36.83
C LEU D 201 -3.03 -18.26 37.03
N THR D 202 -2.89 -16.97 37.30
CA THR D 202 -1.61 -16.33 37.67
C THR D 202 -1.87 -15.43 38.88
N LEU D 203 -0.81 -14.83 39.43
CA LEU D 203 -0.90 -13.80 40.48
C LEU D 203 -0.93 -12.42 39.82
N ASP D 204 -1.50 -11.42 40.51
CA ASP D 204 -1.42 -10.01 40.09
C ASP D 204 0.07 -9.64 40.01
N GLY D 205 0.48 -8.92 38.95
CA GLY D 205 1.87 -8.50 38.72
C GLY D 205 2.71 -9.59 38.05
N SER D 206 2.13 -10.77 37.78
CA SER D 206 2.83 -11.95 37.22
C SER D 206 3.59 -11.53 35.96
N PHE D 207 4.80 -12.05 35.78
CA PHE D 207 5.52 -11.96 34.49
C PHE D 207 5.98 -13.36 34.08
N HIS D 208 5.45 -13.90 32.96
CA HIS D 208 5.71 -15.27 32.47
C HIS D 208 6.17 -15.27 31.00
N GLY D 209 6.49 -14.10 30.44
CA GLY D 209 6.97 -13.97 29.04
C GLY D 209 6.02 -13.17 28.17
N LYS D 210 6.40 -13.00 26.90
CA LYS D 210 5.74 -11.99 26.02
C LYS D 210 5.44 -12.57 24.63
N LEU D 211 5.44 -13.90 24.48
CA LEU D 211 5.01 -14.54 23.21
C LEU D 211 3.46 -14.61 23.18
N VAL D 212 2.87 -15.16 22.11
CA VAL D 212 1.40 -15.08 21.86
C VAL D 212 0.64 -15.71 23.04
N GLY D 213 1.10 -16.88 23.51
CA GLY D 213 0.51 -17.61 24.66
C GLY D 213 0.88 -16.97 25.98
N SER D 214 2.18 -16.82 26.25
CA SER D 214 2.71 -16.37 27.56
C SER D 214 2.31 -14.92 27.85
N ILE D 215 2.16 -14.05 26.84
CA ILE D 215 1.82 -12.62 27.11
C ILE D 215 0.49 -12.54 27.87
N GLN D 216 -0.47 -13.42 27.59
CA GLN D 216 -1.77 -13.42 28.31
C GLN D 216 -1.53 -13.67 29.80
N LEU D 217 -0.40 -14.29 30.18
CA LEU D 217 -0.05 -14.67 31.58
C LEU D 217 0.77 -13.56 32.25
N THR D 218 1.03 -12.47 31.54
CA THR D 218 1.82 -11.30 32.03
C THR D 218 0.85 -10.13 32.28
N GLN D 219 0.79 -9.61 33.50
CA GLN D 219 -0.25 -8.62 33.86
C GLN D 219 0.01 -7.27 33.17
N ASN D 220 1.26 -6.75 33.16
CA ASN D 220 1.60 -5.39 32.66
C ASN D 220 0.68 -5.01 31.48
N GLU D 221 -0.27 -4.08 31.68
CA GLU D 221 -1.44 -3.88 30.77
C GLU D 221 -1.04 -3.36 29.39
N PRO D 222 -0.10 -2.39 29.26
CA PRO D 222 0.35 -1.94 27.93
C PRO D 222 1.00 -3.07 27.10
N TRP D 223 1.68 -4.03 27.74
CA TRP D 223 2.35 -5.18 27.07
C TRP D 223 1.32 -6.21 26.58
N ARG D 224 0.19 -6.38 27.29
CA ARG D 224 -0.74 -7.53 27.10
C ARG D 224 -2.01 -7.14 26.35
N THR D 225 -2.72 -6.09 26.78
CA THR D 225 -4.14 -5.82 26.39
C THR D 225 -4.27 -5.70 24.88
N PRO D 226 -3.27 -5.20 24.11
CA PRO D 226 -3.39 -5.16 22.64
C PRO D 226 -3.57 -6.55 22.00
N PHE D 227 -3.18 -7.62 22.70
CA PHE D 227 -3.05 -9.02 22.18
C PHE D 227 -4.10 -9.98 22.76
N THR D 228 -5.05 -9.45 23.55
CA THR D 228 -6.11 -10.20 24.29
C THR D 228 -6.80 -11.25 23.42
N ALA D 229 -7.16 -10.89 22.19
CA ALA D 229 -7.98 -11.72 21.27
C ALA D 229 -7.22 -12.98 20.80
N LEU D 230 -5.89 -13.00 20.88
CA LEU D 230 -5.06 -14.04 20.19
C LEU D 230 -5.18 -15.40 20.89
N SER D 231 -5.16 -15.41 22.21
CA SER D 231 -4.81 -16.61 23.02
C SER D 231 -5.60 -16.65 24.33
N SER D 232 -5.66 -17.81 24.96
CA SER D 232 -6.39 -18.08 26.23
C SER D 232 -5.99 -17.04 27.27
N PRO D 233 -6.94 -16.46 28.02
CA PRO D 233 -6.63 -15.50 29.06
C PRO D 233 -6.19 -16.19 30.36
N ALA D 234 -5.61 -15.37 31.25
CA ALA D 234 -5.34 -15.65 32.67
C ALA D 234 -6.32 -14.85 33.53
N ARG D 235 -6.69 -15.40 34.70
CA ARG D 235 -7.27 -14.58 35.79
C ARG D 235 -6.13 -14.32 36.78
N PHE D 236 -5.86 -13.04 37.01
CA PHE D 236 -4.80 -12.53 37.91
C PHE D 236 -5.34 -12.51 39.33
N LEU D 237 -4.88 -13.43 40.15
CA LEU D 237 -5.40 -13.61 41.52
C LEU D 237 -4.72 -12.60 42.42
N PRO D 238 -5.46 -11.92 43.31
CA PRO D 238 -4.89 -10.86 44.14
C PRO D 238 -4.08 -11.48 45.27
N ALA D 239 -2.75 -11.48 45.14
CA ALA D 239 -1.77 -12.10 46.06
C ALA D 239 -2.00 -11.57 47.47
N ASP D 240 -2.34 -10.29 47.58
CA ASP D 240 -2.50 -9.55 48.87
C ASP D 240 -3.79 -10.02 49.57
N GLU D 241 -4.94 -9.98 48.89
CA GLU D 241 -6.27 -10.33 49.49
C GLU D 241 -6.67 -11.75 49.09
N PRO D 242 -6.04 -12.81 49.66
CA PRO D 242 -6.21 -14.18 49.18
C PRO D 242 -7.51 -14.88 49.60
N GLU D 243 -8.33 -14.24 50.42
CA GLU D 243 -9.68 -14.78 50.79
C GLU D 243 -10.64 -14.48 49.63
N LEU D 244 -10.22 -13.66 48.66
CA LEU D 244 -10.99 -13.29 47.44
C LEU D 244 -10.73 -14.29 46.29
N ILE D 245 -9.61 -15.00 46.34
CA ILE D 245 -9.16 -15.98 45.30
C ILE D 245 -10.20 -17.10 45.15
N GLY D 246 -10.60 -17.70 46.28
CA GLY D 246 -11.65 -18.74 46.36
C GLY D 246 -12.85 -18.39 45.52
N LYS D 247 -13.38 -17.18 45.66
CA LYS D 247 -14.63 -16.74 44.98
C LYS D 247 -14.34 -16.47 43.48
N ILE D 248 -13.19 -15.88 43.15
CA ILE D 248 -12.82 -15.60 41.73
C ILE D 248 -12.76 -16.91 40.95
N VAL D 249 -12.15 -17.96 41.54
CA VAL D 249 -11.96 -19.27 40.86
C VAL D 249 -13.34 -19.94 40.78
N GLU D 250 -14.13 -19.84 41.84
CA GLU D 250 -15.51 -20.38 41.92
C GLU D 250 -16.39 -19.78 40.80
N ASP D 251 -16.30 -18.48 40.51
CA ASP D 251 -17.06 -17.85 39.38
C ASP D 251 -16.66 -18.47 38.03
N GLU D 252 -15.47 -19.07 37.92
CA GLU D 252 -14.98 -19.64 36.63
C GLU D 252 -15.39 -21.11 36.47
N ARG D 253 -16.07 -21.72 37.45
CA ARG D 253 -16.65 -23.08 37.31
C ARG D 253 -17.51 -23.13 36.05
N ARG D 254 -17.39 -24.17 35.23
CA ARG D 254 -18.28 -24.42 34.07
C ARG D 254 -18.73 -25.87 34.10
N SER D 255 -19.95 -26.12 33.64
CA SER D 255 -20.62 -27.43 33.67
C SER D 255 -20.74 -27.99 32.27
N VAL D 256 -20.62 -29.32 32.18
CA VAL D 256 -21.23 -30.14 31.13
C VAL D 256 -22.47 -30.81 31.71
N LEU D 257 -23.31 -31.38 30.83
CA LEU D 257 -24.60 -32.00 31.20
C LEU D 257 -24.50 -33.51 31.00
N THR D 258 -25.24 -34.26 31.81
CA THR D 258 -25.44 -35.71 31.64
C THR D 258 -26.82 -36.10 32.17
N LEU D 259 -27.20 -37.36 32.01
CA LEU D 259 -28.42 -37.96 32.61
C LEU D 259 -28.01 -38.86 33.79
N SER D 260 -28.50 -38.53 34.98
CA SER D 260 -28.34 -39.27 36.25
C SER D 260 -29.54 -40.20 36.48
N LEU D 261 -29.32 -41.52 36.46
CA LEU D 261 -30.33 -42.55 36.82
C LEU D 261 -30.27 -42.84 38.33
N ASP D 262 -31.38 -42.66 39.04
CA ASP D 262 -31.50 -42.94 40.49
C ASP D 262 -32.56 -44.02 40.77
N THR D 265 -36.06 -42.98 38.45
CA THR D 265 -36.06 -41.56 38.02
C THR D 265 -34.74 -41.25 37.27
N VAL D 266 -34.84 -40.50 36.16
CA VAL D 266 -33.69 -39.98 35.36
C VAL D 266 -33.79 -38.45 35.34
N ARG D 267 -32.70 -37.77 35.71
CA ARG D 267 -32.62 -36.28 35.81
C ARG D 267 -31.45 -35.78 34.95
N VAL D 268 -31.66 -34.66 34.24
CA VAL D 268 -30.55 -33.87 33.63
C VAL D 268 -29.85 -33.17 34.79
N VAL D 269 -28.51 -33.31 34.86
CA VAL D 269 -27.69 -32.68 35.93
C VAL D 269 -26.40 -32.12 35.32
N GLU D 270 -25.84 -31.14 36.01
CA GLU D 270 -24.52 -30.56 35.75
C GLU D 270 -23.45 -31.42 36.42
N ARG D 271 -22.31 -31.58 35.74
CA ARG D 271 -21.05 -32.13 36.26
C ARG D 271 -19.93 -31.12 35.95
N ASP D 272 -18.88 -31.09 36.77
CA ASP D 272 -17.77 -30.11 36.64
C ASP D 272 -17.03 -30.37 35.33
N PHE D 273 -16.71 -29.31 34.60
CA PHE D 273 -15.84 -29.37 33.39
C PHE D 273 -14.49 -28.77 33.76
N PRO D 274 -13.37 -29.44 33.40
CA PRO D 274 -12.05 -28.88 33.66
C PRO D 274 -11.75 -27.68 32.74
N VAL D 275 -11.88 -26.47 33.31
CA VAL D 275 -11.71 -25.17 32.59
C VAL D 275 -10.25 -24.72 32.75
N VAL D 276 -9.69 -24.80 33.96
CA VAL D 276 -8.34 -24.27 34.28
C VAL D 276 -7.27 -25.27 33.83
N ALA D 277 -6.39 -24.88 32.90
CA ALA D 277 -5.30 -25.72 32.35
C ALA D 277 -4.14 -25.81 33.34
N ALA D 278 -3.81 -24.70 34.02
CA ALA D 278 -2.65 -24.62 34.92
C ALA D 278 -2.75 -23.37 35.79
N ILE D 279 -2.07 -23.44 36.94
CA ILE D 279 -1.77 -22.27 37.81
C ILE D 279 -0.28 -21.98 37.65
N PHE D 280 0.09 -20.72 37.42
CA PHE D 280 1.51 -20.32 37.33
C PHE D 280 1.86 -19.43 38.53
N VAL D 281 3.09 -19.56 39.02
CA VAL D 281 3.58 -18.73 40.15
C VAL D 281 5.10 -18.56 40.03
N GLU D 282 5.55 -17.34 40.31
CA GLU D 282 6.98 -17.01 40.52
C GLU D 282 7.29 -17.01 42.02
N PRO D 283 8.31 -17.75 42.48
CA PRO D 283 8.68 -17.70 43.89
C PRO D 283 8.95 -16.26 44.39
N VAL D 284 9.59 -15.46 43.54
CA VAL D 284 9.86 -14.01 43.76
C VAL D 284 9.31 -13.30 42.54
N ARG D 285 8.36 -12.39 42.76
CA ARG D 285 7.47 -11.85 41.70
C ARG D 285 8.10 -10.60 41.06
N GLY D 286 8.85 -10.79 39.96
CA GLY D 286 9.55 -9.74 39.18
C GLY D 286 8.67 -8.54 38.85
N GLY D 287 7.51 -8.76 38.20
CA GLY D 287 6.60 -7.67 37.81
C GLY D 287 5.83 -7.07 38.97
N SER D 288 5.99 -7.59 40.20
CA SER D 288 5.38 -7.04 41.45
C SER D 288 6.42 -6.29 42.28
N GLY D 289 7.67 -6.19 41.82
CA GLY D 289 8.78 -5.51 42.52
C GLY D 289 9.55 -6.44 43.44
N MET D 290 9.77 -7.70 43.05
CA MET D 290 10.58 -8.71 43.77
C MET D 290 9.91 -9.15 45.09
N LYS D 291 8.58 -9.13 45.17
CA LYS D 291 7.83 -9.63 46.36
C LYS D 291 7.90 -11.17 46.40
N THR D 292 8.40 -11.75 47.51
CA THR D 292 8.42 -13.21 47.73
C THR D 292 6.98 -13.69 48.02
N VAL D 293 6.60 -14.86 47.51
CA VAL D 293 5.36 -15.60 47.89
C VAL D 293 5.44 -15.89 49.40
N THR D 294 4.41 -15.46 50.13
CA THR D 294 4.24 -15.69 51.59
C THR D 294 3.76 -17.12 51.80
N PRO D 295 3.96 -17.74 52.99
CA PRO D 295 3.40 -19.07 53.25
C PRO D 295 1.89 -19.17 53.03
N GLU D 296 1.13 -18.15 53.41
CA GLU D 296 -0.35 -18.07 53.24
C GLU D 296 -0.68 -18.17 51.75
N LEU D 297 0.06 -17.48 50.89
CA LEU D 297 -0.25 -17.52 49.44
C LEU D 297 0.15 -18.90 48.86
N ALA D 298 1.29 -19.44 49.27
CA ALA D 298 1.74 -20.81 48.90
C ALA D 298 0.65 -21.83 49.24
N GLU D 299 0.11 -21.77 50.45
CA GLU D 299 -0.92 -22.74 50.91
C GLU D 299 -2.19 -22.57 50.06
N GLU D 300 -2.54 -21.35 49.65
CA GLU D 300 -3.75 -21.13 48.81
C GLU D 300 -3.52 -21.73 47.40
N LEU D 301 -2.31 -21.60 46.85
CA LEU D 301 -1.95 -22.17 45.52
C LEU D 301 -2.00 -23.71 45.58
N HIS D 302 -1.45 -24.29 46.64
CA HIS D 302 -1.54 -25.75 46.96
C HIS D 302 -3.02 -26.20 46.99
N ARG D 303 -3.89 -25.44 47.66
CA ARG D 303 -5.34 -25.76 47.77
C ARG D 303 -5.96 -25.76 46.36
N LEU D 304 -5.64 -24.77 45.53
CA LEU D 304 -6.27 -24.65 44.19
C LEU D 304 -5.81 -25.80 43.31
N ARG D 305 -4.52 -26.16 43.39
CA ARG D 305 -3.94 -27.28 42.61
C ARG D 305 -4.64 -28.59 43.01
N ASP D 306 -4.71 -28.89 44.33
CA ASP D 306 -5.39 -30.08 44.88
C ASP D 306 -6.87 -30.06 44.47
N THR D 307 -7.53 -28.90 44.48
CA THR D 307 -9.00 -28.80 44.23
C THR D 307 -9.33 -28.95 42.74
N LEU D 308 -8.61 -28.30 41.84
CA LEU D 308 -8.95 -28.27 40.39
C LEU D 308 -8.32 -29.48 39.69
N GLY D 309 -7.21 -29.99 40.22
CA GLY D 309 -6.49 -31.13 39.64
C GLY D 309 -5.63 -30.75 38.43
N CYS D 310 -5.46 -29.45 38.16
CA CYS D 310 -4.50 -28.97 37.13
C CYS D 310 -3.13 -28.82 37.78
N PRO D 311 -2.02 -28.87 37.02
CA PRO D 311 -0.71 -28.66 37.61
C PRO D 311 -0.51 -27.22 38.09
N LEU D 312 0.32 -27.10 39.14
CA LEU D 312 0.95 -25.83 39.58
C LEU D 312 2.33 -25.73 38.92
N VAL D 313 2.50 -24.74 38.06
CA VAL D 313 3.75 -24.49 37.29
C VAL D 313 4.55 -23.42 38.03
N VAL D 314 5.73 -23.77 38.51
CA VAL D 314 6.63 -22.82 39.21
C VAL D 314 7.63 -22.24 38.20
N ASP D 315 7.51 -20.94 37.95
CA ASP D 315 8.34 -20.17 37.00
C ASP D 315 9.60 -19.71 37.77
N GLU D 316 10.71 -20.42 37.58
CA GLU D 316 12.00 -20.08 38.24
C GLU D 316 12.97 -19.54 37.18
N VAL D 317 12.43 -19.06 36.06
CA VAL D 317 13.26 -18.45 34.98
C VAL D 317 14.21 -17.39 35.58
N GLN D 318 13.75 -16.60 36.57
CA GLN D 318 14.54 -15.51 37.19
C GLN D 318 15.11 -15.94 38.56
N THR D 319 14.31 -16.64 39.39
CA THR D 319 14.65 -17.04 40.79
C THR D 319 15.58 -18.27 40.87
N GLY D 320 15.77 -19.03 39.79
CA GLY D 320 16.60 -20.26 39.81
C GLY D 320 18.11 -20.04 39.65
N ILE D 321 18.83 -21.15 39.77
CA ILE D 321 20.31 -21.25 39.65
C ILE D 321 20.90 -20.35 40.72
N GLY D 322 20.31 -20.36 41.92
CA GLY D 322 21.00 -19.97 43.18
C GLY D 322 20.74 -18.53 43.59
N ARG D 323 20.02 -17.77 42.78
CA ARG D 323 19.74 -16.32 42.96
C ARG D 323 19.18 -16.06 44.37
N THR D 324 18.33 -16.94 44.91
CA THR D 324 17.63 -16.70 46.20
C THR D 324 18.46 -17.23 47.38
N GLY D 325 19.55 -17.94 47.13
CA GLY D 325 20.36 -18.54 48.19
C GLY D 325 20.11 -20.03 48.30
N ALA D 326 19.20 -20.54 47.47
CA ALA D 326 19.04 -21.98 47.14
C ALA D 326 19.03 -22.11 45.62
N PHE D 327 19.27 -23.30 45.07
CA PHE D 327 19.15 -23.50 43.60
C PHE D 327 17.72 -23.10 43.21
N PHE D 328 16.74 -23.73 43.86
CA PHE D 328 15.29 -23.49 43.59
C PHE D 328 14.74 -22.53 44.65
N GLY D 329 14.25 -21.38 44.21
CA GLY D 329 13.46 -20.46 45.04
C GLY D 329 12.24 -21.15 45.67
N SER D 330 11.54 -21.98 44.91
CA SER D 330 10.38 -22.78 45.36
C SER D 330 10.71 -23.64 46.58
N ALA D 331 11.92 -24.22 46.62
CA ALA D 331 12.39 -25.10 47.71
C ALA D 331 12.59 -24.26 48.98
N LEU D 332 13.17 -23.07 48.83
CA LEU D 332 13.42 -22.10 49.93
C LEU D 332 12.09 -21.63 50.51
N LEU D 333 11.09 -21.34 49.69
CA LEU D 333 9.78 -20.76 50.16
C LEU D 333 8.69 -21.83 50.32
N GLY D 334 9.00 -23.13 50.15
CA GLY D 334 8.02 -24.21 50.32
C GLY D 334 6.89 -24.18 49.32
N ILE D 335 7.15 -23.81 48.05
CA ILE D 335 6.12 -23.97 46.96
C ILE D 335 6.32 -25.34 46.30
N ARG D 336 5.29 -26.19 46.37
CA ARG D 336 5.34 -27.61 45.95
C ARG D 336 4.68 -27.68 44.56
N GLY D 337 5.49 -27.45 43.53
CA GLY D 337 5.01 -27.37 42.15
C GLY D 337 4.95 -28.77 41.54
N ASP D 338 4.19 -28.88 40.45
CA ASP D 338 4.13 -30.07 39.56
C ASP D 338 5.16 -29.93 38.44
N TYR D 339 5.31 -28.74 37.88
CA TYR D 339 6.25 -28.41 36.78
C TYR D 339 7.08 -27.21 37.21
N TYR D 340 8.29 -27.12 36.71
CA TYR D 340 9.26 -26.05 37.04
C TYR D 340 9.91 -25.59 35.73
N THR D 341 10.24 -24.32 35.61
CA THR D 341 10.92 -23.79 34.42
C THR D 341 12.15 -23.01 34.89
N LEU D 342 13.22 -23.13 34.14
CA LEU D 342 14.50 -22.44 34.35
C LEU D 342 14.95 -21.84 33.02
N ALA D 343 15.66 -20.73 33.06
CA ALA D 343 16.31 -20.15 31.86
C ALA D 343 17.50 -19.28 32.29
N LYS D 344 17.27 -18.02 32.66
CA LYS D 344 18.26 -16.90 32.60
C LYS D 344 19.70 -17.43 32.83
N ALA D 345 20.08 -17.82 34.05
CA ALA D 345 21.50 -18.05 34.41
C ALA D 345 22.08 -19.31 33.79
N ILE D 346 21.25 -20.20 33.23
CA ILE D 346 21.69 -21.56 32.79
C ILE D 346 22.52 -21.49 31.51
N GLY D 347 22.41 -20.38 30.75
CA GLY D 347 23.23 -20.06 29.58
C GLY D 347 24.60 -19.49 29.94
N GLY D 348 24.91 -19.32 31.23
CA GLY D 348 26.21 -18.85 31.72
C GLY D 348 26.48 -17.41 31.30
N GLY D 349 25.42 -16.66 30.91
CA GLY D 349 25.50 -15.27 30.47
C GLY D 349 26.04 -15.14 29.05
N ILE D 350 26.17 -16.24 28.29
CA ILE D 350 26.73 -16.19 26.91
C ILE D 350 25.80 -16.86 25.89
N VAL D 351 25.11 -17.94 26.25
CA VAL D 351 24.23 -18.66 25.27
C VAL D 351 22.80 -18.73 25.82
N LYS D 352 21.90 -19.30 25.02
CA LYS D 352 20.44 -19.24 25.26
C LYS D 352 19.93 -20.67 25.42
N ASN D 353 19.32 -20.93 26.57
CA ASN D 353 18.91 -22.29 26.97
C ASN D 353 17.79 -22.18 28.00
N SER D 354 16.89 -23.16 28.03
CA SER D 354 15.80 -23.19 29.02
C SER D 354 15.30 -24.62 29.16
N VAL D 355 14.57 -24.89 30.24
CA VAL D 355 14.12 -26.27 30.55
C VAL D 355 12.80 -26.21 31.31
N ALA D 356 11.89 -27.09 30.95
CA ALA D 356 10.66 -27.42 31.67
C ALA D 356 10.91 -28.78 32.33
N LEU D 357 10.79 -28.83 33.65
CA LEU D 357 10.81 -30.08 34.46
C LEU D 357 9.37 -30.44 34.78
N ILE D 358 8.90 -31.60 34.31
CA ILE D 358 7.49 -32.07 34.45
C ILE D 358 7.54 -33.37 35.23
N ARG D 359 6.81 -33.45 36.36
CA ARG D 359 6.89 -34.61 37.29
C ARG D 359 6.54 -35.85 36.47
N GLN D 360 7.32 -36.92 36.60
CA GLN D 360 7.20 -38.13 35.73
C GLN D 360 5.86 -38.81 35.92
N ASP D 361 5.22 -38.75 37.09
CA ASP D 361 3.92 -39.42 37.29
C ASP D 361 2.81 -38.66 36.53
N ARG D 362 3.03 -37.42 36.10
CA ARG D 362 2.05 -36.66 35.27
C ARG D 362 2.50 -36.57 33.80
N PHE D 363 3.73 -36.91 33.45
CA PHE D 363 4.35 -36.62 32.13
C PHE D 363 3.76 -37.52 31.05
N LEU D 364 3.18 -36.96 29.99
CA LEU D 364 2.55 -37.72 28.89
C LEU D 364 3.59 -37.91 27.78
N PRO D 365 4.02 -39.16 27.52
CA PRO D 365 5.20 -39.41 26.69
C PRO D 365 5.06 -38.88 25.26
N ALA D 366 3.82 -38.65 24.78
CA ALA D 366 3.52 -38.07 23.46
C ALA D 366 4.28 -36.73 23.31
N MET D 367 4.44 -36.01 24.41
CA MET D 367 5.10 -34.66 24.45
C MET D 367 6.54 -34.77 23.93
N GLU D 368 7.23 -35.89 24.17
CA GLU D 368 8.67 -36.10 23.81
C GLU D 368 8.85 -36.15 22.29
N VAL D 369 7.79 -36.49 21.55
CA VAL D 369 7.85 -36.70 20.07
C VAL D 369 6.92 -35.72 19.35
N ILE D 370 5.93 -35.08 19.99
CA ILE D 370 5.04 -34.12 19.25
C ILE D 370 5.53 -32.68 19.45
N HIS D 371 6.31 -32.42 20.50
CA HIS D 371 6.94 -31.09 20.71
C HIS D 371 8.41 -31.16 20.21
N SER D 372 8.86 -30.15 19.50
CA SER D 372 10.28 -29.98 19.09
C SER D 372 10.57 -28.50 18.77
N SER D 373 11.83 -28.20 18.49
CA SER D 373 12.37 -26.87 18.15
C SER D 373 13.74 -27.10 17.52
N THR D 374 14.09 -26.41 16.43
CA THR D 374 15.38 -26.58 15.72
C THR D 374 16.54 -26.43 16.71
N PHE D 375 16.57 -25.33 17.46
CA PHE D 375 17.72 -24.90 18.30
C PHE D 375 17.69 -25.58 19.68
N ALA D 376 16.57 -26.16 20.11
CA ALA D 376 16.42 -26.73 21.46
C ALA D 376 17.39 -27.90 21.63
N LYS D 377 18.01 -28.00 22.80
CA LYS D 377 18.83 -29.19 23.14
C LYS D 377 20.11 -29.19 22.27
N ASP D 378 20.50 -28.04 21.71
CA ASP D 378 21.75 -27.89 20.94
C ASP D 378 22.93 -28.29 21.84
N GLY D 379 23.99 -28.83 21.23
CA GLY D 379 25.14 -29.38 21.95
C GLY D 379 25.93 -28.31 22.71
N LEU D 380 25.97 -27.07 22.21
CA LEU D 380 26.82 -26.00 22.78
C LEU D 380 26.20 -25.52 24.10
N SER D 381 24.92 -25.13 24.11
CA SER D 381 24.24 -24.70 25.34
C SER D 381 24.16 -25.89 26.33
N ALA D 382 24.03 -27.13 25.85
CA ALA D 382 24.07 -28.34 26.71
C ALA D 382 25.38 -28.41 27.51
N SER D 383 26.52 -28.28 26.83
CA SER D 383 27.87 -28.35 27.42
C SER D 383 28.02 -27.25 28.48
N ILE D 384 27.57 -26.05 28.16
CA ILE D 384 27.66 -24.85 29.03
C ILE D 384 26.71 -25.00 30.22
N ALA D 385 25.49 -25.52 30.03
CA ALA D 385 24.56 -25.87 31.15
C ALA D 385 25.30 -26.78 32.15
N LEU D 386 25.98 -27.83 31.70
CA LEU D 386 26.72 -28.78 32.59
C LEU D 386 27.84 -28.05 33.33
N LYS D 387 28.50 -27.09 32.68
CA LYS D 387 29.56 -26.28 33.34
C LYS D 387 28.94 -25.43 34.43
N VAL D 388 27.87 -24.68 34.12
CA VAL D 388 27.16 -23.80 35.07
C VAL D 388 26.70 -24.63 36.30
N LEU D 389 26.12 -25.82 36.09
CA LEU D 389 25.64 -26.69 37.20
C LEU D 389 26.85 -27.13 38.01
N GLU D 390 27.97 -27.42 37.37
CA GLU D 390 29.20 -27.83 38.10
C GLU D 390 29.64 -26.64 38.97
N MET D 391 29.61 -25.42 38.46
CA MET D 391 30.10 -24.24 39.23
C MET D 391 29.19 -23.95 40.43
N VAL D 392 27.87 -24.00 40.25
CA VAL D 392 26.92 -23.59 41.33
C VAL D 392 26.88 -24.68 42.41
N GLU D 393 27.21 -25.92 42.07
CA GLU D 393 27.21 -27.09 43.00
C GLU D 393 28.58 -27.32 43.66
N ALA D 394 29.64 -26.66 43.20
CA ALA D 394 31.03 -26.93 43.64
C ALA D 394 31.19 -26.70 45.15
N ASP D 395 32.13 -27.42 45.77
CA ASP D 395 32.66 -27.17 47.14
C ASP D 395 31.50 -27.22 48.14
N GLY D 396 30.68 -28.26 48.05
CA GLY D 396 29.69 -28.64 49.07
C GLY D 396 28.60 -27.61 49.27
N GLY D 397 28.29 -26.80 48.25
CA GLY D 397 27.23 -25.80 48.29
C GLY D 397 27.69 -24.44 48.79
N ARG D 398 28.97 -24.11 48.66
CA ARG D 398 29.56 -22.82 49.13
C ARG D 398 29.00 -21.66 48.29
N VAL D 399 28.62 -21.90 47.04
CA VAL D 399 28.15 -20.81 46.15
C VAL D 399 26.80 -20.32 46.68
N TYR D 400 25.92 -21.20 47.15
CA TYR D 400 24.62 -20.85 47.78
C TYR D 400 24.87 -20.02 49.05
N GLN D 401 25.83 -20.46 49.86
CA GLN D 401 26.28 -19.75 51.10
C GLN D 401 26.77 -18.33 50.73
N ARG D 402 27.57 -18.21 49.68
CA ARG D 402 28.09 -16.91 49.17
C ARG D 402 26.92 -16.00 48.75
N VAL D 403 25.96 -16.50 47.98
CA VAL D 403 24.76 -15.71 47.55
C VAL D 403 24.02 -15.20 48.80
N ARG D 404 23.81 -16.10 49.78
CA ARG D 404 23.09 -15.77 51.04
C ARG D 404 23.81 -14.63 51.76
N GLU D 405 25.15 -14.70 51.91
CA GLU D 405 25.90 -13.67 52.69
C GLU D 405 26.04 -12.36 51.89
N ARG D 406 26.30 -12.42 50.58
CA ARG D 406 26.29 -11.21 49.71
C ARG D 406 24.89 -10.58 49.71
N GLY D 407 23.85 -11.39 49.62
CA GLY D 407 22.45 -10.96 49.67
C GLY D 407 22.15 -10.21 50.97
N GLN D 408 22.57 -10.75 52.12
CA GLN D 408 22.37 -10.15 53.46
C GLN D 408 23.03 -8.78 53.48
N ARG D 409 24.29 -8.71 53.04
CA ARG D 409 25.08 -7.47 53.01
C ARG D 409 24.32 -6.42 52.19
N LEU D 410 23.82 -6.78 51.01
CA LEU D 410 23.18 -5.84 50.06
C LEU D 410 21.81 -5.43 50.59
N GLU D 411 21.06 -6.39 51.15
CA GLU D 411 19.73 -6.11 51.75
C GLU D 411 19.89 -5.13 52.94
N ALA D 412 20.90 -5.36 53.81
CA ALA D 412 21.16 -4.53 55.01
C ALA D 412 21.46 -3.11 54.58
N MET D 413 22.29 -2.95 53.56
CA MET D 413 22.59 -1.62 52.99
C MET D 413 21.26 -0.99 52.52
N LEU D 414 20.40 -1.74 51.84
CA LEU D 414 19.18 -1.14 51.24
C LEU D 414 18.20 -0.74 52.36
N GLU D 415 18.09 -1.54 53.43
CA GLU D 415 17.26 -1.21 54.63
C GLU D 415 17.80 0.05 55.32
N SER D 416 19.13 0.12 55.48
CA SER D 416 19.80 1.29 56.08
C SER D 416 19.52 2.55 55.23
N VAL D 417 19.39 2.42 53.90
CA VAL D 417 19.06 3.59 53.04
C VAL D 417 17.57 3.92 53.23
N ARG D 418 16.69 2.92 53.20
CA ARG D 418 15.24 3.14 53.40
C ARG D 418 14.97 3.86 54.72
N ALA D 419 15.61 3.41 55.81
CA ALA D 419 15.43 3.91 57.18
C ALA D 419 15.66 5.43 57.23
N ASP D 420 16.68 5.96 56.53
CA ASP D 420 17.01 7.42 56.49
C ASP D 420 16.26 8.13 55.35
N HIS D 421 15.57 7.40 54.48
CA HIS D 421 14.92 7.98 53.27
C HIS D 421 13.50 7.43 53.10
N SER D 422 12.80 7.15 54.22
CA SER D 422 11.40 6.63 54.26
C SER D 422 10.39 7.60 53.62
N ASP D 423 10.76 8.86 53.44
CA ASP D 423 9.90 9.85 52.73
C ASP D 423 9.77 9.51 51.26
N VAL D 424 10.75 8.83 50.66
CA VAL D 424 10.74 8.52 49.18
C VAL D 424 10.80 7.01 48.91
N VAL D 425 11.24 6.18 49.86
CA VAL D 425 11.32 4.69 49.74
C VAL D 425 10.30 4.04 50.68
N SER D 426 9.36 3.24 50.16
CA SER D 426 8.28 2.62 50.97
C SER D 426 8.71 1.26 51.54
N ALA D 427 9.61 0.52 50.88
CA ALA D 427 9.97 -0.86 51.30
C ALA D 427 11.20 -1.41 50.55
N VAL D 428 11.81 -2.42 51.15
CA VAL D 428 12.77 -3.39 50.55
C VAL D 428 12.06 -4.73 50.39
N TRP D 429 12.12 -5.30 49.18
CA TRP D 429 11.49 -6.58 48.78
C TRP D 429 12.55 -7.54 48.24
N GLY D 430 12.27 -8.85 48.33
CA GLY D 430 13.01 -9.91 47.63
C GLY D 430 13.88 -10.68 48.59
N THR D 431 14.76 -11.52 48.10
CA THR D 431 15.62 -12.36 48.96
C THR D 431 16.83 -12.81 48.15
N GLY D 432 17.86 -13.28 48.83
CA GLY D 432 19.16 -13.61 48.22
C GLY D 432 19.69 -12.40 47.49
N LEU D 433 20.07 -12.57 46.22
CA LEU D 433 20.59 -11.44 45.42
C LEU D 433 19.53 -11.02 44.42
N MET D 434 18.25 -11.10 44.80
CA MET D 434 17.12 -10.60 43.97
C MET D 434 16.28 -9.61 44.80
N LEU D 435 16.71 -8.35 44.83
CA LEU D 435 16.19 -7.31 45.75
C LEU D 435 15.63 -6.14 44.94
N ALA D 436 14.80 -5.32 45.56
CA ALA D 436 14.29 -4.07 44.98
C ALA D 436 13.91 -3.09 46.09
N LEU D 437 14.06 -1.79 45.81
CA LEU D 437 13.47 -0.68 46.61
C LEU D 437 12.16 -0.31 45.95
N GLU D 438 11.09 -0.20 46.74
CA GLU D 438 9.81 0.41 46.29
C GLU D 438 9.92 1.94 46.46
N LEU D 439 9.65 2.70 45.39
CA LEU D 439 9.54 4.18 45.39
C LEU D 439 8.12 4.59 45.79
N ARG D 440 7.99 5.55 46.73
CA ARG D 440 6.69 6.21 47.05
C ARG D 440 6.20 6.96 45.80
N ASP D 441 4.89 6.98 45.60
CA ASP D 441 4.23 7.71 44.49
C ASP D 441 4.72 9.16 44.47
N GLN D 442 5.11 9.67 43.30
CA GLN D 442 5.61 11.05 43.09
C GLN D 442 4.69 11.74 42.08
N SER D 443 3.46 11.24 41.89
CA SER D 443 2.50 11.85 40.94
C SER D 443 2.01 13.24 41.42
N ASN D 444 2.23 13.59 42.69
CA ASN D 444 1.87 14.92 43.28
C ASN D 444 3.12 15.71 43.65
N ALA D 445 4.26 15.42 43.03
CA ALA D 445 5.57 16.05 43.34
C ALA D 445 5.47 17.55 43.05
N THR D 446 6.17 18.37 43.83
CA THR D 446 6.16 19.85 43.69
C THR D 446 6.86 20.17 42.36
N SER D 447 7.99 19.52 42.09
CA SER D 447 8.73 19.64 40.81
C SER D 447 7.84 19.14 39.67
N GLN D 448 7.62 19.99 38.67
CA GLN D 448 6.73 19.69 37.52
C GLN D 448 7.37 18.60 36.63
N ALA D 449 8.69 18.63 36.44
CA ALA D 449 9.43 17.66 35.60
C ALA D 449 9.31 16.25 36.22
N ILE D 450 9.53 16.13 37.52
CA ILE D 450 9.39 14.85 38.27
C ILE D 450 7.95 14.34 38.16
N ARG D 451 6.97 15.20 38.48
CA ARG D 451 5.51 14.90 38.47
C ARG D 451 5.10 14.34 37.10
N GLU D 452 5.53 15.03 36.05
CA GLU D 452 5.20 14.71 34.64
C GLU D 452 5.72 13.30 34.32
N LYS D 453 6.98 13.01 34.66
CA LYS D 453 7.61 11.68 34.44
C LYS D 453 6.89 10.60 35.27
N ALA D 454 6.57 10.88 36.53
CA ALA D 454 5.89 9.93 37.44
C ALA D 454 4.47 9.64 36.90
N ALA D 455 3.80 10.63 36.32
CA ALA D 455 2.44 10.50 35.74
C ALA D 455 2.47 9.58 34.52
N HIS D 456 3.56 9.59 33.76
CA HIS D 456 3.74 8.77 32.53
C HIS D 456 4.29 7.37 32.88
N GLY D 457 4.57 7.08 34.14
CA GLY D 457 5.16 5.81 34.63
C GLY D 457 6.65 5.68 34.32
N PHE D 458 7.41 6.79 34.24
CA PHE D 458 8.85 6.78 33.86
C PHE D 458 9.78 7.17 35.02
N LEU D 459 9.23 7.36 36.23
CA LEU D 459 10.02 7.81 37.41
C LEU D 459 11.28 6.95 37.54
N GLY D 460 11.12 5.63 37.66
CA GLY D 460 12.23 4.69 37.89
C GLY D 460 13.33 4.86 36.85
N TYR D 461 12.96 5.08 35.58
CA TYR D 461 13.95 5.20 34.47
C TYR D 461 14.74 6.50 34.63
N VAL D 462 14.05 7.58 35.00
CA VAL D 462 14.67 8.93 35.23
C VAL D 462 15.69 8.80 36.37
N LEU D 463 15.32 8.15 37.47
CA LEU D 463 16.18 7.97 38.65
C LEU D 463 17.38 7.08 38.26
N ALA D 464 17.14 6.06 37.43
CA ALA D 464 18.19 5.18 36.88
C ALA D 464 19.17 6.02 36.07
N GLY D 465 18.66 6.94 35.26
CA GLY D 465 19.48 7.91 34.51
C GLY D 465 20.38 8.70 35.44
N PHE D 466 19.84 9.20 36.56
CA PHE D 466 20.63 9.97 37.55
C PHE D 466 21.80 9.10 38.02
N LEU D 467 21.49 7.86 38.43
CA LEU D 467 22.50 6.93 38.97
C LEU D 467 23.60 6.70 37.93
N LEU D 468 23.27 6.64 36.65
CA LEU D 468 24.25 6.36 35.59
C LEU D 468 25.21 7.55 35.45
N ARG D 469 24.67 8.73 35.13
CA ARG D 469 25.46 9.93 34.74
C ARG D 469 26.19 10.51 35.95
N GLU D 470 25.64 10.42 37.16
CA GLU D 470 26.24 11.06 38.36
C GLU D 470 27.05 10.06 39.18
N HIS D 471 26.77 8.76 39.14
CA HIS D 471 27.49 7.80 40.01
C HIS D 471 28.05 6.60 39.22
N HIS D 472 27.85 6.52 37.90
CA HIS D 472 28.36 5.39 37.08
C HIS D 472 27.84 4.07 37.66
N ILE D 473 26.53 4.02 37.91
CA ILE D 473 25.86 2.79 38.40
C ILE D 473 24.66 2.52 37.50
N ARG D 474 24.65 1.31 36.95
CA ARG D 474 23.56 0.78 36.09
C ARG D 474 22.54 0.09 36.99
N VAL D 475 21.37 0.72 37.13
CA VAL D 475 20.16 0.12 37.74
C VAL D 475 19.06 0.18 36.69
N LEU D 476 18.20 -0.83 36.63
CA LEU D 476 16.97 -0.75 35.80
C LEU D 476 15.79 -0.91 36.73
N PRO D 477 14.66 -0.27 36.39
CA PRO D 477 13.47 -0.35 37.23
C PRO D 477 12.72 -1.64 36.96
N ALA D 478 11.79 -1.99 37.85
CA ALA D 478 10.81 -3.08 37.71
C ALA D 478 9.41 -2.52 38.05
N GLY D 479 8.40 -3.37 37.94
CA GLY D 479 7.02 -3.05 38.34
C GLY D 479 6.32 -2.28 37.25
N PRO D 480 4.96 -2.22 37.27
CA PRO D 480 4.19 -1.80 36.10
C PRO D 480 4.23 -0.28 35.80
N ARG D 481 4.69 0.54 36.75
CA ARG D 481 4.82 2.01 36.56
C ARG D 481 6.26 2.41 36.89
N SER D 482 7.23 1.51 36.67
CA SER D 482 8.66 1.70 37.00
C SER D 482 8.77 2.31 38.40
N GLY D 483 7.97 1.79 39.33
CA GLY D 483 7.88 2.19 40.74
C GLY D 483 8.85 1.44 41.65
N PHE D 484 9.72 0.57 41.10
CA PHE D 484 10.73 -0.19 41.88
C PHE D 484 12.10 -0.09 41.20
N LEU D 485 13.17 -0.07 41.99
CA LEU D 485 14.56 -0.14 41.47
C LEU D 485 15.09 -1.53 41.80
N ARG D 486 15.56 -2.25 40.79
CA ARG D 486 16.04 -3.66 40.92
C ARG D 486 17.52 -3.64 41.33
N PHE D 487 17.91 -4.56 42.20
CA PHE D 487 19.33 -4.88 42.52
C PHE D 487 19.51 -6.39 42.42
N SER D 488 20.12 -6.87 41.33
CA SER D 488 20.37 -8.32 41.09
C SER D 488 21.78 -8.51 40.53
N PRO D 489 22.83 -8.11 41.27
CA PRO D 489 24.20 -8.26 40.82
C PRO D 489 24.72 -9.70 40.92
N SER D 490 25.92 -9.95 40.43
CA SER D 490 26.64 -11.24 40.60
C SER D 490 26.97 -11.44 42.08
N LEU D 491 27.21 -12.69 42.45
CA LEU D 491 27.70 -13.08 43.81
C LEU D 491 29.11 -12.56 44.05
N TYR D 492 29.80 -11.96 43.06
CA TYR D 492 31.15 -11.36 43.24
C TYR D 492 31.07 -9.88 43.61
N ILE D 493 29.87 -9.31 43.75
CA ILE D 493 29.71 -7.90 44.21
C ILE D 493 30.54 -7.70 45.49
N THR D 494 31.42 -6.71 45.51
CA THR D 494 32.37 -6.43 46.62
C THR D 494 31.72 -5.48 47.62
N ASP D 495 32.23 -5.44 48.85
CA ASP D 495 31.88 -4.48 49.93
C ASP D 495 32.02 -3.05 49.41
N GLU D 496 33.10 -2.76 48.69
CA GLU D 496 33.42 -1.44 48.10
C GLU D 496 32.30 -1.04 47.12
N GLU D 497 31.79 -1.99 46.32
CA GLU D 497 30.75 -1.75 45.29
C GLU D 497 29.39 -1.54 45.98
N ILE D 498 29.14 -2.24 47.08
CA ILE D 498 27.91 -2.03 47.89
C ILE D 498 27.97 -0.63 48.52
N ASP D 499 29.13 -0.23 49.07
CA ASP D 499 29.35 1.13 49.65
C ASP D 499 29.11 2.20 48.59
N ARG D 500 29.70 2.05 47.40
CA ARG D 500 29.51 3.04 46.29
C ARG D 500 28.01 3.14 45.94
N THR D 501 27.26 2.03 46.03
CA THR D 501 25.82 1.96 45.70
C THR D 501 25.05 2.72 46.77
N GLU D 502 25.40 2.50 48.05
CA GLU D 502 24.81 3.24 49.20
C GLU D 502 24.97 4.75 48.97
N THR D 503 26.21 5.21 48.73
CA THR D 503 26.50 6.65 48.48
C THR D 503 25.59 7.17 47.37
N ALA D 504 25.53 6.44 46.25
CA ALA D 504 24.76 6.81 45.05
C ALA D 504 23.28 6.97 45.40
N LEU D 505 22.72 6.06 46.20
CA LEU D 505 21.27 6.02 46.58
C LEU D 505 20.94 7.16 47.57
N ARG D 506 21.75 7.33 48.62
CA ARG D 506 21.66 8.50 49.55
C ARG D 506 21.63 9.78 48.71
N SER D 507 22.56 9.93 47.75
CA SER D 507 22.62 11.09 46.84
C SER D 507 21.29 11.21 46.09
N LEU D 508 20.81 10.14 45.45
CA LEU D 508 19.58 10.15 44.61
C LEU D 508 18.37 10.54 45.46
N PHE D 509 18.21 9.90 46.63
CA PHE D 509 17.00 10.08 47.47
C PHE D 509 17.03 11.44 48.18
N THR D 510 18.22 12.04 48.33
CA THR D 510 18.38 13.43 48.86
C THR D 510 17.89 14.42 47.79
N ALA D 511 18.30 14.22 46.54
CA ALA D 511 17.84 15.04 45.40
C ALA D 511 16.32 14.89 45.22
N LEU D 512 15.76 13.70 45.42
CA LEU D 512 14.31 13.46 45.23
C LEU D 512 13.52 14.15 46.35
N ARG D 513 13.94 13.98 47.60
CA ARG D 513 13.45 14.73 48.79
C ARG D 513 13.39 16.24 48.48
N ASP D 514 14.50 16.81 47.98
CA ASP D 514 14.66 18.26 47.63
C ASP D 514 13.92 18.61 46.34
N GLN D 515 13.26 17.67 45.68
CA GLN D 515 12.42 17.93 44.48
C GLN D 515 13.25 18.68 43.43
N ASP D 516 14.52 18.30 43.26
CA ASP D 516 15.47 18.91 42.32
C ASP D 516 15.27 18.33 40.91
N GLY D 517 14.16 18.68 40.28
CA GLY D 517 13.79 18.29 38.90
C GLY D 517 14.86 18.64 37.88
N ASP D 518 15.61 19.74 38.08
CA ASP D 518 16.62 20.19 37.10
C ASP D 518 17.77 19.18 37.10
N ARG D 519 18.06 18.56 38.24
CA ARG D 519 19.21 17.65 38.39
C ARG D 519 18.81 16.21 38.00
N LEU D 520 17.53 15.85 38.14
CA LEU D 520 17.00 14.46 37.99
C LEU D 520 16.51 14.24 36.56
N VAL D 521 15.78 15.19 35.98
CA VAL D 521 15.19 15.11 34.61
C VAL D 521 15.97 16.00 33.66
N LEU D 522 16.28 15.55 32.44
CA LEU D 522 17.04 16.32 31.41
C LEU D 522 16.11 17.24 30.60
N1 PLP E . -9.93 6.50 -22.94
C2 PLP E . -10.66 5.63 -23.64
C2A PLP E . -10.43 4.18 -23.40
C3 PLP E . -11.61 6.07 -24.59
O3 PLP E . -12.30 5.17 -25.30
C4 PLP E . -11.82 7.44 -24.81
C4A PLP E . -12.89 7.80 -25.75
C5 PLP E . -11.02 8.34 -24.05
C6 PLP E . -10.11 7.82 -23.16
C5A PLP E . -11.12 9.83 -24.18
O4P PLP E . -12.45 10.30 -23.84
P PLP E . -12.90 11.70 -24.52
O1P PLP E . -14.25 11.98 -23.87
O2P PLP E . -11.76 12.69 -24.14
O3P PLP E . -12.98 11.42 -26.00
N1 PLP F . -8.93 30.66 -20.20
C2 PLP F . -9.61 31.62 -19.58
C2A PLP F . -9.28 33.04 -19.91
C3 PLP F . -10.63 31.31 -18.67
O3 PLP F . -11.28 32.33 -18.07
C4 PLP F . -10.94 29.96 -18.39
C4A PLP F . -12.04 29.66 -17.46
C5 PLP F . -10.19 28.97 -19.07
C6 PLP F . -9.21 29.37 -19.94
C5A PLP F . -10.39 27.50 -18.85
O4P PLP F . -11.69 27.08 -19.33
P PLP F . -12.29 25.72 -18.67
O1P PLP F . -13.66 25.54 -19.35
O2P PLP F . -11.27 24.58 -19.02
O3P PLP F . -12.38 26.02 -17.17
C ACY G . -36.01 28.90 -30.24
O ACY G . -36.56 28.40 -31.28
OXT ACY G . -34.78 29.04 -30.10
CH3 ACY G . -36.90 29.42 -29.10
N1 PLP H . 9.31 -22.01 10.03
C2 PLP H . 9.95 -22.85 9.25
C2A PLP H . 9.67 -22.79 7.79
C3 PLP H . 10.91 -23.75 9.78
O3 PLP H . 11.55 -24.59 8.94
C4 PLP H . 11.16 -23.78 11.17
C4A PLP H . 12.20 -24.70 11.66
C5 PLP H . 10.44 -22.86 11.97
C6 PLP H . 9.52 -22.04 11.36
C5A PLP H . 10.53 -22.77 13.47
O4P PLP H . 11.80 -22.24 13.94
P PLP H . 12.35 -22.84 15.34
O1P PLP H . 11.34 -22.32 16.39
O2P PLP H . 13.76 -22.23 15.41
O3P PLP H . 12.36 -24.36 15.21
C1 GOL I . 29.42 -33.87 22.12
O1 GOL I . 29.05 -33.03 21.03
C2 GOL I . 28.71 -35.21 22.06
O2 GOL I . 29.29 -36.08 23.04
C3 GOL I . 27.21 -35.10 22.22
O3 GOL I . 26.65 -36.12 23.05
N GLN J . 12.30 -10.61 33.99
CA GLN J . 12.06 -9.25 33.37
C GLN J . 10.98 -8.51 34.18
O GLN J . 10.41 -7.53 33.68
CB GLN J . 11.71 -9.45 31.89
CG GLN J . 11.85 -8.21 31.00
CD GLN J . 12.38 -8.59 29.64
OE1 GLN J . 13.51 -9.04 29.52
NE2 GLN J . 11.56 -8.46 28.61
OXT GLN J . 10.63 -8.86 35.34
N1 PLP K . 9.42 -15.53 33.57
C2 PLP K . 10.12 -14.77 34.39
C2A PLP K . 9.86 -14.90 35.86
C3 PLP K . 11.11 -13.91 33.88
O3 PLP K . 11.80 -13.16 34.76
C4 PLP K . 11.35 -13.81 32.50
C4A PLP K . 12.46 -12.95 32.03
C5 PLP K . 10.55 -14.62 31.66
C6 PLP K . 9.63 -15.45 32.24
C5A PLP K . 10.67 -14.62 30.16
O4P PLP K . 11.92 -15.21 29.72
P PLP K . 12.49 -14.81 28.30
O1P PLP K . 11.43 -15.28 27.30
O2P PLP K . 13.84 -15.58 28.23
O3P PLP K . 12.66 -13.32 28.37
#